data_7Q8C
#
_entry.id   7Q8C
#
_cell.length_a   1.00
_cell.length_b   1.00
_cell.length_c   1.00
_cell.angle_alpha   90.00
_cell.angle_beta   90.00
_cell.angle_gamma   90.00
#
_symmetry.space_group_name_H-M   'P 1'
#
loop_
_entity.id
_entity.type
_entity.pdbx_description
1 polymer Actin
2 non-polymer "ADENOSINE-5'-DIPHOSPHATE"
3 non-polymer 'MAGNESIUM ION'
4 water water
#
_entity_poly.entity_id   1
_entity_poly.type   'polypeptide(L)'
_entity_poly.pdbx_seq_one_letter_code
;MADNEQSSIVCDNGSGMVKAGFSGDDAPRHVFPSIVGRPKNMQAMMGSANKTVYVGDEAQSKRGVLSLKYPIEHGIVTNW
DDMEKIWHHTFYNELRVNPEQHNVLLTEAPMNPKQNREKMTQIMFETFNVPSLYIGIQAVLSLYSSGRTTGIVLDAGDGV
THTVPIYEGYSLPHAVRRVDMAGRDLTEYLMKIMMETGTTFTTTAEKEIVRNVKEQLCYVALDFEEEMTNSAKSANEEAF
ELPDGNVMMVGNQRFRCPEVLFKPSLIGLDEAPGFPEMVYQSINKCDIDVRRELYGNIVLSGGSTMFLNLPERLAKEISN
LAPSSIKPKVVAPPERKYSVWIGGSILSSLTTFQTMWVKKSEYDESGPSIVHNKCF
;
_entity_poly.pdbx_strand_id   A,B,C,D,E
#
# COMPACT_ATOMS: atom_id res chain seq x y z
N SER A 7 32.55 -7.13 -20.05
CA SER A 7 31.27 -7.78 -19.83
C SER A 7 30.26 -6.83 -19.20
N SER A 8 28.98 -7.03 -19.50
CA SER A 8 27.93 -6.17 -18.99
C SER A 8 27.44 -6.66 -17.64
N ILE A 9 26.96 -5.71 -16.83
CA ILE A 9 26.51 -5.97 -15.47
C ILE A 9 25.00 -5.86 -15.43
N VAL A 10 24.35 -6.84 -14.81
CA VAL A 10 22.91 -6.83 -14.60
C VAL A 10 22.66 -6.68 -13.11
N CYS A 11 21.95 -5.62 -12.72
CA CYS A 11 21.65 -5.34 -11.32
C CYS A 11 20.16 -5.16 -11.15
N ASP A 12 19.50 -6.15 -10.54
CA ASP A 12 18.07 -6.10 -10.26
C ASP A 12 17.88 -5.59 -8.83
N ASN A 13 17.57 -4.30 -8.70
CA ASN A 13 17.45 -3.66 -7.40
C ASN A 13 15.98 -3.33 -7.14
N GLY A 14 15.38 -4.08 -6.22
CA GLY A 14 14.02 -3.82 -5.78
C GLY A 14 13.98 -3.21 -4.38
N SER A 15 12.77 -3.22 -3.81
CA SER A 15 12.59 -2.66 -2.48
C SER A 15 13.32 -3.48 -1.42
N GLY A 16 13.35 -4.79 -1.57
CA GLY A 16 13.88 -5.65 -0.53
C GLY A 16 15.29 -6.16 -0.73
N MET A 17 15.62 -6.61 -1.93
CA MET A 17 16.86 -7.32 -2.19
C MET A 17 17.64 -6.64 -3.30
N VAL A 18 18.92 -6.98 -3.38
CA VAL A 18 19.79 -6.60 -4.48
C VAL A 18 20.31 -7.88 -5.12
N LYS A 19 20.18 -7.98 -6.44
CA LYS A 19 20.67 -9.12 -7.20
C LYS A 19 21.58 -8.63 -8.31
N ALA A 20 22.83 -9.09 -8.30
CA ALA A 20 23.85 -8.59 -9.22
C ALA A 20 24.58 -9.76 -9.86
N GLY A 21 25.14 -9.50 -11.03
CA GLY A 21 25.85 -10.53 -11.77
C GLY A 21 26.32 -10.01 -13.11
N PHE A 22 26.72 -10.94 -13.97
CA PHE A 22 27.23 -10.63 -15.29
C PHE A 22 26.33 -11.23 -16.37
N SER A 23 26.32 -10.58 -17.53
CA SER A 23 25.52 -11.06 -18.64
C SER A 23 26.01 -12.41 -19.13
N GLY A 24 25.06 -13.26 -19.51
CA GLY A 24 25.35 -14.59 -20.01
C GLY A 24 25.24 -15.69 -18.98
N ASP A 25 25.26 -15.35 -17.70
CA ASP A 25 25.13 -16.35 -16.66
C ASP A 25 23.68 -16.76 -16.48
N ASP A 26 23.48 -17.92 -15.87
CA ASP A 26 22.14 -18.46 -15.65
C ASP A 26 21.53 -18.03 -14.33
N ALA A 27 22.30 -17.37 -13.45
CA ALA A 27 21.80 -16.98 -12.14
C ALA A 27 22.70 -15.88 -11.60
N PRO A 28 22.19 -15.00 -10.74
CA PRO A 28 23.05 -14.02 -10.10
C PRO A 28 23.97 -14.70 -9.10
N ARG A 29 25.14 -14.10 -8.90
CA ARG A 29 26.12 -14.64 -7.97
C ARG A 29 26.12 -13.93 -6.62
N HIS A 30 25.40 -12.82 -6.47
CA HIS A 30 25.39 -12.08 -5.21
C HIS A 30 23.98 -11.56 -4.95
N VAL A 31 23.38 -12.04 -3.86
CA VAL A 31 22.05 -11.64 -3.42
C VAL A 31 22.13 -11.27 -1.95
N PHE A 32 21.84 -10.01 -1.62
CA PHE A 32 21.88 -9.56 -0.24
C PHE A 32 20.78 -8.54 0.00
N PRO A 33 20.32 -8.40 1.24
CA PRO A 33 19.27 -7.41 1.54
C PRO A 33 19.74 -5.98 1.35
N SER A 34 18.80 -5.11 1.01
CA SER A 34 19.07 -3.72 0.68
C SER A 34 18.81 -2.84 1.90
N ILE A 35 19.74 -2.90 2.87
CA ILE A 35 19.60 -2.23 4.14
C ILE A 35 20.88 -1.50 4.50
N VAL A 36 20.74 -0.50 5.36
CA VAL A 36 21.85 0.26 5.92
C VAL A 36 21.65 0.36 7.43
N GLY A 37 22.68 0.06 8.19
CA GLY A 37 22.59 0.04 9.64
C GLY A 37 23.56 1.02 10.30
N ARG A 38 23.10 1.62 11.40
CA ARG A 38 23.90 2.57 12.16
C ARG A 38 23.82 2.23 13.65
N PRO A 39 24.94 2.34 14.37
CA PRO A 39 24.92 2.03 15.80
C PRO A 39 24.09 3.03 16.60
N LYS A 40 23.45 2.52 17.64
CA LYS A 40 22.59 3.35 18.47
C LYS A 40 23.13 3.56 19.88
N ASN A 41 24.33 3.05 20.18
CA ASN A 41 24.98 3.26 21.46
C ASN A 41 26.44 3.62 21.22
N MET A 42 27.10 4.01 22.30
CA MET A 42 28.47 4.50 22.26
C MET A 42 29.47 3.35 22.35
N GLN A 43 30.60 3.53 21.68
CA GLN A 43 31.69 2.57 21.75
C GLN A 43 32.33 2.58 23.14
N ALA A 44 32.55 1.39 23.69
CA ALA A 44 33.12 1.25 25.02
C ALA A 44 34.56 0.77 25.03
N MET A 45 34.97 -0.03 24.06
CA MET A 45 36.34 -0.53 23.97
C MET A 45 37.13 0.30 22.96
N MET A 46 38.43 0.01 22.88
CA MET A 46 39.33 0.77 22.03
C MET A 46 39.93 -0.03 20.89
N GLY A 47 40.00 -1.35 20.98
CA GLY A 47 40.62 -2.16 19.95
C GLY A 47 39.71 -2.64 18.85
N SER A 48 38.44 -2.23 18.84
CA SER A 48 37.49 -2.75 17.87
C SER A 48 37.66 -2.09 16.52
N ALA A 49 37.38 -2.85 15.47
CA ALA A 49 37.41 -2.36 14.09
C ALA A 49 36.03 -1.95 13.61
N ASN A 50 35.25 -1.36 14.50
CA ASN A 50 33.89 -0.97 14.17
C ASN A 50 33.88 0.16 13.14
N LYS A 51 32.87 0.15 12.28
CA LYS A 51 32.62 1.20 11.32
C LYS A 51 31.58 2.16 11.88
N THR A 52 31.16 3.12 11.05
CA THR A 52 30.05 3.98 11.40
C THR A 52 28.78 3.67 10.62
N VAL A 53 28.89 3.00 9.47
CA VAL A 53 27.74 2.59 8.67
C VAL A 53 27.97 1.16 8.20
N TYR A 54 26.94 0.33 8.28
CA TYR A 54 27.00 -1.05 7.84
C TYR A 54 26.01 -1.27 6.71
N VAL A 55 26.42 -2.05 5.71
CA VAL A 55 25.65 -2.27 4.48
C VAL A 55 25.54 -3.76 4.22
N GLY A 56 24.33 -4.22 3.91
CA GLY A 56 24.17 -5.57 3.39
C GLY A 56 24.11 -6.61 4.47
N ASP A 57 24.84 -7.71 4.26
CA ASP A 57 24.89 -8.80 5.23
C ASP A 57 25.64 -8.44 6.49
N GLU A 58 26.54 -7.46 6.45
CA GLU A 58 27.17 -6.98 7.67
C GLU A 58 26.14 -6.42 8.63
N ALA A 59 25.21 -5.60 8.11
CA ALA A 59 24.17 -5.03 8.95
C ALA A 59 23.23 -6.10 9.48
N GLN A 60 22.97 -7.14 8.68
CA GLN A 60 22.06 -8.20 9.11
C GLN A 60 22.62 -8.97 10.30
N SER A 61 23.93 -9.23 10.29
CA SER A 61 24.53 -10.07 11.34
C SER A 61 24.63 -9.32 12.66
N LYS A 62 24.98 -8.03 12.62
CA LYS A 62 25.16 -7.23 13.82
C LYS A 62 23.92 -6.43 14.18
N ARG A 63 22.74 -6.90 13.79
CA ARG A 63 21.53 -6.10 13.94
C ARG A 63 21.12 -5.91 15.39
N GLY A 64 21.72 -6.63 16.34
CA GLY A 64 21.36 -6.47 17.73
C GLY A 64 21.70 -5.12 18.30
N VAL A 65 22.67 -4.41 17.71
CA VAL A 65 23.12 -3.12 18.19
C VAL A 65 22.93 -2.01 17.17
N LEU A 66 22.16 -2.27 16.11
CA LEU A 66 21.99 -1.31 15.03
C LEU A 66 20.50 -1.03 14.80
N SER A 67 20.23 0.14 14.23
CA SER A 67 18.91 0.49 13.71
C SER A 67 18.97 0.43 12.19
N LEU A 68 18.02 -0.25 11.58
CA LEU A 68 18.05 -0.58 10.16
C LEU A 68 17.08 0.29 9.38
N LYS A 69 17.47 0.68 8.16
CA LYS A 69 16.61 1.44 7.27
C LYS A 69 16.65 0.87 5.87
N TYR A 70 15.52 0.98 5.16
CA TYR A 70 15.44 0.65 3.75
C TYR A 70 15.43 1.93 2.94
N PRO A 71 16.43 2.17 2.09
CA PRO A 71 16.39 3.38 1.25
C PRO A 71 15.21 3.45 0.29
N ILE A 72 14.74 2.33 -0.22
CA ILE A 72 13.66 2.29 -1.20
C ILE A 72 12.37 1.87 -0.51
N GLU A 73 11.30 2.62 -0.74
CA GLU A 73 9.98 2.31 -0.21
C GLU A 73 8.95 2.45 -1.31
N HIS A 74 8.21 1.37 -1.57
CA HIS A 74 7.22 1.32 -2.65
C HIS A 74 7.85 1.60 -4.01
N GLY A 75 9.09 1.16 -4.20
CA GLY A 75 9.77 1.31 -5.47
C GLY A 75 10.37 2.67 -5.72
N ILE A 76 10.34 3.57 -4.75
CA ILE A 76 10.82 4.94 -4.92
C ILE A 76 11.89 5.21 -3.89
N VAL A 77 13.03 5.75 -4.35
CA VAL A 77 14.14 6.04 -3.46
C VAL A 77 13.81 7.24 -2.59
N THR A 78 13.87 7.06 -1.27
CA THR A 78 13.58 8.11 -0.32
C THR A 78 14.82 8.67 0.37
N ASN A 79 16.00 8.15 0.08
CA ASN A 79 17.25 8.65 0.67
C ASN A 79 18.36 8.35 -0.33
N TRP A 80 18.81 9.37 -1.04
CA TRP A 80 19.80 9.15 -2.09
C TRP A 80 21.20 8.95 -1.54
N ASP A 81 21.52 9.51 -0.37
CA ASP A 81 22.82 9.27 0.23
C ASP A 81 23.02 7.81 0.59
N ASP A 82 22.00 7.20 1.21
CA ASP A 82 22.08 5.79 1.55
C ASP A 82 21.96 4.90 0.32
N MET A 83 21.39 5.41 -0.77
CA MET A 83 21.30 4.63 -1.99
C MET A 83 22.65 4.52 -2.69
N GLU A 84 23.49 5.56 -2.59
CA GLU A 84 24.83 5.49 -3.16
C GLU A 84 25.71 4.52 -2.39
N LYS A 85 25.52 4.42 -1.07
CA LYS A 85 26.30 3.47 -0.28
C LYS A 85 26.03 2.04 -0.70
N ILE A 86 24.78 1.73 -1.07
CA ILE A 86 24.45 0.37 -1.49
C ILE A 86 25.06 0.07 -2.86
N TRP A 87 25.02 1.03 -3.79
CA TRP A 87 25.65 0.81 -5.09
C TRP A 87 27.16 0.74 -4.97
N HIS A 88 27.75 1.57 -4.12
CA HIS A 88 29.20 1.52 -3.91
C HIS A 88 29.60 0.17 -3.32
N HIS A 89 28.76 -0.39 -2.45
CA HIS A 89 29.03 -1.70 -1.90
C HIS A 89 28.98 -2.78 -2.97
N THR A 90 28.05 -2.66 -3.92
CA THR A 90 27.86 -3.70 -4.91
C THR A 90 29.02 -3.76 -5.91
N PHE A 91 29.52 -2.61 -6.33
CA PHE A 91 30.55 -2.59 -7.36
C PHE A 91 31.90 -3.02 -6.81
N TYR A 92 32.26 -2.56 -5.61
CA TYR A 92 33.61 -2.72 -5.11
C TYR A 92 33.78 -3.88 -4.14
N ASN A 93 32.73 -4.31 -3.44
CA ASN A 93 32.85 -5.38 -2.46
C ASN A 93 32.25 -6.70 -2.93
N GLU A 94 31.26 -6.66 -3.82
CA GLU A 94 30.58 -7.87 -4.27
C GLU A 94 31.10 -8.33 -5.63
N LEU A 95 31.04 -7.46 -6.64
CA LEU A 95 31.55 -7.79 -7.96
C LEU A 95 33.06 -7.53 -8.07
N ARG A 96 33.57 -6.55 -7.33
CA ARG A 96 34.99 -6.23 -7.31
C ARG A 96 35.51 -5.88 -8.70
N VAL A 97 34.86 -4.90 -9.33
CA VAL A 97 35.20 -4.47 -10.68
C VAL A 97 35.39 -2.97 -10.67
N ASN A 98 35.90 -2.46 -11.79
CA ASN A 98 35.99 -1.02 -12.01
C ASN A 98 34.81 -0.60 -12.86
N PRO A 99 33.87 0.19 -12.33
CA PRO A 99 32.62 0.46 -13.07
C PRO A 99 32.81 1.31 -14.31
N GLU A 100 34.02 1.73 -14.64
CA GLU A 100 34.27 2.53 -15.84
C GLU A 100 34.50 1.68 -17.07
N GLN A 101 34.40 0.36 -16.97
CA GLN A 101 34.71 -0.53 -18.08
C GLN A 101 33.57 -1.47 -18.43
N HIS A 102 32.39 -1.30 -17.85
CA HIS A 102 31.28 -2.22 -18.08
C HIS A 102 30.00 -1.43 -18.36
N ASN A 103 29.10 -2.06 -19.10
CA ASN A 103 27.75 -1.55 -19.29
C ASN A 103 26.86 -2.03 -18.14
N VAL A 104 25.91 -1.19 -17.75
CA VAL A 104 25.03 -1.46 -16.62
C VAL A 104 23.59 -1.45 -17.09
N LEU A 105 22.85 -2.49 -16.75
CA LEU A 105 21.42 -2.59 -17.03
C LEU A 105 20.65 -2.59 -15.72
N LEU A 106 19.70 -1.68 -15.59
CA LEU A 106 18.91 -1.51 -14.38
C LEU A 106 17.44 -1.76 -14.68
N THR A 107 16.64 -1.89 -13.61
CA THR A 107 15.22 -2.22 -13.71
C THR A 107 14.41 -1.22 -12.92
N GLU A 108 13.13 -1.12 -13.25
CA GLU A 108 12.23 -0.20 -12.57
C GLU A 108 10.80 -0.68 -12.74
N ALA A 109 9.95 -0.30 -11.78
CA ALA A 109 8.52 -0.58 -11.85
C ALA A 109 7.80 0.43 -12.73
N PRO A 110 6.71 0.04 -13.38
CA PRO A 110 5.99 0.97 -14.26
C PRO A 110 5.26 2.05 -13.47
N MET A 111 5.04 3.17 -14.16
CA MET A 111 4.27 4.32 -13.64
C MET A 111 4.93 4.91 -12.40
N ASN A 112 6.26 4.94 -12.39
CA ASN A 112 7.04 5.60 -11.35
C ASN A 112 7.21 7.08 -11.67
N PRO A 113 7.44 7.92 -10.65
CA PRO A 113 7.69 9.33 -10.91
C PRO A 113 8.93 9.52 -11.77
N LYS A 114 8.88 10.55 -12.62
CA LYS A 114 9.96 10.77 -13.57
C LYS A 114 11.26 11.18 -12.88
N GLN A 115 11.16 11.86 -11.74
CA GLN A 115 12.35 12.30 -11.04
C GLN A 115 13.18 11.12 -10.53
N ASN A 116 12.53 10.00 -10.24
CA ASN A 116 13.25 8.82 -9.77
C ASN A 116 14.20 8.31 -10.84
N ARG A 117 13.75 8.29 -12.10
CA ARG A 117 14.58 7.79 -13.19
C ARG A 117 15.69 8.77 -13.57
N GLU A 118 15.44 10.07 -13.39
CA GLU A 118 16.44 11.07 -13.78
C GLU A 118 17.60 11.12 -12.79
N LYS A 119 17.31 11.05 -11.48
CA LYS A 119 18.39 11.07 -10.50
C LYS A 119 19.23 9.82 -10.58
N MET A 120 18.63 8.69 -10.93
CA MET A 120 19.39 7.46 -11.08
C MET A 120 20.41 7.57 -12.20
N THR A 121 20.01 8.19 -13.32
CA THR A 121 20.93 8.35 -14.44
C THR A 121 22.07 9.31 -14.10
N GLN A 122 21.76 10.39 -13.39
CA GLN A 122 22.78 11.37 -13.06
C GLN A 122 23.87 10.77 -12.18
N ILE A 123 23.49 9.94 -11.21
CA ILE A 123 24.47 9.33 -10.32
C ILE A 123 25.36 8.35 -11.07
N MET A 124 24.77 7.53 -11.95
CA MET A 124 25.54 6.52 -12.66
C MET A 124 26.59 7.14 -13.57
N PHE A 125 26.23 8.21 -14.28
CA PHE A 125 27.14 8.82 -15.23
C PHE A 125 28.19 9.71 -14.56
N GLU A 126 27.80 10.43 -13.51
CA GLU A 126 28.71 11.44 -12.95
C GLU A 126 29.52 10.90 -11.77
N THR A 127 28.92 10.08 -10.91
CA THR A 127 29.64 9.55 -9.77
C THR A 127 30.48 8.34 -10.12
N PHE A 128 29.91 7.39 -10.87
CA PHE A 128 30.60 6.14 -11.18
C PHE A 128 31.22 6.12 -12.58
N ASN A 129 30.90 7.10 -13.44
CA ASN A 129 31.49 7.24 -14.76
C ASN A 129 31.29 5.98 -15.61
N VAL A 130 30.06 5.50 -15.63
CA VAL A 130 29.71 4.33 -16.45
C VAL A 130 29.74 4.73 -17.92
N PRO A 131 30.25 3.88 -18.83
CA PRO A 131 30.23 4.23 -20.25
C PRO A 131 28.84 4.31 -20.86
N SER A 132 28.03 3.26 -20.72
CA SER A 132 26.69 3.23 -21.28
C SER A 132 25.72 2.60 -20.30
N LEU A 133 24.44 2.92 -20.47
CA LEU A 133 23.42 2.62 -19.47
C LEU A 133 22.11 2.22 -20.15
N TYR A 134 21.29 1.47 -19.44
CA TYR A 134 19.95 1.13 -19.91
C TYR A 134 19.06 0.79 -18.72
N ILE A 135 17.79 1.16 -18.80
CA ILE A 135 16.80 0.88 -17.76
C ILE A 135 15.59 0.22 -18.38
N GLY A 136 15.16 -0.91 -17.80
CA GLY A 136 14.06 -1.69 -18.32
C GLY A 136 12.90 -1.77 -17.35
N ILE A 137 11.79 -2.34 -17.85
CA ILE A 137 10.59 -2.58 -17.05
C ILE A 137 10.60 -4.02 -16.59
N GLN A 138 10.36 -4.22 -15.29
CA GLN A 138 10.59 -5.53 -14.68
C GLN A 138 9.70 -6.61 -15.28
N ALA A 139 8.41 -6.32 -15.49
CA ALA A 139 7.49 -7.34 -15.97
C ALA A 139 7.80 -7.78 -17.39
N VAL A 140 8.32 -6.87 -18.23
CA VAL A 140 8.69 -7.25 -19.58
C VAL A 140 9.86 -8.22 -19.57
N LEU A 141 10.84 -7.99 -18.69
CA LEU A 141 11.98 -8.89 -18.58
C LEU A 141 11.60 -10.27 -18.11
N SER A 142 10.47 -10.41 -17.39
CA SER A 142 10.03 -11.73 -16.96
C SER A 142 9.51 -12.56 -18.13
N LEU A 143 8.95 -11.92 -19.16
CA LEU A 143 8.50 -12.65 -20.32
C LEU A 143 9.66 -13.20 -21.14
N TYR A 144 10.79 -12.51 -21.16
CA TYR A 144 11.96 -13.02 -21.88
C TYR A 144 12.42 -14.35 -21.32
N SER A 145 12.43 -14.48 -19.98
CA SER A 145 12.91 -15.70 -19.36
C SER A 145 11.99 -16.89 -19.63
N SER A 146 10.74 -16.66 -19.98
CA SER A 146 9.82 -17.74 -20.30
C SER A 146 9.82 -18.13 -21.77
N GLY A 147 10.50 -17.37 -22.62
CA GLY A 147 10.53 -17.66 -24.05
C GLY A 147 9.19 -17.51 -24.74
N ARG A 148 8.44 -16.46 -24.42
CA ARG A 148 7.14 -16.22 -25.03
C ARG A 148 6.98 -14.73 -25.30
N THR A 149 6.07 -14.43 -26.24
CA THR A 149 5.77 -13.04 -26.59
C THR A 149 4.32 -12.66 -26.34
N THR A 150 3.52 -13.55 -25.75
CA THR A 150 2.14 -13.26 -25.43
C THR A 150 1.85 -13.71 -24.01
N GLY A 151 1.16 -12.87 -23.26
CA GLY A 151 0.73 -13.22 -21.92
C GLY A 151 0.66 -12.01 -21.03
N ILE A 152 0.12 -12.21 -19.84
CA ILE A 152 -0.01 -11.17 -18.83
C ILE A 152 0.78 -11.59 -17.61
N VAL A 153 1.61 -10.68 -17.09
CA VAL A 153 2.56 -10.96 -16.02
C VAL A 153 2.06 -10.31 -14.74
N LEU A 154 1.99 -11.10 -13.67
CA LEU A 154 1.70 -10.60 -12.33
C LEU A 154 2.99 -10.65 -11.52
N ASP A 155 3.50 -9.48 -11.15
CA ASP A 155 4.75 -9.36 -10.42
C ASP A 155 4.48 -8.75 -9.05
N ALA A 156 4.91 -9.44 -7.99
CA ALA A 156 4.70 -8.98 -6.62
C ALA A 156 5.99 -9.21 -5.84
N GLY A 157 6.65 -8.12 -5.44
CA GLY A 157 7.88 -8.23 -4.70
C GLY A 157 7.75 -7.83 -3.25
N ASP A 158 8.51 -6.83 -2.84
CA ASP A 158 8.47 -6.34 -1.46
C ASP A 158 7.68 -5.06 -1.30
N GLY A 159 7.57 -4.23 -2.35
CA GLY A 159 6.86 -2.98 -2.22
C GLY A 159 5.71 -2.75 -3.18
N VAL A 160 5.75 -3.33 -4.37
CA VAL A 160 4.79 -3.03 -5.43
C VAL A 160 4.27 -4.32 -6.04
N THR A 161 3.00 -4.29 -6.46
CA THR A 161 2.40 -5.32 -7.30
C THR A 161 1.89 -4.65 -8.57
N HIS A 162 2.22 -5.23 -9.74
CA HIS A 162 1.74 -4.69 -11.00
C HIS A 162 1.46 -5.82 -11.99
N THR A 163 0.58 -5.53 -12.96
CA THR A 163 0.23 -6.45 -14.03
C THR A 163 0.45 -5.76 -15.37
N VAL A 164 1.10 -6.45 -16.31
CA VAL A 164 1.38 -5.91 -17.64
C VAL A 164 1.02 -6.92 -18.72
N PRO A 165 0.03 -6.65 -19.57
CA PRO A 165 -0.28 -7.55 -20.69
C PRO A 165 0.46 -7.19 -21.97
N ILE A 166 0.85 -8.23 -22.70
CA ILE A 166 1.58 -8.09 -23.96
C ILE A 166 1.03 -9.10 -24.97
N TYR A 167 0.84 -8.65 -26.21
CA TYR A 167 0.29 -9.50 -27.26
C TYR A 167 1.18 -9.40 -28.48
N GLU A 168 1.76 -10.54 -28.89
CA GLU A 168 2.59 -10.63 -30.10
C GLU A 168 3.77 -9.68 -30.05
N GLY A 169 4.26 -9.35 -28.86
CA GLY A 169 5.34 -8.41 -28.72
C GLY A 169 4.94 -6.96 -28.70
N TYR A 170 3.65 -6.65 -28.75
CA TYR A 170 3.16 -5.28 -28.72
C TYR A 170 2.65 -4.93 -27.33
N SER A 171 3.01 -3.73 -26.86
CA SER A 171 2.57 -3.24 -25.57
C SER A 171 1.12 -2.77 -25.63
N LEU A 172 0.46 -2.81 -24.48
CA LEU A 172 -0.92 -2.37 -24.32
C LEU A 172 -0.95 -1.39 -23.16
N PRO A 173 -0.53 -0.14 -23.40
CA PRO A 173 -0.22 0.76 -22.28
C PRO A 173 -1.40 1.13 -21.41
N HIS A 174 -2.63 1.01 -21.91
CA HIS A 174 -3.80 1.47 -21.17
C HIS A 174 -4.40 0.39 -20.29
N ALA A 175 -3.75 -0.77 -20.18
CA ALA A 175 -4.22 -1.84 -19.32
C ALA A 175 -3.26 -2.18 -18.19
N VAL A 176 -2.27 -1.33 -17.95
CA VAL A 176 -1.30 -1.55 -16.88
C VAL A 176 -1.90 -1.10 -15.55
N ARG A 177 -1.73 -1.91 -14.51
CA ARG A 177 -2.23 -1.61 -13.19
C ARG A 177 -1.10 -1.73 -12.16
N ARG A 178 -1.27 -1.02 -11.05
CA ARG A 178 -0.28 -0.96 -9.98
C ARG A 178 -1.00 -0.64 -8.66
N VAL A 179 -0.60 -1.30 -7.58
CA VAL A 179 -1.36 -1.22 -6.34
C VAL A 179 -0.56 -0.68 -5.16
N ASP A 180 0.75 -0.89 -5.14
CA ASP A 180 1.61 -0.47 -4.02
C ASP A 180 1.21 -1.18 -2.72
N MET A 181 1.27 -2.50 -2.76
CA MET A 181 0.99 -3.33 -1.59
C MET A 181 1.59 -4.69 -1.84
N ALA A 182 2.58 -5.08 -1.04
CA ALA A 182 3.39 -6.26 -1.31
C ALA A 182 3.85 -6.84 0.03
N GLY A 183 4.94 -7.61 -0.01
CA GLY A 183 5.34 -8.41 1.13
C GLY A 183 5.64 -7.63 2.39
N ARG A 184 6.16 -6.41 2.26
CA ARG A 184 6.49 -5.63 3.44
C ARG A 184 5.24 -5.28 4.24
N ASP A 185 4.11 -5.08 3.57
CA ASP A 185 2.84 -4.89 4.25
C ASP A 185 2.31 -6.17 4.86
N LEU A 186 2.69 -7.32 4.31
CA LEU A 186 2.33 -8.59 4.93
C LEU A 186 3.08 -8.83 6.23
N THR A 187 4.34 -8.37 6.31
CA THR A 187 5.10 -8.51 7.55
C THR A 187 4.50 -7.67 8.67
N GLU A 188 4.04 -6.46 8.36
CA GLU A 188 3.45 -5.60 9.38
C GLU A 188 2.13 -6.15 9.88
N TYR A 189 1.34 -6.77 9.00
CA TYR A 189 0.07 -7.35 9.43
C TYR A 189 0.29 -8.56 10.32
N LEU A 190 1.29 -9.39 9.99
CA LEU A 190 1.59 -10.54 10.83
C LEU A 190 2.07 -10.12 12.20
N MET A 191 2.86 -9.05 12.26
CA MET A 191 3.36 -8.55 13.53
C MET A 191 2.24 -8.02 14.41
N LYS A 192 1.15 -7.54 13.81
CA LYS A 192 0.04 -7.00 14.59
C LYS A 192 -0.87 -8.10 15.11
N ILE A 193 -1.27 -9.05 14.26
CA ILE A 193 -2.14 -10.13 14.71
C ILE A 193 -1.41 -11.15 15.57
N MET A 194 -0.08 -11.04 15.64
CA MET A 194 0.68 -11.87 16.57
C MET A 194 0.50 -11.42 18.01
N MET A 195 0.04 -10.20 18.24
CA MET A 195 -0.19 -9.71 19.59
C MET A 195 -1.43 -10.31 20.24
N GLU A 196 -2.30 -10.94 19.45
CA GLU A 196 -3.46 -11.60 20.03
C GLU A 196 -3.08 -12.80 20.88
N THR A 197 -1.88 -13.34 20.70
CA THR A 197 -1.40 -14.48 21.48
C THR A 197 -0.34 -14.08 22.49
N GLY A 198 -0.10 -12.79 22.71
CA GLY A 198 0.80 -12.35 23.75
C GLY A 198 2.25 -12.20 23.35
N THR A 199 2.54 -11.95 22.09
CA THR A 199 3.90 -11.69 21.63
C THR A 199 3.96 -10.32 20.99
N THR A 200 4.91 -9.49 21.41
CA THR A 200 5.01 -8.12 20.93
C THR A 200 6.41 -7.84 20.42
N PHE A 201 6.53 -7.41 19.17
CA PHE A 201 7.77 -7.01 18.56
C PHE A 201 7.63 -5.57 18.07
N THR A 202 8.63 -4.74 18.34
CA THR A 202 8.52 -3.33 18.00
C THR A 202 9.72 -2.76 17.27
N THR A 203 10.90 -3.35 17.47
CA THR A 203 12.10 -2.78 16.88
C THR A 203 12.28 -3.22 15.44
N THR A 204 13.17 -2.52 14.72
CA THR A 204 13.46 -2.89 13.34
C THR A 204 14.16 -4.24 13.26
N ALA A 205 15.02 -4.54 14.24
CA ALA A 205 15.69 -5.83 14.26
C ALA A 205 14.69 -6.96 14.49
N GLU A 206 13.70 -6.75 15.36
CA GLU A 206 12.68 -7.75 15.59
C GLU A 206 11.78 -7.96 14.38
N LYS A 207 11.70 -6.96 13.50
CA LYS A 207 10.92 -7.11 12.28
C LYS A 207 11.56 -8.09 11.32
N GLU A 208 12.89 -8.23 11.36
CA GLU A 208 13.56 -9.23 10.53
C GLU A 208 13.25 -10.64 11.00
N ILE A 209 12.98 -10.83 12.30
CA ILE A 209 12.59 -12.14 12.81
C ILE A 209 11.21 -12.51 12.31
N VAL A 210 10.29 -11.54 12.27
CA VAL A 210 8.94 -11.79 11.79
C VAL A 210 8.94 -12.16 10.31
N ARG A 211 9.85 -11.57 9.53
CA ARG A 211 9.95 -11.90 8.12
C ARG A 211 10.37 -13.36 7.91
N ASN A 212 11.24 -13.89 8.77
CA ASN A 212 11.62 -15.29 8.67
C ASN A 212 10.47 -16.23 9.03
N VAL A 213 9.59 -15.82 9.95
CA VAL A 213 8.43 -16.64 10.29
C VAL A 213 7.47 -16.71 9.10
N LYS A 214 7.32 -15.62 8.37
CA LYS A 214 6.44 -15.60 7.21
C LYS A 214 6.91 -16.54 6.12
N GLU A 215 8.22 -16.58 5.88
CA GLU A 215 8.77 -17.36 4.78
C GLU A 215 8.89 -18.84 5.10
N GLN A 216 8.59 -19.28 6.32
CA GLN A 216 8.71 -20.68 6.68
C GLN A 216 7.42 -21.34 7.10
N LEU A 217 6.47 -20.60 7.68
CA LEU A 217 5.28 -21.21 8.24
C LEU A 217 3.97 -20.79 7.59
N CYS A 218 3.95 -19.73 6.79
CA CYS A 218 2.71 -19.22 6.21
C CYS A 218 2.40 -19.93 4.91
N TYR A 219 1.10 -20.17 4.67
CA TYR A 219 0.65 -20.84 3.46
C TYR A 219 -0.75 -20.33 3.13
N VAL A 220 -1.15 -20.54 1.87
CA VAL A 220 -2.45 -20.10 1.39
C VAL A 220 -3.47 -21.21 1.61
N ALA A 221 -4.60 -20.86 2.21
CA ALA A 221 -5.67 -21.81 2.42
C ALA A 221 -6.55 -21.90 1.18
N LEU A 222 -6.84 -23.13 0.74
CA LEU A 222 -7.66 -23.32 -0.44
C LEU A 222 -9.08 -22.85 -0.23
N ASP A 223 -9.64 -23.11 0.96
CA ASP A 223 -10.96 -22.62 1.34
C ASP A 223 -10.82 -21.89 2.66
N PHE A 224 -10.90 -20.56 2.63
CA PHE A 224 -10.58 -19.77 3.81
C PHE A 224 -11.62 -19.95 4.91
N GLU A 225 -12.91 -19.89 4.56
CA GLU A 225 -13.96 -19.95 5.58
C GLU A 225 -13.98 -21.30 6.29
N GLU A 226 -13.78 -22.38 5.55
CA GLU A 226 -13.73 -23.70 6.19
C GLU A 226 -12.49 -23.83 7.06
N GLU A 227 -11.36 -23.27 6.62
CA GLU A 227 -10.12 -23.37 7.37
C GLU A 227 -10.24 -22.69 8.73
N MET A 228 -10.91 -21.54 8.78
CA MET A 228 -11.11 -20.86 10.06
C MET A 228 -11.94 -21.70 11.01
N THR A 229 -13.01 -22.32 10.50
CA THR A 229 -13.87 -23.13 11.34
C THR A 229 -13.14 -24.34 11.91
N ASN A 230 -12.32 -25.00 11.10
CA ASN A 230 -11.59 -26.18 11.58
C ASN A 230 -10.61 -25.80 12.68
N SER A 231 -9.89 -24.69 12.52
CA SER A 231 -8.93 -24.29 13.53
C SER A 231 -9.59 -23.77 14.80
N ALA A 232 -10.86 -23.37 14.73
CA ALA A 232 -11.55 -22.91 15.92
C ALA A 232 -11.78 -24.05 16.90
N LYS A 233 -11.92 -25.28 16.39
CA LYS A 233 -12.16 -26.45 17.22
C LYS A 233 -10.88 -27.23 17.52
N SER A 234 -10.11 -27.58 16.48
CA SER A 234 -8.87 -28.31 16.69
C SER A 234 -7.83 -27.45 17.41
N ALA A 235 -7.70 -26.18 17.01
CA ALA A 235 -6.72 -25.26 17.57
C ALA A 235 -5.30 -25.84 17.51
N ASN A 236 -4.97 -26.46 16.37
CA ASN A 236 -3.63 -26.97 16.17
C ASN A 236 -2.64 -25.83 16.01
N GLU A 237 -1.46 -25.98 16.59
CA GLU A 237 -0.45 -24.94 16.61
C GLU A 237 0.92 -25.53 16.27
N GLU A 238 1.82 -24.64 15.87
CA GLU A 238 3.16 -25.02 15.49
C GLU A 238 4.17 -24.15 16.23
N ALA A 239 5.30 -24.75 16.57
CA ALA A 239 6.33 -24.09 17.39
C ALA A 239 7.43 -23.52 16.53
N PHE A 240 7.88 -22.33 16.87
CA PHE A 240 8.98 -21.65 16.21
C PHE A 240 10.00 -21.24 17.26
N GLU A 241 11.28 -21.47 16.98
CA GLU A 241 12.34 -21.20 17.94
C GLU A 241 12.96 -19.84 17.65
N LEU A 242 12.95 -18.97 18.65
CA LEU A 242 13.49 -17.63 18.55
C LEU A 242 15.01 -17.64 18.69
N PRO A 243 15.67 -16.57 18.27
CA PRO A 243 17.15 -16.54 18.35
C PRO A 243 17.69 -16.71 19.76
N ASP A 244 16.96 -16.27 20.78
CA ASP A 244 17.44 -16.35 22.16
C ASP A 244 17.16 -17.69 22.81
N GLY A 245 16.50 -18.61 22.12
CA GLY A 245 16.24 -19.94 22.64
C GLY A 245 14.81 -20.19 23.07
N ASN A 246 13.99 -19.16 23.20
CA ASN A 246 12.60 -19.36 23.57
C ASN A 246 11.79 -19.84 22.37
N VAL A 247 10.60 -20.35 22.64
CA VAL A 247 9.75 -20.98 21.64
C VAL A 247 8.44 -20.21 21.55
N MET A 248 8.03 -19.88 20.33
CA MET A 248 6.78 -19.18 20.05
C MET A 248 5.82 -20.10 19.30
N MET A 249 4.56 -20.10 19.73
CA MET A 249 3.52 -20.90 19.10
C MET A 249 2.72 -20.06 18.12
N VAL A 250 2.46 -20.61 16.94
CA VAL A 250 1.73 -19.93 15.88
C VAL A 250 0.47 -20.73 15.57
N GLY A 251 -0.69 -20.06 15.61
CA GLY A 251 -1.95 -20.73 15.36
C GLY A 251 -2.52 -20.48 13.98
N ASN A 252 -3.68 -19.85 13.90
CA ASN A 252 -4.30 -19.57 12.61
C ASN A 252 -3.69 -18.34 11.92
N GLN A 253 -2.67 -17.73 12.51
CA GLN A 253 -1.95 -16.67 11.84
C GLN A 253 -1.21 -17.17 10.61
N ARG A 254 -1.03 -18.48 10.48
CA ARG A 254 -0.28 -19.03 9.36
C ARG A 254 -0.98 -18.79 8.03
N PHE A 255 -2.30 -18.96 7.98
CA PHE A 255 -3.02 -18.75 6.73
C PHE A 255 -3.77 -17.42 6.69
N ARG A 256 -3.88 -16.70 7.80
CA ARG A 256 -4.50 -15.39 7.76
C ARG A 256 -3.57 -14.33 7.20
N CYS A 257 -2.27 -14.48 7.37
CA CYS A 257 -1.32 -13.49 6.85
C CYS A 257 -1.34 -13.39 5.33
N PRO A 258 -1.22 -14.48 4.55
CA PRO A 258 -1.26 -14.34 3.09
C PRO A 258 -2.65 -14.11 2.51
N GLU A 259 -3.70 -14.21 3.31
CA GLU A 259 -5.05 -13.92 2.86
C GLU A 259 -5.24 -12.44 2.51
N VAL A 260 -4.32 -11.58 2.93
CA VAL A 260 -4.39 -10.16 2.58
C VAL A 260 -4.30 -9.97 1.07
N LEU A 261 -3.48 -10.79 0.40
CA LEU A 261 -3.34 -10.68 -1.04
C LEU A 261 -4.64 -10.98 -1.78
N PHE A 262 -5.61 -11.62 -1.11
CA PHE A 262 -6.90 -11.90 -1.73
C PHE A 262 -8.03 -11.02 -1.23
N LYS A 263 -7.87 -10.35 -0.09
CA LYS A 263 -8.85 -9.36 0.38
C LYS A 263 -8.11 -8.24 1.08
N PRO A 264 -7.71 -7.20 0.35
CA PRO A 264 -6.91 -6.13 0.94
C PRO A 264 -7.65 -5.26 1.94
N SER A 265 -8.94 -5.48 2.17
CA SER A 265 -9.66 -4.70 3.18
C SER A 265 -9.24 -5.04 4.60
N LEU A 266 -8.50 -6.13 4.80
CA LEU A 266 -8.00 -6.48 6.13
C LEU A 266 -6.99 -5.47 6.64
N ILE A 267 -6.30 -4.77 5.76
CA ILE A 267 -5.32 -3.77 6.15
C ILE A 267 -5.78 -2.35 5.80
N GLY A 268 -7.05 -2.18 5.47
CA GLY A 268 -7.61 -0.86 5.26
C GLY A 268 -7.78 -0.43 3.82
N LEU A 269 -7.21 -1.17 2.86
CA LEU A 269 -7.38 -0.83 1.44
C LEU A 269 -8.71 -1.41 0.95
N ASP A 270 -9.79 -0.74 1.38
CA ASP A 270 -11.14 -1.23 1.15
C ASP A 270 -11.54 -1.26 -0.31
N GLU A 271 -10.81 -0.59 -1.20
CA GLU A 271 -11.19 -0.52 -2.60
C GLU A 271 -10.14 -1.07 -3.55
N ALA A 272 -8.98 -1.49 -3.05
CA ALA A 272 -8.02 -2.14 -3.91
C ALA A 272 -8.54 -3.52 -4.32
N PRO A 273 -8.32 -3.93 -5.58
CA PRO A 273 -8.93 -5.17 -6.07
C PRO A 273 -8.45 -6.46 -5.42
N GLY A 274 -7.15 -6.72 -5.43
CA GLY A 274 -6.63 -8.03 -5.07
C GLY A 274 -6.24 -8.83 -6.30
N PHE A 275 -5.53 -9.93 -6.04
CA PHE A 275 -4.87 -10.67 -7.13
C PHE A 275 -5.83 -11.15 -8.20
N PRO A 276 -6.93 -11.85 -7.89
CA PRO A 276 -7.82 -12.30 -8.98
C PRO A 276 -8.48 -11.15 -9.73
N GLU A 277 -8.90 -10.11 -9.04
CA GLU A 277 -9.56 -8.99 -9.69
C GLU A 277 -8.59 -8.11 -10.46
N MET A 278 -7.34 -8.03 -9.99
CA MET A 278 -6.34 -7.25 -10.71
C MET A 278 -6.08 -7.81 -12.09
N VAL A 279 -6.00 -9.14 -12.20
CA VAL A 279 -5.81 -9.78 -13.50
C VAL A 279 -7.07 -9.65 -14.35
N TYR A 280 -8.23 -9.84 -13.73
CA TYR A 280 -9.49 -9.81 -14.47
C TYR A 280 -9.76 -8.43 -15.06
N GLN A 281 -9.53 -7.38 -14.29
CA GLN A 281 -9.78 -6.03 -14.79
C GLN A 281 -8.77 -5.63 -15.85
N SER A 282 -7.53 -6.11 -15.75
CA SER A 282 -6.51 -5.75 -16.73
C SER A 282 -6.79 -6.40 -18.08
N ILE A 283 -7.35 -7.62 -18.08
CA ILE A 283 -7.63 -8.31 -19.32
C ILE A 283 -8.79 -7.66 -20.06
N ASN A 284 -9.82 -7.26 -19.34
CA ASN A 284 -11.02 -6.70 -19.95
C ASN A 284 -10.83 -5.27 -20.44
N LYS A 285 -9.61 -4.75 -20.44
CA LYS A 285 -9.32 -3.42 -20.97
C LYS A 285 -8.49 -3.47 -22.23
N CYS A 286 -8.24 -4.65 -22.80
CA CYS A 286 -7.27 -4.76 -23.89
C CYS A 286 -7.93 -4.70 -25.25
N ASP A 287 -8.68 -5.73 -25.61
CA ASP A 287 -9.46 -5.81 -26.84
C ASP A 287 -10.19 -7.14 -26.86
N ILE A 288 -11.32 -7.22 -27.54
CA ILE A 288 -12.09 -8.46 -27.46
C ILE A 288 -11.38 -9.59 -28.20
N ASP A 289 -10.57 -9.26 -29.21
CA ASP A 289 -9.88 -10.26 -30.01
C ASP A 289 -8.55 -10.71 -29.40
N VAL A 290 -8.18 -10.19 -28.24
CA VAL A 290 -6.93 -10.54 -27.58
C VAL A 290 -7.14 -11.32 -26.29
N ARG A 291 -8.34 -11.29 -25.72
CA ARG A 291 -8.55 -11.76 -24.35
C ARG A 291 -8.34 -13.26 -24.21
N ARG A 292 -8.74 -14.04 -25.21
CA ARG A 292 -8.65 -15.49 -25.08
C ARG A 292 -7.20 -15.95 -24.97
N GLU A 293 -6.30 -15.32 -25.72
CA GLU A 293 -4.89 -15.68 -25.62
C GLU A 293 -4.28 -15.25 -24.28
N LEU A 294 -4.74 -14.14 -23.73
CA LEU A 294 -4.21 -13.68 -22.43
C LEU A 294 -4.62 -14.63 -21.31
N TYR A 295 -5.84 -15.14 -21.35
CA TYR A 295 -6.29 -16.08 -20.33
C TYR A 295 -5.45 -17.35 -20.33
N GLY A 296 -4.88 -17.71 -21.47
CA GLY A 296 -4.11 -18.93 -21.58
C GLY A 296 -2.67 -18.84 -21.11
N ASN A 297 -2.16 -17.65 -20.80
CA ASN A 297 -0.78 -17.50 -20.36
C ASN A 297 -0.74 -16.42 -19.27
N ILE A 298 -0.91 -16.85 -18.02
CA ILE A 298 -0.83 -15.98 -16.85
C ILE A 298 0.44 -16.36 -16.09
N VAL A 299 1.38 -15.43 -15.99
CA VAL A 299 2.72 -15.71 -15.51
C VAL A 299 2.92 -15.05 -14.15
N LEU A 300 3.42 -15.82 -13.19
CA LEU A 300 3.71 -15.34 -11.85
C LEU A 300 5.19 -15.02 -11.72
N SER A 301 5.49 -13.91 -11.04
CA SER A 301 6.86 -13.49 -10.83
C SER A 301 6.98 -12.79 -9.49
N GLY A 302 8.16 -12.88 -8.89
CA GLY A 302 8.44 -12.19 -7.65
C GLY A 302 8.40 -13.11 -6.44
N GLY A 303 9.00 -12.64 -5.35
CA GLY A 303 9.10 -13.42 -4.13
C GLY A 303 7.82 -13.52 -3.33
N SER A 304 6.90 -12.58 -3.50
CA SER A 304 5.64 -12.63 -2.77
C SER A 304 4.65 -13.59 -3.39
N THR A 305 5.00 -14.26 -4.49
CA THR A 305 4.17 -15.31 -5.07
C THR A 305 4.63 -16.71 -4.68
N MET A 306 5.54 -16.83 -3.71
CA MET A 306 6.15 -18.10 -3.37
C MET A 306 5.42 -18.85 -2.27
N PHE A 307 4.27 -18.36 -1.81
CA PHE A 307 3.51 -19.09 -0.80
C PHE A 307 3.02 -20.41 -1.35
N LEU A 308 2.90 -21.39 -0.46
CA LEU A 308 2.34 -22.69 -0.85
C LEU A 308 0.85 -22.56 -1.15
N ASN A 309 0.41 -23.23 -2.21
CA ASN A 309 -0.95 -23.27 -2.73
C ASN A 309 -1.40 -21.99 -3.41
N LEU A 310 -0.53 -20.99 -3.55
CA LEU A 310 -0.96 -19.75 -4.20
C LEU A 310 -1.34 -19.94 -5.66
N PRO A 311 -0.55 -20.63 -6.50
CA PRO A 311 -0.98 -20.82 -7.90
C PRO A 311 -2.29 -21.56 -8.05
N GLU A 312 -2.59 -22.52 -7.17
CA GLU A 312 -3.83 -23.27 -7.29
C GLU A 312 -5.04 -22.45 -6.88
N ARG A 313 -4.90 -21.67 -5.80
CA ARG A 313 -6.00 -20.80 -5.37
C ARG A 313 -6.28 -19.72 -6.41
N LEU A 314 -5.24 -19.17 -7.02
CA LEU A 314 -5.42 -18.11 -8.02
C LEU A 314 -6.18 -18.63 -9.23
N ALA A 315 -5.87 -19.83 -9.68
CA ALA A 315 -6.55 -20.39 -10.86
C ALA A 315 -8.03 -20.59 -10.60
N LYS A 316 -8.38 -21.08 -9.41
CA LYS A 316 -9.78 -21.33 -9.10
C LYS A 316 -10.58 -20.03 -9.03
N GLU A 317 -10.00 -18.98 -8.44
CA GLU A 317 -10.71 -17.72 -8.29
C GLU A 317 -10.97 -17.06 -9.64
N ILE A 318 -10.01 -17.14 -10.56
CA ILE A 318 -10.20 -16.53 -11.88
C ILE A 318 -11.28 -17.27 -12.66
N SER A 319 -11.32 -18.60 -12.53
CA SER A 319 -12.33 -19.37 -13.24
C SER A 319 -13.75 -19.02 -12.82
N ASN A 320 -13.93 -18.48 -11.62
CA ASN A 320 -15.26 -18.03 -11.20
C ASN A 320 -15.62 -16.66 -11.77
N LEU A 321 -14.67 -15.93 -12.34
CA LEU A 321 -14.94 -14.64 -12.93
C LEU A 321 -15.07 -14.67 -14.44
N ALA A 322 -14.33 -15.54 -15.11
CA ALA A 322 -14.34 -15.65 -16.56
C ALA A 322 -15.60 -16.35 -17.04
N PRO A 323 -15.94 -16.19 -18.32
CA PRO A 323 -17.09 -16.94 -18.88
C PRO A 323 -16.81 -18.43 -18.93
N SER A 324 -17.90 -19.18 -19.14
CA SER A 324 -17.87 -20.63 -18.96
C SER A 324 -16.98 -21.34 -19.98
N SER A 325 -16.81 -20.77 -21.17
CA SER A 325 -16.02 -21.42 -22.21
C SER A 325 -14.54 -21.15 -22.09
N ILE A 326 -14.11 -20.37 -21.10
CA ILE A 326 -12.71 -19.99 -20.93
C ILE A 326 -12.07 -20.90 -19.88
N LYS A 327 -10.89 -21.42 -20.18
CA LYS A 327 -10.10 -22.24 -19.26
C LYS A 327 -8.81 -21.51 -18.94
N PRO A 328 -8.76 -20.73 -17.86
CA PRO A 328 -7.53 -20.02 -17.52
C PRO A 328 -6.41 -20.98 -17.12
N LYS A 329 -5.19 -20.60 -17.45
CA LYS A 329 -4.01 -21.40 -17.14
C LYS A 329 -2.95 -20.50 -16.50
N VAL A 330 -2.48 -20.89 -15.33
CA VAL A 330 -1.50 -20.14 -14.57
C VAL A 330 -0.16 -20.87 -14.65
N VAL A 331 0.87 -20.14 -15.05
CA VAL A 331 2.23 -20.68 -15.18
C VAL A 331 3.06 -20.12 -14.02
N ALA A 332 3.60 -21.02 -13.20
CA ALA A 332 4.38 -20.64 -12.02
C ALA A 332 5.71 -21.40 -12.03
N PRO A 333 6.76 -20.82 -12.61
CA PRO A 333 8.04 -21.51 -12.63
C PRO A 333 8.57 -21.73 -11.24
N PRO A 334 9.28 -22.84 -11.01
CA PRO A 334 9.86 -23.09 -9.67
C PRO A 334 10.93 -22.08 -9.28
N GLU A 335 11.49 -21.35 -10.23
CA GLU A 335 12.57 -20.40 -9.98
C GLU A 335 12.13 -18.97 -10.29
N ARG A 336 10.85 -18.66 -10.07
CA ARG A 336 10.31 -17.37 -10.46
C ARG A 336 10.77 -16.22 -9.59
N LYS A 337 11.49 -16.49 -8.50
CA LYS A 337 12.07 -15.40 -7.72
C LYS A 337 13.16 -14.67 -8.47
N TYR A 338 13.76 -15.29 -9.49
CA TYR A 338 14.86 -14.67 -10.23
C TYR A 338 14.51 -14.43 -11.70
N SER A 339 13.22 -14.39 -12.04
CA SER A 339 12.81 -14.25 -13.43
C SER A 339 13.27 -12.92 -14.03
N VAL A 340 13.17 -11.83 -13.26
CA VAL A 340 13.53 -10.52 -13.79
C VAL A 340 15.02 -10.46 -14.08
N TRP A 341 15.86 -11.01 -13.20
CA TRP A 341 17.30 -11.00 -13.45
C TRP A 341 17.66 -11.88 -14.64
N ILE A 342 17.04 -13.06 -14.74
CA ILE A 342 17.36 -13.98 -15.82
C ILE A 342 16.99 -13.38 -17.17
N GLY A 343 15.81 -12.76 -17.26
CA GLY A 343 15.39 -12.15 -18.51
C GLY A 343 16.29 -11.01 -18.93
N GLY A 344 16.76 -10.22 -17.98
CA GLY A 344 17.70 -9.16 -18.29
C GLY A 344 19.03 -9.67 -18.77
N SER A 345 19.47 -10.82 -18.28
CA SER A 345 20.70 -11.44 -18.78
C SER A 345 20.53 -11.89 -20.22
N ILE A 346 19.37 -12.43 -20.57
CA ILE A 346 19.11 -12.85 -21.94
C ILE A 346 19.07 -11.65 -22.88
N LEU A 347 18.33 -10.60 -22.48
CA LEU A 347 18.12 -9.47 -23.37
C LEU A 347 19.44 -8.76 -23.69
N SER A 348 20.30 -8.59 -22.69
CA SER A 348 21.55 -7.88 -22.89
C SER A 348 22.55 -8.69 -23.72
N SER A 349 22.31 -9.98 -23.94
CA SER A 349 23.20 -10.80 -24.75
C SER A 349 22.84 -10.79 -26.23
N LEU A 350 21.71 -10.21 -26.61
CA LEU A 350 21.29 -10.22 -28.00
C LEU A 350 22.15 -9.26 -28.83
N THR A 351 22.42 -9.64 -30.08
CA THR A 351 23.24 -8.81 -30.94
C THR A 351 22.48 -7.58 -31.43
N THR A 352 21.17 -7.66 -31.52
CA THR A 352 20.36 -6.52 -31.92
C THR A 352 20.23 -5.47 -30.83
N PHE A 353 20.56 -5.81 -29.58
CA PHE A 353 20.45 -4.89 -28.47
C PHE A 353 21.62 -3.91 -28.39
N GLN A 354 22.71 -4.16 -29.12
CA GLN A 354 23.92 -3.37 -28.95
C GLN A 354 23.74 -1.92 -29.36
N THR A 355 22.69 -1.59 -30.11
CA THR A 355 22.41 -0.20 -30.45
C THR A 355 21.48 0.49 -29.46
N MET A 356 20.96 -0.23 -28.48
CA MET A 356 20.00 0.31 -27.53
C MET A 356 20.64 0.95 -26.31
N TRP A 357 21.96 0.79 -26.13
CA TRP A 357 22.63 1.39 -24.99
C TRP A 357 22.61 2.91 -25.10
N VAL A 358 22.41 3.57 -23.97
CA VAL A 358 22.47 5.03 -23.89
C VAL A 358 23.91 5.41 -23.56
N LYS A 359 24.59 6.04 -24.52
CA LYS A 359 25.99 6.36 -24.34
C LYS A 359 26.17 7.63 -23.49
N LYS A 360 27.35 7.75 -22.91
CA LYS A 360 27.66 8.90 -22.06
C LYS A 360 27.70 10.19 -22.88
N SER A 361 28.15 10.11 -24.13
CA SER A 361 28.25 11.31 -24.97
C SER A 361 26.88 11.92 -25.22
N GLU A 362 25.87 11.07 -25.43
CA GLU A 362 24.51 11.59 -25.64
C GLU A 362 23.99 12.28 -24.40
N TYR A 363 24.29 11.75 -23.22
CA TYR A 363 23.86 12.39 -21.99
C TYR A 363 24.50 13.76 -21.81
N ASP A 364 25.73 13.93 -22.31
CA ASP A 364 26.42 15.21 -22.16
C ASP A 364 25.70 16.33 -22.90
N GLU A 365 25.04 16.01 -24.02
CA GLU A 365 24.36 17.02 -24.80
C GLU A 365 22.89 17.14 -24.42
N SER A 366 22.14 16.05 -24.55
CA SER A 366 20.69 16.10 -24.29
C SER A 366 20.41 16.40 -22.83
N GLY A 367 21.15 15.80 -21.92
CA GLY A 367 20.91 15.97 -20.50
C GLY A 367 20.21 14.77 -19.90
N PRO A 368 19.78 14.87 -18.65
CA PRO A 368 19.11 13.74 -17.99
C PRO A 368 17.80 13.34 -18.65
N SER A 369 17.18 14.22 -19.43
CA SER A 369 15.89 13.91 -20.04
C SER A 369 15.98 12.92 -21.19
N ILE A 370 17.20 12.58 -21.63
CA ILE A 370 17.35 11.64 -22.75
C ILE A 370 16.83 10.26 -22.38
N VAL A 371 16.82 9.93 -21.09
CA VAL A 371 16.42 8.61 -20.64
C VAL A 371 14.95 8.34 -20.94
N HIS A 372 14.13 9.40 -21.02
CA HIS A 372 12.71 9.21 -21.32
C HIS A 372 12.49 8.91 -22.80
N ASN A 373 13.27 9.54 -23.69
CA ASN A 373 13.11 9.30 -25.11
C ASN A 373 13.49 7.86 -25.47
N LYS A 374 14.62 7.39 -24.96
CA LYS A 374 15.01 6.00 -25.14
C LYS A 374 14.42 5.18 -24.00
N CYS A 375 14.87 3.94 -23.86
CA CYS A 375 14.41 3.05 -22.79
C CYS A 375 12.89 2.90 -22.81
N PHE A 376 12.36 2.58 -23.98
CA PHE A 376 10.92 2.38 -24.15
C PHE A 376 10.57 0.90 -24.19
N SER B 7 56.98 6.97 32.86
CA SER B 7 56.09 5.82 32.86
C SER B 7 54.77 6.13 33.57
N SER B 8 53.69 5.50 33.13
CA SER B 8 52.39 5.74 33.71
C SER B 8 52.14 4.83 34.91
N ILE B 9 51.32 5.33 35.83
CA ILE B 9 51.01 4.64 37.08
C ILE B 9 49.59 4.12 37.01
N VAL B 10 49.40 2.86 37.39
CA VAL B 10 48.08 2.25 37.47
C VAL B 10 47.79 1.97 38.94
N CYS B 11 46.71 2.55 39.46
CA CYS B 11 46.33 2.40 40.86
C CYS B 11 44.89 1.92 40.94
N ASP B 12 44.70 0.66 41.30
CA ASP B 12 43.37 0.07 41.47
C ASP B 12 43.00 0.17 42.94
N ASN B 13 42.19 1.16 43.28
CA ASN B 13 41.81 1.43 44.66
C ASN B 13 40.34 1.07 44.87
N GLY B 14 40.09 -0.03 45.58
CA GLY B 14 38.76 -0.42 45.95
C GLY B 14 38.47 -0.18 47.42
N SER B 15 37.38 -0.79 47.88
CA SER B 15 36.98 -0.62 49.27
C SER B 15 37.98 -1.27 50.22
N GLY B 16 38.55 -2.41 49.83
CA GLY B 16 39.38 -3.17 50.76
C GLY B 16 40.88 -3.02 50.57
N MET B 17 41.36 -3.04 49.33
CA MET B 17 42.78 -3.12 49.06
C MET B 17 43.21 -1.98 48.15
N VAL B 18 44.52 -1.75 48.12
CA VAL B 18 45.16 -0.83 47.17
C VAL B 18 46.16 -1.64 46.36
N LYS B 19 46.08 -1.51 45.03
CA LYS B 19 47.00 -2.19 44.13
C LYS B 19 47.62 -1.16 43.21
N ALA B 20 48.96 -1.06 43.23
CA ALA B 20 49.68 -0.03 42.51
C ALA B 20 50.82 -0.64 41.71
N GLY B 21 51.23 0.06 40.67
CA GLY B 21 52.29 -0.43 39.81
C GLY B 21 52.50 0.49 38.63
N PHE B 22 53.24 -0.01 37.65
CA PHE B 22 53.58 0.74 36.46
C PHE B 22 53.02 0.06 35.22
N SER B 23 52.74 0.87 34.19
CA SER B 23 52.19 0.33 32.95
C SER B 23 53.20 -0.58 32.27
N GLY B 24 52.69 -1.65 31.66
CA GLY B 24 53.51 -2.61 30.95
C GLY B 24 53.85 -3.85 31.75
N ASP B 25 53.74 -3.80 33.08
CA ASP B 25 54.04 -4.95 33.91
C ASP B 25 52.88 -5.94 33.89
N ASP B 26 53.18 -7.18 34.26
CA ASP B 26 52.18 -8.23 34.27
C ASP B 26 51.45 -8.37 35.59
N ALA B 27 51.88 -7.65 36.63
CA ALA B 27 51.26 -7.75 37.95
C ALA B 27 51.63 -6.52 38.75
N PRO B 28 50.79 -6.12 39.70
CA PRO B 28 51.19 -5.02 40.59
C PRO B 28 52.30 -5.45 41.52
N ARG B 29 53.12 -4.47 41.91
CA ARG B 29 54.24 -4.75 42.82
C ARG B 29 53.95 -4.39 44.26
N HIS B 30 52.83 -3.73 44.55
CA HIS B 30 52.51 -3.31 45.91
C HIS B 30 51.02 -3.48 46.16
N VAL B 31 50.68 -4.37 47.09
CA VAL B 31 49.30 -4.64 47.48
C VAL B 31 49.23 -4.56 49.00
N PHE B 32 48.43 -3.63 49.52
CA PHE B 32 48.29 -3.48 50.97
C PHE B 32 46.87 -3.06 51.31
N PRO B 33 46.39 -3.36 52.51
CA PRO B 33 45.03 -2.97 52.89
C PRO B 33 44.86 -1.47 53.01
N SER B 34 43.65 -1.01 52.75
CA SER B 34 43.32 0.41 52.70
C SER B 34 42.72 0.85 54.04
N ILE B 35 43.59 0.98 55.04
CA ILE B 35 43.18 1.26 56.41
C ILE B 35 44.06 2.36 57.00
N VAL B 36 43.51 3.03 58.01
CA VAL B 36 44.22 4.05 58.79
C VAL B 36 43.98 3.75 60.27
N GLY B 37 45.06 3.75 61.05
CA GLY B 37 44.99 3.40 62.47
C GLY B 37 45.46 4.53 63.35
N ARG B 38 44.81 4.67 64.51
CA ARG B 38 45.14 5.69 65.51
C ARG B 38 45.21 5.05 66.88
N PRO B 39 46.17 5.47 67.70
CA PRO B 39 46.29 4.90 69.05
C PRO B 39 45.13 5.29 69.94
N LYS B 40 44.74 4.37 70.81
CA LYS B 40 43.62 4.58 71.72
C LYS B 40 44.04 4.72 73.17
N ASN B 41 45.33 4.69 73.47
CA ASN B 41 45.84 4.89 74.82
C ASN B 41 47.02 5.83 74.78
N MET B 42 47.47 6.23 75.96
CA MET B 42 48.51 7.23 76.12
C MET B 42 49.90 6.60 76.07
N GLN B 43 50.86 7.35 75.55
CA GLN B 43 52.24 6.92 75.52
C GLN B 43 52.82 6.91 76.94
N ALA B 44 53.52 5.82 77.28
CA ALA B 44 54.09 5.66 78.60
C ALA B 44 55.61 5.82 78.65
N MET B 45 56.31 5.46 77.58
CA MET B 45 57.76 5.59 77.51
C MET B 45 58.13 6.84 76.75
N MET B 46 59.44 7.13 76.71
CA MET B 46 59.95 8.34 76.09
C MET B 46 60.82 8.11 74.88
N GLY B 47 61.42 6.93 74.73
CA GLY B 47 62.32 6.66 73.63
C GLY B 47 61.69 6.09 72.39
N SER B 48 60.37 5.94 72.35
CA SER B 48 59.72 5.28 71.23
C SER B 48 59.60 6.22 70.04
N ALA B 49 59.65 5.64 68.84
CA ALA B 49 59.48 6.37 67.58
C ALA B 49 58.05 6.27 67.08
N ASN B 50 57.10 6.30 67.99
CA ASN B 50 55.69 6.16 67.64
C ASN B 50 55.22 7.37 66.84
N LYS B 51 54.31 7.12 65.91
CA LYS B 51 53.65 8.15 65.13
C LYS B 51 52.30 8.48 65.77
N THR B 52 51.52 9.33 65.10
CA THR B 52 50.15 9.59 65.50
C THR B 52 49.13 8.95 64.58
N VAL B 53 49.49 8.63 63.35
CA VAL B 53 48.62 7.95 62.39
C VAL B 53 49.42 6.87 61.69
N TYR B 54 48.83 5.69 61.53
CA TYR B 54 49.45 4.56 60.85
C TYR B 54 48.64 4.19 59.62
N VAL B 55 49.33 3.87 58.53
CA VAL B 55 48.72 3.61 57.24
C VAL B 55 49.24 2.28 56.70
N GLY B 56 48.33 1.45 56.21
CA GLY B 56 48.73 0.29 55.43
C GLY B 56 49.11 -0.89 56.30
N ASP B 57 50.24 -1.52 55.96
CA ASP B 57 50.72 -2.68 56.70
C ASP B 57 51.26 -2.30 58.07
N GLU B 58 51.67 -1.05 58.28
CA GLU B 58 52.05 -0.62 59.62
C GLU B 58 50.88 -0.72 60.58
N ALA B 59 49.70 -0.27 60.14
CA ALA B 59 48.52 -0.35 60.99
C ALA B 59 48.10 -1.78 61.23
N GLN B 60 48.29 -2.66 60.24
CA GLN B 60 47.90 -4.05 60.39
C GLN B 60 48.73 -4.75 61.45
N SER B 61 50.03 -4.46 61.52
CA SER B 61 50.92 -5.17 62.43
C SER B 61 50.71 -4.73 63.88
N LYS B 62 50.49 -3.44 64.09
CA LYS B 62 50.34 -2.89 65.43
C LYS B 62 48.87 -2.74 65.83
N ARG B 63 47.98 -3.56 65.27
CA ARG B 63 46.56 -3.36 65.47
C ARG B 63 46.10 -3.65 66.88
N GLY B 64 46.95 -4.24 67.72
CA GLY B 64 46.55 -4.52 69.09
C GLY B 64 46.31 -3.29 69.93
N VAL B 65 46.90 -2.16 69.55
CA VAL B 65 46.78 -0.92 70.31
C VAL B 65 46.15 0.19 69.48
N LEU B 66 45.55 -0.13 68.34
CA LEU B 66 45.00 0.87 67.44
C LEU B 66 43.53 0.57 67.15
N SER B 67 42.80 1.62 66.79
CA SER B 67 41.46 1.50 66.22
C SER B 67 41.52 1.79 64.73
N LEU B 68 40.94 0.90 63.93
CA LEU B 68 41.10 0.91 62.48
C LEU B 68 39.86 1.45 61.80
N LYS B 69 40.06 2.19 60.71
CA LYS B 69 38.96 2.71 59.90
C LYS B 69 39.23 2.50 58.42
N TYR B 70 38.16 2.27 57.67
CA TYR B 70 38.21 2.23 56.21
C TYR B 70 37.68 3.53 55.65
N PRO B 71 38.48 4.32 54.94
CA PRO B 71 37.95 5.56 54.35
C PRO B 71 36.84 5.34 53.31
N ILE B 72 36.87 4.24 52.57
CA ILE B 72 35.91 3.96 51.52
C ILE B 72 34.91 2.93 52.01
N GLU B 73 33.62 3.22 51.83
CA GLU B 73 32.55 2.29 52.20
C GLU B 73 31.55 2.22 51.05
N HIS B 74 31.33 1.01 50.54
CA HIS B 74 30.45 0.78 49.38
C HIS B 74 30.91 1.57 48.16
N GLY B 75 32.22 1.70 47.99
CA GLY B 75 32.77 2.37 46.85
C GLY B 75 32.75 3.88 46.88
N ILE B 76 32.36 4.48 48.00
CA ILE B 76 32.22 5.92 48.12
C ILE B 76 33.09 6.40 49.26
N VAL B 77 33.90 7.43 49.01
CA VAL B 77 34.80 7.96 50.03
C VAL B 77 34.00 8.71 51.07
N THR B 78 34.14 8.32 52.33
CA THR B 78 33.43 8.96 53.44
C THR B 78 34.33 9.81 54.32
N ASN B 79 35.63 9.88 54.03
CA ASN B 79 36.55 10.72 54.80
C ASN B 79 37.69 11.10 53.87
N TRP B 80 37.68 12.35 53.39
CA TRP B 80 38.67 12.75 52.40
C TRP B 80 40.04 13.02 53.02
N ASP B 81 40.09 13.41 54.29
CA ASP B 81 41.39 13.62 54.93
C ASP B 81 42.16 12.31 55.05
N ASP B 82 41.48 11.24 55.46
CA ASP B 82 42.14 9.94 55.53
C ASP B 82 42.39 9.34 54.16
N MET B 83 41.66 9.79 53.13
CA MET B 83 41.90 9.30 51.79
C MET B 83 43.18 9.89 51.21
N GLU B 84 43.51 11.14 51.55
CA GLU B 84 44.76 11.73 51.09
C GLU B 84 45.97 11.07 51.74
N LYS B 85 45.83 10.63 53.00
CA LYS B 85 46.93 9.95 53.67
C LYS B 85 47.29 8.64 52.96
N ILE B 86 46.28 7.94 52.45
CA ILE B 86 46.53 6.68 51.76
C ILE B 86 47.22 6.92 50.42
N TRP B 87 46.77 7.95 49.69
CA TRP B 87 47.43 8.27 48.41
C TRP B 87 48.84 8.78 48.63
N HIS B 88 49.04 9.61 49.66
CA HIS B 88 50.38 10.09 49.98
C HIS B 88 51.31 8.94 50.35
N HIS B 89 50.77 7.93 51.03
CA HIS B 89 51.55 6.74 51.37
C HIS B 89 51.96 5.99 50.10
N THR B 90 51.06 5.90 49.13
CA THR B 90 51.31 5.10 47.94
C THR B 90 52.39 5.71 47.06
N PHE B 91 52.37 7.03 46.89
CA PHE B 91 53.30 7.67 45.97
C PHE B 91 54.71 7.73 46.53
N TYR B 92 54.85 8.04 47.82
CA TYR B 92 56.15 8.35 48.41
C TYR B 92 56.78 7.18 49.15
N ASN B 93 56.00 6.24 49.67
CA ASN B 93 56.55 5.13 50.44
C ASN B 93 56.55 3.82 49.70
N GLU B 94 55.64 3.62 48.75
CA GLU B 94 55.51 2.36 48.03
C GLU B 94 56.18 2.42 46.66
N LEU B 95 55.76 3.37 45.83
CA LEU B 95 56.37 3.55 44.52
C LEU B 95 57.61 4.41 44.57
N ARG B 96 57.69 5.35 45.52
CA ARG B 96 58.86 6.21 45.72
C ARG B 96 59.19 7.01 44.46
N VAL B 97 58.18 7.73 43.97
CA VAL B 97 58.30 8.53 42.75
C VAL B 97 57.86 9.96 43.05
N ASN B 98 58.11 10.84 42.08
CA ASN B 98 57.61 12.20 42.14
C ASN B 98 56.36 12.27 41.29
N PRO B 99 55.17 12.48 41.88
CA PRO B 99 53.93 12.36 41.09
C PRO B 99 53.75 13.45 40.05
N GLU B 100 54.68 14.38 39.90
CA GLU B 100 54.58 15.43 38.90
C GLU B 100 55.14 15.02 37.55
N GLN B 101 55.58 13.78 37.40
CA GLN B 101 56.23 13.34 36.18
C GLN B 101 55.58 12.10 35.56
N HIS B 102 54.44 11.66 36.08
CA HIS B 102 53.80 10.45 35.60
C HIS B 102 52.32 10.67 35.36
N ASN B 103 51.75 9.91 34.45
CA ASN B 103 50.31 9.85 34.25
C ASN B 103 49.71 8.84 35.20
N VAL B 104 48.49 9.12 35.66
CA VAL B 104 47.82 8.30 36.65
C VAL B 104 46.48 7.82 36.08
N LEU B 105 46.24 6.52 36.16
CA LEU B 105 44.98 5.91 35.75
C LEU B 105 44.28 5.34 36.97
N LEU B 106 43.04 5.74 37.18
CA LEU B 106 42.24 5.34 38.34
C LEU B 106 41.00 4.57 37.88
N THR B 107 40.34 3.91 38.83
CA THR B 107 39.19 3.07 38.57
C THR B 107 38.02 3.47 39.46
N GLU B 108 36.81 3.12 39.04
CA GLU B 108 35.61 3.45 39.80
C GLU B 108 34.51 2.46 39.43
N ALA B 109 33.58 2.27 40.37
CA ALA B 109 32.40 1.45 40.13
C ALA B 109 31.33 2.24 39.39
N PRO B 110 30.49 1.58 38.60
CA PRO B 110 29.45 2.30 37.86
C PRO B 110 28.34 2.81 38.77
N MET B 111 27.67 3.86 38.27
CA MET B 111 26.51 4.46 38.94
C MET B 111 26.86 5.02 40.32
N ASN B 112 28.06 5.57 40.43
CA ASN B 112 28.50 6.27 41.64
C ASN B 112 28.05 7.73 41.61
N PRO B 113 27.91 8.36 42.78
CA PRO B 113 27.55 9.78 42.80
C PRO B 113 28.60 10.62 42.10
N LYS B 114 28.14 11.69 41.45
CA LYS B 114 29.03 12.52 40.64
C LYS B 114 30.04 13.26 41.49
N GLN B 115 29.68 13.60 42.74
CA GLN B 115 30.59 14.34 43.60
C GLN B 115 31.83 13.52 43.95
N ASN B 116 31.69 12.19 43.98
CA ASN B 116 32.84 11.34 44.27
C ASN B 116 33.92 11.48 43.22
N ARG B 117 33.51 11.54 41.95
CA ARG B 117 34.48 11.64 40.85
C ARG B 117 35.07 13.04 40.76
N GLU B 118 34.31 14.07 41.13
CA GLU B 118 34.80 15.43 41.03
C GLU B 118 35.84 15.75 42.09
N LYS B 119 35.61 15.32 43.33
CA LYS B 119 36.58 15.57 44.39
C LYS B 119 37.88 14.81 44.16
N MET B 120 37.79 13.63 43.55
CA MET B 120 38.99 12.86 43.25
C MET B 120 39.87 13.60 42.25
N THR B 121 39.26 14.22 41.24
CA THR B 121 40.02 14.96 40.24
C THR B 121 40.66 16.20 40.83
N GLN B 122 39.94 16.90 41.72
CA GLN B 122 40.47 18.13 42.30
C GLN B 122 41.71 17.86 43.14
N ILE B 123 41.70 16.77 43.91
CA ILE B 123 42.84 16.44 44.75
C ILE B 123 44.05 16.08 43.90
N MET B 124 43.86 15.28 42.85
CA MET B 124 44.98 14.83 42.04
C MET B 124 45.67 16.00 41.33
N PHE B 125 44.90 16.95 40.81
CA PHE B 125 45.49 18.05 40.06
C PHE B 125 46.08 19.13 40.97
N GLU B 126 45.42 19.41 42.09
CA GLU B 126 45.83 20.56 42.90
C GLU B 126 46.79 20.18 44.03
N THR B 127 46.58 19.03 44.67
CA THR B 127 47.47 18.62 45.76
C THR B 127 48.73 17.93 45.25
N PHE B 128 48.60 17.03 44.29
CA PHE B 128 49.74 16.25 43.82
C PHE B 128 50.31 16.75 42.49
N ASN B 129 49.62 17.68 41.82
CA ASN B 129 50.11 18.31 40.58
C ASN B 129 50.43 17.26 39.51
N VAL B 130 49.52 16.35 39.30
CA VAL B 130 49.67 15.32 38.25
C VAL B 130 49.53 15.99 36.89
N PRO B 131 50.35 15.61 35.89
CA PRO B 131 50.19 16.21 34.56
C PRO B 131 48.88 15.83 33.86
N SER B 132 48.58 14.54 33.75
CA SER B 132 47.37 14.09 33.08
C SER B 132 46.76 12.92 33.85
N LEU B 133 45.45 12.73 33.63
CA LEU B 133 44.65 11.85 34.47
C LEU B 133 43.61 11.11 33.62
N TYR B 134 43.18 9.96 34.12
CA TYR B 134 42.09 9.22 33.49
C TYR B 134 41.43 8.31 34.52
N ILE B 135 40.12 8.13 34.40
CA ILE B 135 39.34 7.30 35.29
C ILE B 135 38.51 6.33 34.46
N GLY B 136 38.59 5.03 34.79
CA GLY B 136 37.90 4.00 34.04
C GLY B 136 36.87 3.26 34.88
N ILE B 137 36.10 2.40 34.21
CA ILE B 137 35.11 1.55 34.85
C ILE B 137 35.71 0.17 35.04
N GLN B 138 35.57 -0.37 36.25
CA GLN B 138 36.32 -1.57 36.63
C GLN B 138 35.96 -2.76 35.77
N ALA B 139 34.67 -2.97 35.51
CA ALA B 139 34.25 -4.17 34.79
C ALA B 139 34.71 -4.15 33.34
N VAL B 140 34.80 -2.98 32.73
CA VAL B 140 35.29 -2.88 31.36
C VAL B 140 36.77 -3.28 31.30
N LEU B 141 37.56 -2.85 32.27
CA LEU B 141 38.98 -3.21 32.31
C LEU B 141 39.19 -4.70 32.50
N SER B 142 38.23 -5.42 33.07
CA SER B 142 38.36 -6.86 33.22
C SER B 142 38.25 -7.58 31.88
N LEU B 143 37.47 -7.03 30.95
CA LEU B 143 37.35 -7.63 29.63
C LEU B 143 38.63 -7.49 28.82
N TYR B 144 39.38 -6.41 29.02
CA TYR B 144 40.65 -6.25 28.32
C TYR B 144 41.63 -7.37 28.67
N SER B 145 41.68 -7.74 29.95
CA SER B 145 42.62 -8.77 30.38
C SER B 145 42.29 -10.14 29.83
N SER B 146 41.04 -10.38 29.42
CA SER B 146 40.65 -11.65 28.83
C SER B 146 40.81 -11.69 27.32
N GLY B 147 41.12 -10.57 26.69
CA GLY B 147 41.26 -10.54 25.24
C GLY B 147 39.98 -10.81 24.48
N ARG B 148 38.87 -10.24 24.92
CA ARG B 148 37.58 -10.43 24.26
C ARG B 148 36.82 -9.11 24.24
N THR B 149 35.86 -9.01 23.32
CA THR B 149 35.02 -7.83 23.20
C THR B 149 33.55 -8.13 23.39
N THR B 150 33.19 -9.37 23.73
CA THR B 150 31.80 -9.73 23.99
C THR B 150 31.72 -10.54 25.28
N GLY B 151 30.76 -10.21 26.12
CA GLY B 151 30.51 -10.97 27.33
C GLY B 151 29.95 -10.09 28.42
N ILE B 152 29.54 -10.73 29.51
CA ILE B 152 28.99 -10.05 30.68
C ILE B 152 29.89 -10.36 31.87
N VAL B 153 30.27 -9.31 32.59
CA VAL B 153 31.25 -9.39 33.68
C VAL B 153 30.52 -9.27 35.00
N LEU B 154 30.79 -10.21 35.90
CA LEU B 154 30.31 -10.15 37.29
C LEU B 154 31.51 -9.83 38.17
N ASP B 155 31.50 -8.66 38.78
CA ASP B 155 32.59 -8.20 39.64
C ASP B 155 32.09 -8.03 41.06
N ALA B 156 32.76 -8.68 42.00
CA ALA B 156 32.39 -8.63 43.42
C ALA B 156 33.66 -8.47 44.24
N GLY B 157 33.82 -7.31 44.88
CA GLY B 157 34.99 -7.06 45.70
C GLY B 157 34.71 -7.05 47.19
N ASP B 158 34.97 -5.93 47.84
CA ASP B 158 34.74 -5.78 49.25
C ASP B 158 33.48 -4.99 49.59
N GLY B 159 33.06 -4.09 48.70
CA GLY B 159 31.89 -3.27 49.00
C GLY B 159 30.74 -3.35 48.01
N VAL B 160 31.02 -3.62 46.73
CA VAL B 160 30.02 -3.52 45.68
C VAL B 160 30.07 -4.77 44.81
N THR B 161 28.91 -5.16 44.30
CA THR B 161 28.78 -6.15 43.23
C THR B 161 28.05 -5.52 42.06
N HIS B 162 28.59 -5.67 40.85
CA HIS B 162 27.92 -5.12 39.67
C HIS B 162 28.13 -6.05 38.47
N THR B 163 27.21 -5.95 37.51
CA THR B 163 27.27 -6.70 36.26
C THR B 163 27.19 -5.72 35.08
N VAL B 164 28.06 -5.90 34.10
CA VAL B 164 28.09 -5.04 32.92
C VAL B 164 28.18 -5.87 31.64
N PRO B 165 27.16 -5.85 30.78
CA PRO B 165 27.25 -6.56 29.50
C PRO B 165 27.77 -5.69 28.36
N ILE B 166 28.56 -6.31 27.48
CA ILE B 166 29.17 -5.63 26.34
C ILE B 166 29.08 -6.56 25.12
N TYR B 167 28.72 -5.99 23.98
CA TYR B 167 28.57 -6.76 22.74
C TYR B 167 29.34 -6.07 21.63
N GLU B 168 30.33 -6.76 21.07
CA GLU B 168 31.13 -6.27 19.95
C GLU B 168 31.81 -4.94 20.26
N GLY B 169 32.11 -4.70 21.53
CA GLY B 169 32.72 -3.44 21.93
C GLY B 169 31.75 -2.31 22.18
N TYR B 170 30.44 -2.56 22.09
CA TYR B 170 29.44 -1.54 22.33
C TYR B 170 28.84 -1.70 23.71
N SER B 171 28.67 -0.58 24.40
CA SER B 171 28.06 -0.59 25.72
C SER B 171 26.55 -0.73 25.63
N LEU B 172 25.97 -1.28 26.69
CA LEU B 172 24.52 -1.47 26.82
C LEU B 172 24.10 -0.83 28.13
N PRO B 173 23.97 0.50 28.17
CA PRO B 173 23.87 1.20 29.45
C PRO B 173 22.65 0.87 30.28
N HIS B 174 21.58 0.38 29.67
CA HIS B 174 20.32 0.17 30.38
C HIS B 174 20.23 -1.22 30.99
N ALA B 175 21.29 -2.01 30.94
CA ALA B 175 21.31 -3.33 31.54
C ALA B 175 22.32 -3.46 32.67
N VAL B 176 22.88 -2.35 33.15
CA VAL B 176 23.85 -2.38 34.24
C VAL B 176 23.12 -2.48 35.57
N ARG B 177 23.61 -3.35 36.45
CA ARG B 177 23.03 -3.54 37.78
C ARG B 177 24.10 -3.40 38.84
N ARG B 178 23.67 -3.07 40.05
CA ARG B 178 24.54 -2.81 41.19
C ARG B 178 23.76 -3.09 42.47
N VAL B 179 24.40 -3.73 43.45
CA VAL B 179 23.67 -4.21 44.61
C VAL B 179 24.17 -3.65 45.94
N ASP B 180 25.45 -3.31 46.03
CA ASP B 180 26.06 -2.81 47.27
C ASP B 180 26.00 -3.86 48.38
N MET B 181 26.60 -5.01 48.10
CA MET B 181 26.68 -6.10 49.08
C MET B 181 27.80 -7.02 48.62
N ALA B 182 28.86 -7.12 49.42
CA ALA B 182 30.08 -7.80 49.01
C ALA B 182 30.74 -8.39 50.25
N GLY B 183 32.04 -8.64 50.16
CA GLY B 183 32.74 -9.42 51.17
C GLY B 183 32.71 -8.85 52.57
N ARG B 184 32.68 -7.52 52.70
CA ARG B 184 32.65 -6.93 54.04
C ARG B 184 31.37 -7.28 54.79
N ASP B 185 30.25 -7.43 54.07
CA ASP B 185 29.02 -7.90 54.67
C ASP B 185 29.07 -9.38 54.99
N LEU B 186 29.89 -10.16 54.28
CA LEU B 186 30.08 -11.56 54.62
C LEU B 186 30.87 -11.72 55.91
N THR B 187 31.82 -10.82 56.17
CA THR B 187 32.58 -10.88 57.41
C THR B 187 31.69 -10.60 58.62
N GLU B 188 30.77 -9.65 58.49
CA GLU B 188 29.88 -9.32 59.61
C GLU B 188 28.90 -10.45 59.89
N TYR B 189 28.43 -11.14 58.86
CA TYR B 189 27.52 -12.25 59.07
C TYR B 189 28.22 -13.43 59.72
N LEU B 190 29.47 -13.70 59.35
CA LEU B 190 30.22 -14.78 59.98
C LEU B 190 30.48 -14.48 61.44
N MET B 191 30.76 -13.21 61.76
CA MET B 191 31.01 -12.81 63.13
C MET B 191 29.77 -12.97 64.01
N LYS B 192 28.59 -12.87 63.41
CA LYS B 192 27.35 -12.99 64.19
C LYS B 192 26.97 -14.45 64.42
N ILE B 193 27.00 -15.28 63.38
CA ILE B 193 26.66 -16.69 63.55
C ILE B 193 27.75 -17.46 64.26
N MET B 194 28.92 -16.86 64.47
CA MET B 194 29.95 -17.48 65.29
C MET B 194 29.61 -17.43 66.78
N MET B 195 28.67 -16.57 67.17
CA MET B 195 28.27 -16.50 68.58
C MET B 195 27.39 -17.66 69.00
N GLU B 196 26.85 -18.42 68.04
CA GLU B 196 26.06 -19.60 68.39
C GLU B 196 26.91 -20.68 69.03
N THR B 197 28.23 -20.64 68.85
CA THR B 197 29.13 -21.61 69.46
C THR B 197 29.94 -21.04 70.61
N GLY B 198 29.61 -19.84 71.07
CA GLY B 198 30.26 -19.29 72.24
C GLY B 198 31.52 -18.49 72.01
N THR B 199 31.68 -17.89 70.82
CA THR B 199 32.80 -17.02 70.54
C THR B 199 32.30 -15.65 70.16
N THR B 200 32.82 -14.60 70.80
CA THR B 200 32.34 -13.25 70.60
C THR B 200 33.52 -12.33 70.27
N PHE B 201 33.43 -11.65 69.12
CA PHE B 201 34.40 -10.66 68.70
C PHE B 201 33.68 -9.34 68.48
N THR B 202 34.26 -8.24 68.97
CA THR B 202 33.56 -6.96 68.88
C THR B 202 34.44 -5.83 68.37
N THR B 203 35.74 -5.92 68.55
CA THR B 203 36.60 -4.80 68.19
C THR B 203 36.95 -4.83 66.70
N THR B 204 37.47 -3.71 66.21
CA THR B 204 37.88 -3.64 64.80
C THR B 204 39.08 -4.54 64.54
N ALA B 205 39.98 -4.66 65.50
CA ALA B 205 41.13 -5.56 65.36
C ALA B 205 40.69 -7.02 65.29
N GLU B 206 39.69 -7.39 66.09
CA GLU B 206 39.17 -8.75 66.06
C GLU B 206 38.44 -9.05 64.76
N LYS B 207 37.96 -8.03 64.07
CA LYS B 207 37.30 -8.23 62.78
C LYS B 207 38.29 -8.66 61.71
N GLU B 208 39.56 -8.24 61.84
CA GLU B 208 40.59 -8.71 60.91
C GLU B 208 40.88 -10.19 61.09
N ILE B 209 40.72 -10.71 62.30
CA ILE B 209 40.90 -12.14 62.52
C ILE B 209 39.79 -12.94 61.85
N VAL B 210 38.56 -12.43 61.91
CA VAL B 210 37.43 -13.11 61.29
C VAL B 210 37.58 -13.14 59.77
N ARG B 211 38.17 -12.09 59.19
CA ARG B 211 38.38 -12.07 57.75
C ARG B 211 39.37 -13.15 57.31
N ASN B 212 40.38 -13.45 58.13
CA ASN B 212 41.31 -14.53 57.81
C ASN B 212 40.65 -15.90 57.90
N VAL B 213 39.68 -16.07 58.80
CA VAL B 213 38.96 -17.34 58.89
C VAL B 213 38.12 -17.56 57.64
N LYS B 214 37.54 -16.49 57.10
CA LYS B 214 36.71 -16.60 55.92
C LYS B 214 37.54 -17.03 54.71
N GLU B 215 38.74 -16.49 54.57
CA GLU B 215 39.57 -16.75 53.40
C GLU B 215 40.29 -18.09 53.44
N GLN B 216 40.19 -18.83 54.53
CA GLN B 216 40.89 -20.10 54.64
C GLN B 216 39.98 -21.30 54.83
N LEU B 217 38.81 -21.14 55.45
CA LEU B 217 37.98 -22.28 55.79
C LEU B 217 36.61 -22.31 55.12
N CYS B 218 36.15 -21.21 54.54
CA CYS B 218 34.82 -21.14 53.97
C CYS B 218 34.82 -21.65 52.53
N TYR B 219 33.74 -22.32 52.14
CA TYR B 219 33.59 -22.87 50.80
C TYR B 219 32.12 -22.91 50.45
N VAL B 220 31.84 -23.01 49.15
CA VAL B 220 30.47 -23.04 48.66
C VAL B 220 30.00 -24.49 48.58
N ALA B 221 28.83 -24.76 49.15
CA ALA B 221 28.23 -26.09 49.09
C ALA B 221 27.48 -26.27 47.79
N LEU B 222 27.73 -27.39 47.12
CA LEU B 222 27.06 -27.67 45.84
C LEU B 222 25.56 -27.86 46.04
N ASP B 223 25.16 -28.56 47.10
CA ASP B 223 23.76 -28.73 47.45
C ASP B 223 23.59 -28.29 48.90
N PHE B 224 22.97 -27.13 49.10
CA PHE B 224 22.94 -26.53 50.43
C PHE B 224 22.05 -27.32 51.39
N GLU B 225 20.87 -27.72 50.95
CA GLU B 225 19.93 -28.40 51.84
C GLU B 225 20.47 -29.75 52.30
N GLU B 226 21.09 -30.50 51.40
CA GLU B 226 21.69 -31.77 51.78
C GLU B 226 22.88 -31.57 52.71
N GLU B 227 23.66 -30.52 52.47
CA GLU B 227 24.84 -30.26 53.29
C GLU B 227 24.45 -29.98 54.74
N MET B 228 23.37 -29.23 54.95
CA MET B 228 22.91 -28.95 56.30
C MET B 228 22.49 -30.24 57.02
N THR B 229 21.79 -31.13 56.32
CA THR B 229 21.32 -32.37 56.92
C THR B 229 22.49 -33.26 57.33
N ASN B 230 23.51 -33.36 56.48
CA ASN B 230 24.66 -34.21 56.79
C ASN B 230 25.41 -33.70 58.01
N SER B 231 25.60 -32.39 58.12
CA SER B 231 26.31 -31.83 59.26
C SER B 231 25.50 -31.90 60.55
N ALA B 232 24.18 -32.03 60.44
CA ALA B 232 23.36 -32.15 61.64
C ALA B 232 23.62 -33.45 62.38
N LYS B 233 24.00 -34.50 61.65
CA LYS B 233 24.27 -35.81 62.22
C LYS B 233 25.75 -36.05 62.47
N SER B 234 26.59 -35.84 61.45
CA SER B 234 28.02 -36.03 61.64
C SER B 234 28.61 -34.99 62.57
N ALA B 235 28.21 -33.72 62.42
CA ALA B 235 28.73 -32.61 63.23
C ALA B 235 30.25 -32.54 63.17
N ASN B 236 30.81 -32.74 61.98
CA ASN B 236 32.24 -32.61 61.79
C ASN B 236 32.67 -31.15 61.93
N GLU B 237 33.82 -30.94 62.56
CA GLU B 237 34.31 -29.60 62.85
C GLU B 237 35.79 -29.50 62.51
N GLU B 238 36.25 -28.27 62.37
CA GLU B 238 37.64 -27.99 62.03
C GLU B 238 38.19 -26.95 63.01
N ALA B 239 39.47 -27.10 63.32
CA ALA B 239 40.13 -26.27 64.32
C ALA B 239 40.90 -25.14 63.67
N PHE B 240 40.82 -23.95 64.27
CA PHE B 240 41.54 -22.77 63.82
C PHE B 240 42.30 -22.21 65.02
N GLU B 241 43.56 -21.83 64.80
CA GLU B 241 44.42 -21.37 65.87
C GLU B 241 44.43 -19.84 65.90
N LEU B 242 44.05 -19.27 67.04
CA LEU B 242 43.99 -17.84 67.22
C LEU B 242 45.37 -17.26 67.48
N PRO B 243 45.55 -15.94 67.32
CA PRO B 243 46.88 -15.35 67.52
C PRO B 243 47.45 -15.55 68.92
N ASP B 244 46.60 -15.67 69.94
CA ASP B 244 47.07 -15.81 71.31
C ASP B 244 47.37 -17.25 71.69
N GLY B 245 47.16 -18.20 70.79
CA GLY B 245 47.46 -19.60 71.03
C GLY B 245 46.26 -20.48 71.28
N ASN B 246 45.08 -19.92 71.54
CA ASN B 246 43.90 -20.74 71.75
C ASN B 246 43.36 -21.26 70.42
N VAL B 247 42.48 -22.25 70.51
CA VAL B 247 41.97 -22.95 69.32
C VAL B 247 40.46 -22.78 69.28
N MET B 248 39.94 -22.41 68.11
CA MET B 248 38.52 -22.22 67.87
C MET B 248 38.03 -23.29 66.89
N MET B 249 36.88 -23.88 67.19
CA MET B 249 36.26 -24.89 66.35
C MET B 249 35.18 -24.26 65.48
N VAL B 250 35.18 -24.62 64.20
CA VAL B 250 34.21 -24.10 63.23
C VAL B 250 33.41 -25.27 62.67
N GLY B 251 32.08 -25.14 62.74
CA GLY B 251 31.20 -26.20 62.27
C GLY B 251 30.58 -25.93 60.91
N ASN B 252 29.27 -25.82 60.85
CA ASN B 252 28.59 -25.56 59.60
C ASN B 252 28.63 -24.09 59.20
N GLN B 253 29.31 -23.25 59.97
CA GLN B 253 29.52 -21.87 59.56
C GLN B 253 30.40 -21.78 58.32
N ARG B 254 31.10 -22.85 57.98
CA ARG B 254 32.02 -22.81 56.83
C ARG B 254 31.28 -22.61 55.53
N PHE B 255 30.15 -23.29 55.34
CA PHE B 255 29.41 -23.13 54.09
C PHE B 255 28.17 -22.25 54.22
N ARG B 256 27.78 -21.88 55.44
CA ARG B 256 26.67 -20.95 55.60
C ARG B 256 27.08 -19.51 55.30
N CYS B 257 28.33 -19.16 55.56
CA CYS B 257 28.77 -17.79 55.30
C CYS B 257 28.72 -17.41 53.82
N PRO B 258 29.28 -18.18 52.88
CA PRO B 258 29.18 -17.77 51.47
C PRO B 258 27.83 -18.01 50.83
N GLU B 259 26.90 -18.69 51.51
CA GLU B 259 25.55 -18.88 51.01
C GLU B 259 24.77 -17.57 50.92
N VAL B 260 25.26 -16.50 51.57
CA VAL B 260 24.60 -15.20 51.48
C VAL B 260 24.61 -14.69 50.05
N LEU B 261 25.69 -14.96 49.31
CA LEU B 261 25.77 -14.52 47.92
C LEU B 261 24.71 -15.15 47.04
N PHE B 262 24.09 -16.26 47.49
CA PHE B 262 23.04 -16.91 46.73
C PHE B 262 21.64 -16.68 47.29
N LYS B 263 21.51 -16.25 48.54
CA LYS B 263 20.22 -15.85 49.10
C LYS B 263 20.43 -14.69 50.06
N PRO B 264 20.36 -13.45 49.56
CA PRO B 264 20.65 -12.29 50.41
C PRO B 264 19.62 -12.01 51.49
N SER B 265 18.53 -12.77 51.56
CA SER B 265 17.56 -12.58 52.63
C SER B 265 18.08 -13.00 54.00
N LEU B 266 19.21 -13.71 54.05
CA LEU B 266 19.79 -14.09 55.34
C LEU B 266 20.31 -12.88 56.11
N ILE B 267 20.64 -11.79 55.42
CA ILE B 267 21.13 -10.58 56.06
C ILE B 267 20.13 -9.44 55.94
N GLY B 268 18.89 -9.73 55.54
CA GLY B 268 17.84 -8.74 55.53
C GLY B 268 17.52 -8.14 54.18
N LEU B 269 18.33 -8.37 53.16
CA LEU B 269 18.03 -7.86 51.82
C LEU B 269 17.06 -8.82 51.14
N ASP B 270 15.81 -8.74 51.58
CA ASP B 270 14.78 -9.68 51.16
C ASP B 270 14.42 -9.58 49.68
N GLU B 271 14.80 -8.50 49.00
CA GLU B 271 14.43 -8.32 47.61
C GLU B 271 15.61 -8.19 46.67
N ALA B 272 16.84 -8.19 47.17
CA ALA B 272 18.00 -8.22 46.29
C ALA B 272 18.08 -9.57 45.59
N PRO B 273 18.45 -9.60 44.30
CA PRO B 273 18.40 -10.85 43.55
C PRO B 273 19.37 -11.94 43.99
N GLY B 274 20.66 -11.65 44.03
CA GLY B 274 21.67 -12.68 44.19
C GLY B 274 22.37 -12.99 42.88
N PHE B 275 23.48 -13.74 42.98
CA PHE B 275 24.37 -13.91 41.83
C PHE B 275 23.70 -14.52 40.61
N PRO B 276 22.97 -15.64 40.70
CA PRO B 276 22.35 -16.18 39.48
C PRO B 276 21.28 -15.28 38.90
N GLU B 277 20.47 -14.65 39.74
CA GLU B 277 19.40 -13.80 39.24
C GLU B 277 19.92 -12.47 38.74
N MET B 278 21.02 -11.98 39.31
CA MET B 278 21.61 -10.74 38.84
C MET B 278 22.08 -10.86 37.40
N VAL B 279 22.70 -11.98 37.05
CA VAL B 279 23.14 -12.23 35.67
C VAL B 279 21.94 -12.44 34.77
N TYR B 280 20.96 -13.21 35.23
CA TYR B 280 19.80 -13.54 34.41
C TYR B 280 18.98 -12.31 34.06
N GLN B 281 18.76 -11.43 35.04
CA GLN B 281 17.99 -10.22 34.78
C GLN B 281 18.73 -9.24 33.89
N SER B 282 20.05 -9.19 34.01
CA SER B 282 20.83 -8.27 33.20
C SER B 282 20.84 -8.69 31.73
N ILE B 283 20.84 -10.00 31.47
CA ILE B 283 20.88 -10.49 30.10
C ILE B 283 19.55 -10.22 29.39
N ASN B 284 18.44 -10.42 30.09
CA ASN B 284 17.11 -10.28 29.50
C ASN B 284 16.70 -8.84 29.30
N LYS B 285 17.59 -7.88 29.49
CA LYS B 285 17.31 -6.48 29.23
C LYS B 285 18.09 -5.93 28.05
N CYS B 286 18.80 -6.76 27.31
CA CYS B 286 19.73 -6.25 26.29
C CYS B 286 19.10 -6.19 24.91
N ASP B 287 18.84 -7.36 24.32
CA ASP B 287 18.16 -7.48 23.03
C ASP B 287 18.05 -8.97 22.70
N ILE B 288 17.04 -9.37 21.94
CA ILE B 288 16.85 -10.79 21.72
C ILE B 288 17.97 -11.36 20.85
N ASP B 289 18.57 -10.55 20.00
CA ASP B 289 19.62 -11.00 19.08
C ASP B 289 21.01 -10.99 19.71
N VAL B 290 21.14 -10.61 20.97
CA VAL B 290 22.41 -10.54 21.65
C VAL B 290 22.55 -11.58 22.76
N ARG B 291 21.44 -12.15 23.23
CA ARG B 291 21.45 -12.92 24.47
C ARG B 291 22.25 -14.22 24.34
N ARG B 292 22.21 -14.87 23.19
CA ARG B 292 22.90 -16.15 23.06
C ARG B 292 24.41 -16.01 23.20
N GLU B 293 24.97 -14.92 22.66
CA GLU B 293 26.40 -14.69 22.80
C GLU B 293 26.78 -14.33 24.23
N LEU B 294 25.90 -13.63 24.95
CA LEU B 294 26.19 -13.27 26.34
C LEU B 294 26.21 -14.50 27.24
N TYR B 295 25.30 -15.45 27.01
CA TYR B 295 25.29 -16.68 27.80
C TYR B 295 26.58 -17.47 27.63
N GLY B 296 27.25 -17.33 26.50
CA GLY B 296 28.45 -18.08 26.24
C GLY B 296 29.73 -17.52 26.83
N ASN B 297 29.69 -16.31 27.38
CA ASN B 297 30.89 -15.70 27.97
C ASN B 297 30.50 -14.95 29.23
N ILE B 298 30.52 -15.65 30.35
CA ILE B 298 30.24 -15.06 31.67
C ILE B 298 31.54 -15.05 32.45
N VAL B 299 32.01 -13.86 32.79
CA VAL B 299 33.36 -13.66 33.32
C VAL B 299 33.26 -13.27 34.79
N LEU B 300 34.04 -13.94 35.63
CA LEU B 300 34.11 -13.66 37.06
C LEU B 300 35.33 -12.81 37.37
N SER B 301 35.14 -11.83 38.26
CA SER B 301 36.22 -10.95 38.64
C SER B 301 36.03 -10.54 40.10
N GLY B 302 37.15 -10.26 40.77
CA GLY B 302 37.12 -9.78 42.13
C GLY B 302 37.46 -10.86 43.15
N GLY B 303 37.83 -10.41 44.35
CA GLY B 303 38.24 -11.31 45.41
C GLY B 303 37.11 -12.08 46.07
N SER B 304 35.88 -11.57 46.00
CA SER B 304 34.75 -12.28 46.59
C SER B 304 34.24 -13.42 45.73
N THR B 305 34.84 -13.65 44.56
CA THR B 305 34.52 -14.81 43.74
C THR B 305 35.52 -15.94 43.90
N MET B 306 36.39 -15.87 44.91
CA MET B 306 37.48 -16.84 45.06
C MET B 306 37.12 -18.02 45.94
N PHE B 307 35.88 -18.14 46.39
CA PHE B 307 35.48 -19.29 47.18
C PHE B 307 35.58 -20.58 46.36
N LEU B 308 35.88 -21.68 47.04
CA LEU B 308 35.90 -22.97 46.39
C LEU B 308 34.50 -23.40 46.00
N ASN B 309 34.37 -23.96 44.79
CA ASN B 309 33.14 -24.45 44.17
C ASN B 309 32.20 -23.35 43.71
N LEU B 310 32.58 -22.08 43.81
CA LEU B 310 31.68 -21.02 43.37
C LEU B 310 31.41 -21.04 41.86
N PRO B 311 32.41 -21.17 40.98
CA PRO B 311 32.09 -21.24 39.55
C PRO B 311 31.20 -22.40 39.16
N GLU B 312 31.33 -23.55 39.82
CA GLU B 312 30.52 -24.71 39.47
C GLU B 312 29.08 -24.53 39.92
N ARG B 313 28.87 -24.00 41.12
CA ARG B 313 27.52 -23.76 41.61
C ARG B 313 26.82 -22.70 40.78
N LEU B 314 27.54 -21.67 40.36
CA LEU B 314 26.94 -20.60 39.57
C LEU B 314 26.45 -21.12 38.21
N ALA B 315 27.24 -21.99 37.57
CA ALA B 315 26.85 -22.52 36.27
C ALA B 315 25.59 -23.35 36.36
N LYS B 316 25.47 -24.17 37.41
CA LYS B 316 24.29 -25.02 37.56
C LYS B 316 23.03 -24.19 37.79
N GLU B 317 23.13 -23.13 38.61
CA GLU B 317 21.95 -22.33 38.93
C GLU B 317 21.44 -21.57 37.71
N ILE B 318 22.35 -21.07 36.87
CA ILE B 318 21.92 -20.34 35.68
C ILE B 318 21.25 -21.29 34.69
N SER B 319 21.75 -22.51 34.57
CA SER B 319 21.16 -23.47 33.65
C SER B 319 19.71 -23.80 34.01
N ASN B 320 19.33 -23.65 35.27
CA ASN B 320 17.94 -23.86 35.65
C ASN B 320 17.04 -22.68 35.31
N LEU B 321 17.61 -21.53 34.97
CA LEU B 321 16.83 -20.36 34.61
C LEU B 321 16.72 -20.14 33.11
N ALA B 322 17.76 -20.49 32.36
CA ALA B 322 17.79 -20.30 30.92
C ALA B 322 16.93 -21.34 30.21
N PRO B 323 16.55 -21.09 28.95
CA PRO B 323 15.82 -22.09 28.18
C PRO B 323 16.67 -23.31 27.88
N SER B 324 15.99 -24.38 27.45
CA SER B 324 16.62 -25.70 27.36
C SER B 324 17.72 -25.76 26.31
N SER B 325 17.63 -24.95 25.26
CA SER B 325 18.63 -25.01 24.19
C SER B 325 19.87 -24.17 24.48
N ILE B 326 19.95 -23.52 25.63
CA ILE B 326 21.07 -22.64 25.97
C ILE B 326 22.01 -23.40 26.89
N LYS B 327 23.31 -23.33 26.60
CA LYS B 327 24.36 -23.93 27.42
C LYS B 327 25.24 -22.82 27.96
N PRO B 328 24.96 -22.32 29.16
CA PRO B 328 25.80 -21.26 29.74
C PRO B 328 27.20 -21.74 30.03
N LYS B 329 28.16 -20.83 29.88
CA LYS B 329 29.57 -21.13 30.14
C LYS B 329 30.16 -20.04 31.01
N VAL B 330 30.76 -20.44 32.13
CA VAL B 330 31.34 -19.51 33.09
C VAL B 330 32.86 -19.60 32.98
N VAL B 331 33.51 -18.45 32.81
CA VAL B 331 34.95 -18.36 32.71
C VAL B 331 35.49 -17.76 33.99
N ALA B 332 36.35 -18.51 34.69
CA ALA B 332 36.91 -18.10 35.98
C ALA B 332 38.42 -18.24 35.93
N PRO B 333 39.14 -17.18 35.56
CA PRO B 333 40.59 -17.26 35.51
C PRO B 333 41.17 -17.52 36.89
N PRO B 334 42.27 -18.28 36.97
CA PRO B 334 42.90 -18.52 38.28
C PRO B 334 43.47 -17.28 38.93
N GLU B 335 43.68 -16.21 38.17
CA GLU B 335 44.26 -14.97 38.69
C GLU B 335 43.28 -13.81 38.61
N ARG B 336 41.98 -14.10 38.77
CA ARG B 336 40.95 -13.09 38.58
C ARG B 336 40.91 -12.04 39.68
N LYS B 337 41.67 -12.21 40.76
CA LYS B 337 41.74 -11.17 41.77
C LYS B 337 42.44 -9.92 41.26
N TYR B 338 43.25 -10.02 40.20
CA TYR B 338 43.99 -8.88 39.67
C TYR B 338 43.56 -8.52 38.25
N SER B 339 42.37 -8.94 37.82
CA SER B 339 41.95 -8.69 36.44
C SER B 339 41.82 -7.20 36.15
N VAL B 340 41.28 -6.43 37.09
CA VAL B 340 41.07 -5.00 36.84
C VAL B 340 42.40 -4.30 36.67
N TRP B 341 43.39 -4.62 37.52
CA TRP B 341 44.69 -3.98 37.39
C TRP B 341 45.39 -4.37 36.10
N ILE B 342 45.30 -5.65 35.72
CA ILE B 342 45.98 -6.13 34.53
C ILE B 342 45.39 -5.48 33.28
N GLY B 343 44.06 -5.40 33.21
CA GLY B 343 43.43 -4.77 32.06
C GLY B 343 43.77 -3.30 31.93
N GLY B 344 43.88 -2.60 33.05
CA GLY B 344 44.29 -1.21 33.02
C GLY B 344 45.72 -1.02 32.55
N SER B 345 46.59 -1.98 32.87
CA SER B 345 47.96 -1.93 32.36
C SER B 345 48.01 -2.11 30.85
N ILE B 346 47.16 -2.99 30.32
CA ILE B 346 47.10 -3.19 28.87
C ILE B 346 46.56 -1.96 28.17
N LEU B 347 45.46 -1.41 28.68
CA LEU B 347 44.80 -0.28 28.01
C LEU B 347 45.70 0.93 27.94
N SER B 348 46.42 1.24 29.01
CA SER B 348 47.28 2.42 29.04
C SER B 348 48.51 2.26 28.17
N SER B 349 48.83 1.05 27.70
CA SER B 349 49.98 0.84 26.83
C SER B 349 49.65 1.01 25.36
N LEU B 350 48.37 1.14 24.99
CA LEU B 350 47.99 1.24 23.59
C LEU B 350 48.38 2.60 23.03
N THR B 351 48.78 2.63 21.76
CA THR B 351 49.19 3.88 21.13
C THR B 351 47.99 4.76 20.81
N THR B 352 46.81 4.17 20.61
CA THR B 352 45.61 4.95 20.36
C THR B 352 45.05 5.62 21.61
N PHE B 353 45.51 5.20 22.79
CA PHE B 353 45.03 5.76 24.04
C PHE B 353 45.69 7.08 24.40
N GLN B 354 46.78 7.45 23.73
CA GLN B 354 47.56 8.61 24.12
C GLN B 354 46.80 9.92 23.97
N THR B 355 45.71 9.94 23.22
CA THR B 355 44.88 11.13 23.12
C THR B 355 43.75 11.17 24.14
N MET B 356 43.56 10.11 24.92
CA MET B 356 42.47 10.03 25.87
C MET B 356 42.80 10.61 27.23
N TRP B 357 44.05 10.96 27.49
CA TRP B 357 44.42 11.54 28.77
C TRP B 357 43.79 12.91 28.94
N VAL B 358 43.33 13.20 30.16
CA VAL B 358 42.79 14.51 30.50
C VAL B 358 43.94 15.37 31.00
N LYS B 359 44.30 16.39 30.25
CA LYS B 359 45.44 17.22 30.59
C LYS B 359 45.08 18.24 31.66
N LYS B 360 46.11 18.72 32.36
CA LYS B 360 45.92 19.70 33.42
C LYS B 360 45.42 21.03 32.86
N SER B 361 45.87 21.40 31.66
CA SER B 361 45.46 22.66 31.07
C SER B 361 43.96 22.70 30.82
N GLU B 362 43.38 21.59 30.37
CA GLU B 362 41.93 21.53 30.14
C GLU B 362 41.17 21.70 31.45
N TYR B 363 41.67 21.12 32.53
CA TYR B 363 41.01 21.26 33.82
C TYR B 363 41.03 22.71 34.30
N ASP B 364 42.08 23.45 33.94
CA ASP B 364 42.19 24.84 34.37
C ASP B 364 41.07 25.70 33.80
N GLU B 365 40.60 25.37 32.60
CA GLU B 365 39.55 26.16 31.95
C GLU B 365 38.16 25.59 32.23
N SER B 366 37.93 24.34 31.84
CA SER B 366 36.60 23.75 31.99
C SER B 366 36.21 23.60 33.45
N GLY B 367 37.14 23.19 34.30
CA GLY B 367 36.85 22.95 35.69
C GLY B 367 36.71 21.48 36.00
N PRO B 368 36.28 21.16 37.22
CA PRO B 368 36.14 19.74 37.59
C PRO B 368 35.11 18.98 36.77
N SER B 369 34.18 19.68 36.12
CA SER B 369 33.12 19.00 35.36
C SER B 369 33.62 18.39 34.06
N ILE B 370 34.87 18.67 33.66
CA ILE B 370 35.38 18.12 32.41
C ILE B 370 35.48 16.59 32.48
N VAL B 371 35.61 16.04 33.69
CA VAL B 371 35.79 14.60 33.84
C VAL B 371 34.56 13.83 33.38
N HIS B 372 33.39 14.46 33.43
CA HIS B 372 32.17 13.79 32.99
C HIS B 372 32.09 13.72 31.47
N ASN B 373 32.54 14.77 30.78
CA ASN B 373 32.50 14.78 29.32
C ASN B 373 33.42 13.72 28.74
N LYS B 374 34.65 13.66 29.24
CA LYS B 374 35.59 12.61 28.86
C LYS B 374 35.39 11.41 29.76
N CYS B 375 36.31 10.45 29.71
CA CYS B 375 36.26 9.25 30.56
C CYS B 375 34.93 8.52 30.39
N PHE B 376 34.58 8.25 29.14
CA PHE B 376 33.35 7.53 28.82
C PHE B 376 33.64 6.08 28.48
N SER C 7 -29.02 -1.37 40.82
CA SER C 7 -28.14 -0.39 40.19
C SER C 7 -26.90 -1.05 39.61
N SER C 8 -26.36 -0.48 38.53
CA SER C 8 -25.20 -1.04 37.86
C SER C 8 -23.92 -0.51 38.49
N ILE C 9 -22.87 -1.33 38.41
CA ILE C 9 -21.57 -1.04 39.01
C ILE C 9 -20.59 -0.72 37.90
N VAL C 10 -19.84 0.37 38.08
CA VAL C 10 -18.78 0.76 37.14
C VAL C 10 -17.45 0.61 37.87
N CYS C 11 -16.57 -0.23 37.32
CA CYS C 11 -15.27 -0.51 37.92
C CYS C 11 -14.18 -0.27 36.89
N ASP C 12 -13.44 0.83 37.04
CA ASP C 12 -12.32 1.17 36.17
C ASP C 12 -11.05 0.65 36.80
N ASN C 13 -10.57 -0.50 36.34
CA ASN C 13 -9.41 -1.16 36.90
C ASN C 13 -8.24 -1.07 35.92
N GLY C 14 -7.26 -0.24 36.24
CA GLY C 14 -6.04 -0.14 35.47
C GLY C 14 -4.86 -0.78 36.16
N SER C 15 -3.67 -0.47 35.65
CA SER C 15 -2.46 -1.03 36.21
C SER C 15 -2.20 -0.52 37.62
N GLY C 16 -2.52 0.75 37.89
CA GLY C 16 -2.15 1.35 39.15
C GLY C 16 -3.25 1.46 40.18
N MET C 17 -4.44 1.86 39.77
CA MET C 17 -5.51 2.20 40.70
C MET C 17 -6.76 1.40 40.39
N VAL C 18 -7.67 1.37 41.37
CA VAL C 18 -9.01 0.82 41.21
C VAL C 18 -9.99 1.93 41.51
N LYS C 19 -10.95 2.14 40.61
CA LYS C 19 -11.99 3.15 40.78
C LYS C 19 -13.35 2.48 40.62
N ALA C 20 -14.18 2.56 41.65
CA ALA C 20 -15.45 1.86 41.69
C ALA C 20 -16.57 2.80 42.11
N GLY C 21 -17.78 2.46 41.73
CA GLY C 21 -18.93 3.30 42.03
C GLY C 21 -20.18 2.74 41.39
N PHE C 22 -21.22 3.57 41.38
CA PHE C 22 -22.52 3.21 40.84
C PHE C 22 -22.87 4.10 39.65
N SER C 23 -23.68 3.56 38.74
CA SER C 23 -24.10 4.30 37.58
C SER C 23 -24.96 5.50 37.97
N GLY C 24 -24.78 6.60 37.26
CA GLY C 24 -25.53 7.81 37.49
C GLY C 24 -24.81 8.83 38.34
N ASP C 25 -23.79 8.43 39.09
CA ASP C 25 -23.04 9.37 39.92
C ASP C 25 -22.07 10.16 39.06
N ASP C 26 -21.62 11.28 39.60
CA ASP C 26 -20.70 12.16 38.91
C ASP C 26 -19.24 11.85 39.19
N ALA C 27 -18.95 10.95 40.13
CA ALA C 27 -17.58 10.64 40.49
C ALA C 27 -17.57 9.30 41.22
N PRO C 28 -16.47 8.55 41.15
CA PRO C 28 -16.38 7.33 41.94
C PRO C 28 -16.27 7.65 43.43
N ARG C 29 -16.76 6.73 44.24
CA ARG C 29 -16.71 6.92 45.69
C ARG C 29 -15.58 6.16 46.36
N HIS C 30 -14.87 5.29 45.64
CA HIS C 30 -13.79 4.51 46.24
C HIS C 30 -12.64 4.42 45.26
N VAL C 31 -11.50 4.97 45.62
CA VAL C 31 -10.27 4.94 44.82
C VAL C 31 -9.14 4.47 45.72
N PHE C 32 -8.53 3.33 45.39
CA PHE C 32 -7.43 2.80 46.18
C PHE C 32 -6.42 2.12 45.27
N PRO C 33 -5.16 2.04 45.69
CA PRO C 33 -4.15 1.38 44.85
C PRO C 33 -4.38 -0.11 44.71
N SER C 34 -3.95 -0.65 43.57
CA SER C 34 -4.18 -2.04 43.21
C SER C 34 -2.96 -2.89 43.58
N ILE C 35 -2.80 -3.14 44.87
CA ILE C 35 -1.63 -3.82 45.40
C ILE C 35 -2.05 -4.90 46.39
N VAL C 36 -1.17 -5.88 46.57
CA VAL C 36 -1.31 -6.96 47.54
C VAL C 36 -0.02 -7.08 48.32
N GLY C 37 -0.11 -7.14 49.64
CA GLY C 37 1.06 -7.18 50.49
C GLY C 37 1.11 -8.43 51.36
N ARG C 38 2.32 -8.94 51.57
CA ARG C 38 2.55 -10.12 52.39
C ARG C 38 3.69 -9.86 53.37
N PRO C 39 3.57 -10.33 54.61
CA PRO C 39 4.64 -10.11 55.58
C PRO C 39 5.91 -10.88 55.22
N LYS C 40 7.04 -10.28 55.54
CA LYS C 40 8.34 -10.87 55.23
C LYS C 40 9.11 -11.31 56.46
N ASN C 41 8.53 -11.17 57.66
CA ASN C 41 9.15 -11.64 58.88
C ASN C 41 8.11 -12.38 59.72
N MET C 42 8.59 -13.01 60.79
CA MET C 42 7.77 -13.86 61.63
C MET C 42 7.05 -13.05 62.71
N GLN C 43 5.87 -13.52 63.07
CA GLN C 43 5.11 -12.91 64.15
C GLN C 43 5.79 -13.18 65.49
N ALA C 44 5.91 -12.13 66.32
CA ALA C 44 6.57 -12.24 67.60
C ALA C 44 5.62 -12.19 68.79
N MET C 45 4.51 -11.48 68.68
CA MET C 45 3.52 -11.38 69.75
C MET C 45 2.37 -12.34 69.47
N MET C 46 1.46 -12.43 70.44
CA MET C 46 0.33 -13.37 70.38
C MET C 46 -1.03 -12.70 70.29
N GLY C 47 -1.18 -11.46 70.74
CA GLY C 47 -2.46 -10.80 70.75
C GLY C 47 -2.81 -10.02 69.51
N SER C 48 -1.98 -10.05 68.47
CA SER C 48 -2.21 -9.22 67.31
C SER C 48 -3.28 -9.83 66.41
N ALA C 49 -4.01 -8.95 65.72
CA ALA C 49 -5.03 -9.35 64.75
C ALA C 49 -4.49 -9.33 63.34
N ASN C 50 -3.22 -9.71 63.17
CA ASN C 50 -2.58 -9.70 61.87
C ASN C 50 -3.22 -10.70 60.92
N LYS C 51 -3.25 -10.35 59.65
CA LYS C 51 -3.70 -11.23 58.59
C LYS C 51 -2.50 -11.89 57.93
N THR C 52 -2.74 -12.63 56.86
CA THR C 52 -1.67 -13.17 56.04
C THR C 52 -1.52 -12.46 54.70
N VAL C 53 -2.57 -11.78 54.22
CA VAL C 53 -2.54 -11.01 52.99
C VAL C 53 -3.23 -9.69 53.22
N TYR C 54 -2.65 -8.61 52.73
CA TYR C 54 -3.21 -7.27 52.85
C TYR C 54 -3.50 -6.71 51.47
N VAL C 55 -4.64 -6.02 51.34
CA VAL C 55 -5.13 -5.53 50.06
C VAL C 55 -5.46 -4.05 50.19
N GLY C 56 -5.01 -3.25 49.24
CA GLY C 56 -5.51 -1.88 49.13
C GLY C 56 -4.78 -0.94 50.04
N ASP C 57 -5.55 -0.08 50.73
CA ASP C 57 -4.97 0.89 51.64
C ASP C 57 -4.41 0.26 52.90
N GLU C 58 -4.87 -0.93 53.28
CA GLU C 58 -4.26 -1.63 54.39
C GLU C 58 -2.79 -1.94 54.10
N ALA C 59 -2.51 -2.42 52.89
CA ALA C 59 -1.14 -2.73 52.51
C ALA C 59 -0.29 -1.47 52.42
N GLN C 60 -0.88 -0.36 52.00
CA GLN C 60 -0.14 0.89 51.88
C GLN C 60 0.32 1.40 53.24
N SER C 61 -0.53 1.28 54.26
CA SER C 61 -0.20 1.85 55.56
C SER C 61 0.85 1.03 56.29
N LYS C 62 0.79 -0.30 56.19
CA LYS C 62 1.71 -1.19 56.88
C LYS C 62 2.86 -1.63 55.99
N ARG C 63 3.23 -0.82 55.00
CA ARG C 63 4.20 -1.26 54.01
C ARG C 63 5.61 -1.41 54.58
N GLY C 64 5.87 -0.95 55.80
CA GLY C 64 7.19 -1.07 56.37
C GLY C 64 7.60 -2.51 56.64
N VAL C 65 6.63 -3.41 56.79
CA VAL C 65 6.91 -4.81 57.09
C VAL C 65 6.39 -5.75 56.02
N LEU C 66 6.01 -5.23 54.85
CA LEU C 66 5.42 -6.03 53.80
C LEU C 66 6.20 -5.87 52.51
N SER C 67 6.09 -6.88 51.64
CA SER C 67 6.55 -6.79 50.26
C SER C 67 5.33 -6.68 49.36
N LEU C 68 5.36 -5.72 48.45
CA LEU C 68 4.20 -5.33 47.66
C LEU C 68 4.32 -5.84 46.23
N LYS C 69 3.19 -6.24 45.65
CA LYS C 69 3.13 -6.68 44.26
C LYS C 69 1.95 -6.06 43.55
N TYR C 70 2.13 -5.80 42.25
CA TYR C 70 1.04 -5.37 41.38
C TYR C 70 0.59 -6.55 40.53
N PRO C 71 -0.65 -7.02 40.66
CA PRO C 71 -1.10 -8.12 39.79
C PRO C 71 -1.11 -7.79 38.30
N ILE C 72 -1.36 -6.54 37.92
CA ILE C 72 -1.46 -6.14 36.52
C ILE C 72 -0.18 -5.42 36.13
N GLU C 73 0.41 -5.82 35.00
CA GLU C 73 1.60 -5.17 34.47
C GLU C 73 1.40 -4.95 32.97
N HIS C 74 1.52 -3.69 32.55
CA HIS C 74 1.29 -3.29 31.15
C HIS C 74 -0.11 -3.68 30.68
N GLY C 75 -1.09 -3.57 31.58
CA GLY C 75 -2.47 -3.84 31.25
C GLY C 75 -2.85 -5.30 31.16
N ILE C 76 -1.96 -6.22 31.53
CA ILE C 76 -2.20 -7.65 31.41
C ILE C 76 -2.04 -8.28 32.78
N VAL C 77 -3.02 -9.09 33.18
CA VAL C 77 -2.99 -9.73 34.49
C VAL C 77 -1.94 -10.84 34.48
N THR C 78 -1.00 -10.76 35.42
CA THR C 78 0.07 -11.74 35.53
C THR C 78 -0.09 -12.68 36.72
N ASN C 79 -1.12 -12.48 37.55
CA ASN C 79 -1.37 -13.36 38.70
C ASN C 79 -2.87 -13.33 38.96
N TRP C 80 -3.57 -14.40 38.58
CA TRP C 80 -5.02 -14.40 38.70
C TRP C 80 -5.50 -14.64 40.12
N ASP C 81 -4.71 -15.33 40.94
CA ASP C 81 -5.10 -15.52 42.34
C ASP C 81 -5.12 -14.19 43.08
N ASP C 82 -4.10 -13.36 42.89
CA ASP C 82 -4.09 -12.04 43.53
C ASP C 82 -5.08 -11.09 42.88
N MET C 83 -5.49 -11.35 41.64
CA MET C 83 -6.49 -10.51 41.01
C MET C 83 -7.89 -10.75 41.58
N GLU C 84 -8.19 -11.98 41.99
CA GLU C 84 -9.46 -12.26 42.63
C GLU C 84 -9.55 -11.63 44.01
N LYS C 85 -8.42 -11.55 44.73
CA LYS C 85 -8.43 -10.91 46.04
C LYS C 85 -8.79 -9.45 45.95
N ILE C 86 -8.33 -8.78 44.89
CA ILE C 86 -8.64 -7.36 44.72
C ILE C 86 -10.11 -7.16 44.38
N TRP C 87 -10.68 -8.01 43.52
CA TRP C 87 -12.09 -7.90 43.20
C TRP C 87 -12.96 -8.26 44.40
N HIS C 88 -12.56 -9.28 45.16
CA HIS C 88 -13.29 -9.65 46.36
C HIS C 88 -13.28 -8.51 47.38
N HIS C 89 -12.16 -7.80 47.46
CA HIS C 89 -12.07 -6.64 48.34
C HIS C 89 -13.02 -5.53 47.90
N THR C 90 -13.15 -5.33 46.60
CA THR C 90 -13.96 -4.22 46.09
C THR C 90 -15.45 -4.43 46.33
N PHE C 91 -15.92 -5.66 46.12
CA PHE C 91 -17.37 -5.90 46.22
C PHE C 91 -17.84 -5.91 47.67
N TYR C 92 -17.07 -6.52 48.57
CA TYR C 92 -17.53 -6.79 49.93
C TYR C 92 -17.05 -5.78 50.95
N ASN C 93 -15.93 -5.12 50.74
CA ASN C 93 -15.39 -4.19 51.72
C ASN C 93 -15.55 -2.73 51.33
N GLU C 94 -15.63 -2.42 50.03
CA GLU C 94 -15.71 -1.04 49.55
C GLU C 94 -17.15 -0.67 49.18
N LEU C 95 -17.76 -1.42 48.28
CA LEU C 95 -19.16 -1.17 47.91
C LEU C 95 -20.14 -1.84 48.87
N ARG C 96 -19.75 -2.97 49.47
CA ARG C 96 -20.57 -3.68 50.44
C ARG C 96 -21.92 -4.08 49.84
N VAL C 97 -21.87 -4.79 48.73
CA VAL C 97 -23.06 -5.22 48.00
C VAL C 97 -22.97 -6.72 47.77
N ASN C 98 -24.08 -7.28 47.29
CA ASN C 98 -24.12 -8.67 46.86
C ASN C 98 -23.99 -8.70 45.34
N PRO C 99 -22.88 -9.19 44.79
CA PRO C 99 -22.64 -9.07 43.35
C PRO C 99 -23.60 -9.86 42.48
N GLU C 100 -24.55 -10.58 43.05
CA GLU C 100 -25.51 -11.34 42.27
C GLU C 100 -26.74 -10.53 41.87
N GLN C 101 -26.76 -9.24 42.20
CA GLN C 101 -27.94 -8.42 41.95
C GLN C 101 -27.64 -7.17 41.14
N HIS C 102 -26.43 -7.03 40.60
CA HIS C 102 -26.03 -5.83 39.88
C HIS C 102 -25.35 -6.20 38.58
N ASN C 103 -25.45 -5.30 37.61
CA ASN C 103 -24.69 -5.39 36.37
C ASN C 103 -23.32 -4.74 36.56
N VAL C 104 -22.31 -5.30 35.90
CA VAL C 104 -20.94 -4.87 36.06
C VAL C 104 -20.40 -4.43 34.69
N LEU C 105 -19.81 -3.25 34.63
CA LEU C 105 -19.16 -2.74 33.44
C LEU C 105 -17.67 -2.59 33.70
N LEU C 106 -16.85 -3.20 32.86
CA LEU C 106 -15.40 -3.21 32.99
C LEU C 106 -14.76 -2.53 31.80
N THR C 107 -13.46 -2.25 31.93
CA THR C 107 -12.70 -1.53 30.91
C THR C 107 -11.44 -2.31 30.57
N GLU C 108 -10.89 -2.01 29.38
CA GLU C 108 -9.68 -2.68 28.92
C GLU C 108 -8.99 -1.81 27.89
N ALA C 109 -7.67 -1.98 27.78
CA ALA C 109 -6.88 -1.30 26.77
C ALA C 109 -6.98 -2.02 25.43
N PRO C 110 -6.86 -1.29 24.32
CA PRO C 110 -6.95 -1.92 23.00
C PRO C 110 -5.75 -2.80 22.69
N MET C 111 -5.99 -3.77 21.79
CA MET C 111 -4.96 -4.67 21.28
C MET C 111 -4.32 -5.51 22.38
N ASN C 112 -5.13 -5.92 23.36
CA ASN C 112 -4.73 -6.82 24.42
C ASN C 112 -4.88 -8.27 23.96
N PRO C 113 -4.12 -9.20 24.55
CA PRO C 113 -4.29 -10.61 24.22
C PRO C 113 -5.69 -11.10 24.52
N LYS C 114 -6.18 -12.01 23.69
CA LYS C 114 -7.56 -12.48 23.82
C LYS C 114 -7.77 -13.27 25.10
N GLN C 115 -6.74 -13.96 25.58
CA GLN C 115 -6.88 -14.77 26.79
C GLN C 115 -7.16 -13.91 28.02
N ASN C 116 -6.68 -12.66 28.02
CA ASN C 116 -6.93 -11.76 29.13
C ASN C 116 -8.43 -11.49 29.28
N ARG C 117 -9.11 -11.27 28.17
CA ARG C 117 -10.53 -10.95 28.20
C ARG C 117 -11.37 -12.19 28.53
N GLU C 118 -10.92 -13.36 28.13
CA GLU C 118 -11.69 -14.59 28.35
C GLU C 118 -11.65 -15.02 29.81
N LYS C 119 -10.48 -14.96 30.44
CA LYS C 119 -10.38 -15.33 31.85
C LYS C 119 -11.12 -14.37 32.74
N MET C 120 -11.18 -13.10 32.36
CA MET C 120 -11.94 -12.12 33.15
C MET C 120 -13.42 -12.46 33.14
N THR C 121 -13.96 -12.87 31.99
CA THR C 121 -15.37 -13.21 31.91
C THR C 121 -15.68 -14.47 32.71
N GLN C 122 -14.80 -15.47 32.66
CA GLN C 122 -15.04 -16.72 33.36
C GLN C 122 -15.12 -16.51 34.87
N ILE C 123 -14.25 -15.66 35.42
CA ILE C 123 -14.25 -15.40 36.85
C ILE C 123 -15.52 -14.68 37.27
N MET C 124 -15.94 -13.67 36.50
CA MET C 124 -17.11 -12.88 36.88
C MET C 124 -18.38 -13.72 36.90
N PHE C 125 -18.55 -14.61 35.92
CA PHE C 125 -19.77 -15.38 35.83
C PHE C 125 -19.78 -16.57 36.79
N GLU C 126 -18.64 -17.22 36.99
CA GLU C 126 -18.62 -18.46 37.75
C GLU C 126 -18.29 -18.26 39.22
N THR C 127 -17.36 -17.36 39.54
CA THR C 127 -17.00 -17.13 40.93
C THR C 127 -17.96 -16.17 41.63
N PHE C 128 -18.33 -15.06 40.98
CA PHE C 128 -19.16 -14.05 41.60
C PHE C 128 -20.62 -14.12 41.17
N ASN C 129 -20.95 -14.93 40.16
CA ASN C 129 -22.33 -15.14 39.71
C ASN C 129 -23.02 -13.82 39.35
N VAL C 130 -22.34 -13.01 38.56
CA VAL C 130 -22.92 -11.74 38.08
C VAL C 130 -24.01 -12.04 37.07
N PRO C 131 -25.14 -11.33 37.09
CA PRO C 131 -26.19 -11.56 36.08
C PRO C 131 -25.78 -11.21 34.66
N SER C 132 -25.31 -9.98 34.44
CA SER C 132 -24.91 -9.55 33.10
C SER C 132 -23.65 -8.72 33.18
N LEU C 133 -22.94 -8.65 32.05
CA LEU C 133 -21.58 -8.13 32.01
C LEU C 133 -21.35 -7.35 30.73
N TYR C 134 -20.38 -6.43 30.76
CA TYR C 134 -19.96 -5.71 29.58
C TYR C 134 -18.54 -5.19 29.78
N ILE C 135 -17.76 -5.17 28.70
CA ILE C 135 -16.38 -4.70 28.71
C ILE C 135 -16.20 -3.68 27.61
N GLY C 136 -15.64 -2.51 27.95
CA GLY C 136 -15.46 -1.43 27.00
C GLY C 136 -14.00 -1.08 26.79
N ILE C 137 -13.78 -0.19 25.82
CA ILE C 137 -12.45 0.32 25.51
C ILE C 137 -12.29 1.68 26.18
N GLN C 138 -11.17 1.87 26.87
CA GLN C 138 -11.02 3.02 27.75
C GLN C 138 -11.07 4.34 27.00
N ALA C 139 -10.41 4.43 25.86
CA ALA C 139 -10.33 5.71 25.14
C ALA C 139 -11.69 6.12 24.59
N VAL C 140 -12.53 5.16 24.19
CA VAL C 140 -13.86 5.49 23.71
C VAL C 140 -14.71 6.10 24.82
N LEU C 141 -14.60 5.54 26.03
CA LEU C 141 -15.35 6.06 27.17
C LEU C 141 -14.93 7.47 27.55
N SER C 142 -13.71 7.88 27.21
CA SER C 142 -13.27 9.24 27.49
C SER C 142 -13.97 10.25 26.59
N LEU C 143 -14.33 9.86 25.37
CA LEU C 143 -15.04 10.77 24.48
C LEU C 143 -16.47 11.01 24.95
N TYR C 144 -17.10 10.02 25.59
CA TYR C 144 -18.44 10.23 26.12
C TYR C 144 -18.48 11.33 27.16
N SER C 145 -17.48 11.37 28.04
CA SER C 145 -17.45 12.37 29.10
C SER C 145 -17.25 13.78 28.57
N SER C 146 -16.72 13.94 27.36
CA SER C 146 -16.54 15.26 26.77
C SER C 146 -17.73 15.70 25.94
N GLY C 147 -18.71 14.85 25.70
CA GLY C 147 -19.86 15.19 24.89
C GLY C 147 -19.55 15.47 23.44
N ARG C 148 -18.70 14.66 22.83
CA ARG C 148 -18.32 14.85 21.43
C ARG C 148 -18.23 13.48 20.75
N THR C 149 -18.34 13.50 19.42
CA THR C 149 -18.25 12.28 18.63
C THR C 149 -17.10 12.31 17.63
N THR C 150 -16.28 13.37 17.65
CA THR C 150 -15.12 13.46 16.76
C THR C 150 -13.91 13.89 17.56
N GLY C 151 -12.79 13.23 17.33
CA GLY C 151 -11.53 13.61 17.94
C GLY C 151 -10.64 12.40 18.15
N ILE C 152 -9.41 12.69 18.55
CA ILE C 152 -8.41 11.67 18.83
C ILE C 152 -8.01 11.77 20.30
N VAL C 153 -8.02 10.64 20.99
CA VAL C 153 -7.81 10.58 22.43
C VAL C 153 -6.42 10.03 22.71
N LEU C 154 -5.66 10.72 23.54
CA LEU C 154 -4.37 10.25 24.05
C LEU C 154 -4.56 9.88 25.52
N ASP C 155 -4.44 8.60 25.82
CA ASP C 155 -4.62 8.08 27.18
C ASP C 155 -3.31 7.50 27.68
N ALA C 156 -2.86 7.97 28.84
CA ALA C 156 -1.62 7.51 29.45
C ALA C 156 -1.84 7.32 30.93
N GLY C 157 -1.80 6.06 31.39
CA GLY C 157 -2.01 5.77 32.79
C GLY C 157 -0.75 5.34 33.51
N ASP C 158 -0.76 4.14 34.06
CA ASP C 158 0.39 3.60 34.78
C ASP C 158 1.18 2.58 33.97
N GLY C 159 0.54 1.89 33.03
CA GLY C 159 1.26 0.89 32.26
C GLY C 159 1.27 1.05 30.76
N VAL C 160 0.24 1.67 30.18
CA VAL C 160 0.06 1.72 28.74
C VAL C 160 -0.25 3.14 28.30
N THR C 161 0.20 3.49 27.10
CA THR C 161 -0.21 4.69 26.39
C THR C 161 -0.79 4.28 25.04
N HIS C 162 -1.96 4.81 24.69
CA HIS C 162 -2.58 4.51 23.41
C HIS C 162 -3.32 5.72 22.86
N THR C 163 -3.48 5.75 21.54
CA THR C 163 -4.22 6.80 20.83
C THR C 163 -5.30 6.16 19.98
N VAL C 164 -6.52 6.69 20.03
CA VAL C 164 -7.63 6.17 19.25
C VAL C 164 -8.38 7.31 18.57
N PRO C 165 -8.38 7.38 17.24
CA PRO C 165 -9.18 8.39 16.54
C PRO C 165 -10.59 7.92 16.17
N ILE C 166 -11.54 8.85 16.26
CA ILE C 166 -12.94 8.59 15.96
C ILE C 166 -13.51 9.76 15.18
N TYR C 167 -14.29 9.46 14.15
CA TYR C 167 -14.87 10.50 13.29
C TYR C 167 -16.36 10.22 13.14
N GLU C 168 -17.19 11.16 13.60
CA GLU C 168 -18.65 11.09 13.47
C GLU C 168 -19.22 9.83 14.12
N GLY C 169 -18.56 9.32 15.14
CA GLY C 169 -18.99 8.10 15.78
C GLY C 169 -18.53 6.82 15.13
N TYR C 170 -17.72 6.90 14.08
CA TYR C 170 -17.21 5.73 13.38
C TYR C 170 -15.78 5.44 13.80
N SER C 171 -15.48 4.17 14.05
CA SER C 171 -14.14 3.76 14.42
C SER C 171 -13.22 3.71 13.20
N LEU C 172 -11.93 3.88 13.46
CA LEU C 172 -10.89 3.84 12.43
C LEU C 172 -9.85 2.84 12.90
N PRO C 173 -10.12 1.54 12.74
CA PRO C 173 -9.33 0.51 13.44
C PRO C 173 -7.87 0.45 13.04
N HIS C 174 -7.50 0.93 11.86
CA HIS C 174 -6.15 0.79 11.34
C HIS C 174 -5.24 1.95 11.74
N ALA C 175 -5.72 2.86 12.58
CA ALA C 175 -4.91 3.97 13.05
C ALA C 175 -4.68 3.94 14.56
N VAL C 176 -5.00 2.84 15.22
CA VAL C 176 -4.80 2.71 16.67
C VAL C 176 -3.34 2.38 16.95
N ARG C 177 -2.74 3.05 17.93
CA ARG C 177 -1.37 2.81 18.33
C ARG C 177 -1.30 2.55 19.83
N ARG C 178 -0.23 1.85 20.24
CA ARG C 178 -0.02 1.44 21.62
C ARG C 178 1.48 1.27 21.85
N VAL C 179 1.98 1.72 23.00
CA VAL C 179 3.43 1.79 23.20
C VAL C 179 3.92 0.96 24.39
N ASP C 180 3.09 0.80 25.42
CA ASP C 180 3.48 0.09 26.65
C ASP C 180 4.63 0.80 27.36
N MET C 181 4.38 2.06 27.71
CA MET C 181 5.35 2.85 28.47
C MET C 181 4.59 4.01 29.09
N ALA C 182 4.54 4.05 30.42
CA ALA C 182 3.68 4.96 31.14
C ALA C 182 4.34 5.30 32.47
N GLY C 183 3.53 5.74 33.44
CA GLY C 183 4.06 6.32 34.66
C GLY C 183 4.94 5.41 35.48
N ARG C 184 4.68 4.10 35.47
CA ARG C 184 5.50 3.19 36.26
C ARG C 184 6.94 3.16 35.76
N ASP C 185 7.15 3.34 34.46
CA ASP C 185 8.50 3.46 33.92
C ASP C 185 9.12 4.82 34.25
N LEU C 186 8.30 5.84 34.46
CA LEU C 186 8.83 7.13 34.92
C LEU C 186 9.33 7.05 36.35
N THR C 187 8.68 6.26 37.20
CA THR C 187 9.14 6.10 38.58
C THR C 187 10.49 5.40 38.63
N GLU C 188 10.70 4.39 37.79
CA GLU C 188 11.97 3.68 37.79
C GLU C 188 13.11 4.55 37.27
N TYR C 189 12.84 5.41 36.30
CA TYR C 189 13.87 6.30 35.79
C TYR C 189 14.26 7.35 36.82
N LEU C 190 13.28 7.87 37.56
CA LEU C 190 13.59 8.85 38.61
C LEU C 190 14.40 8.22 39.71
N MET C 191 14.10 6.97 40.06
CA MET C 191 14.84 6.27 41.10
C MET C 191 16.30 6.03 40.71
N LYS C 192 16.56 5.93 39.41
CA LYS C 192 17.93 5.67 38.94
C LYS C 192 18.75 6.95 38.90
N ILE C 193 18.22 8.02 38.31
CA ILE C 193 18.95 9.27 38.23
C ILE C 193 19.01 9.99 39.57
N MET C 194 18.27 9.51 40.56
CA MET C 194 18.40 10.03 41.92
C MET C 194 19.68 9.57 42.59
N MET C 195 20.31 8.51 42.08
CA MET C 195 21.56 8.02 42.64
C MET C 195 22.74 8.92 42.30
N GLU C 196 22.60 9.81 41.32
CA GLU C 196 23.68 10.74 41.01
C GLU C 196 23.93 11.73 42.13
N THR C 197 22.97 11.92 43.04
CA THR C 197 23.13 12.82 44.16
C THR C 197 23.30 12.09 45.50
N GLY C 198 23.50 10.77 45.46
CA GLY C 198 23.80 10.03 46.67
C GLY C 198 22.62 9.49 47.44
N THR C 199 21.49 9.24 46.79
CA THR C 199 20.33 8.64 47.42
C THR C 199 19.98 7.35 46.71
N THR C 200 19.84 6.26 47.45
CA THR C 200 19.59 4.94 46.87
C THR C 200 18.35 4.32 47.51
N PHE C 201 17.38 3.95 46.69
CA PHE C 201 16.19 3.24 47.11
C PHE C 201 16.11 1.94 46.33
N THR C 202 15.79 0.85 47.03
CA THR C 202 15.80 -0.45 46.35
C THR C 202 14.55 -1.30 46.63
N THR C 203 13.91 -1.07 47.77
CA THR C 203 12.79 -1.93 48.14
C THR C 203 11.49 -1.48 47.46
N THR C 204 10.49 -2.35 47.48
CA THR C 204 9.19 -2.01 46.91
C THR C 204 8.51 -0.91 47.71
N ALA C 205 8.69 -0.91 49.04
CA ALA C 205 8.12 0.14 49.87
C ALA C 205 8.76 1.49 49.58
N GLU C 206 10.08 1.51 49.35
CA GLU C 206 10.76 2.74 49.01
C GLU C 206 10.36 3.27 47.64
N LYS C 207 9.86 2.39 46.77
CA LYS C 207 9.38 2.82 45.46
C LYS C 207 8.10 3.64 45.57
N GLU C 208 7.29 3.39 46.60
CA GLU C 208 6.10 4.21 46.84
C GLU C 208 6.47 5.62 47.27
N ILE C 209 7.60 5.80 47.93
CA ILE C 209 8.06 7.13 48.31
C ILE C 209 8.49 7.91 47.07
N VAL C 210 9.15 7.24 46.13
CA VAL C 210 9.59 7.90 44.91
C VAL C 210 8.40 8.33 44.07
N ARG C 211 7.31 7.56 44.09
CA ARG C 211 6.12 7.95 43.34
C ARG C 211 5.49 9.22 43.89
N ASN C 212 5.55 9.44 45.21
CA ASN C 212 5.05 10.68 45.78
C ASN C 212 5.91 11.88 45.41
N VAL C 213 7.22 11.67 45.24
CA VAL C 213 8.09 12.77 44.82
C VAL C 213 7.76 13.19 43.40
N LYS C 214 7.43 12.22 42.54
CA LYS C 214 7.09 12.52 41.15
C LYS C 214 5.82 13.35 41.05
N GLU C 215 4.82 13.04 41.87
CA GLU C 215 3.53 13.69 41.78
C GLU C 215 3.49 15.06 42.45
N GLN C 216 4.56 15.49 43.11
CA GLN C 216 4.57 16.77 43.78
C GLN C 216 5.61 17.75 43.28
N LEU C 217 6.75 17.27 42.76
CA LEU C 217 7.84 18.16 42.40
C LEU C 217 8.21 18.17 40.92
N CYS C 218 7.75 17.21 40.13
CA CYS C 218 8.14 17.11 38.73
C CYS C 218 7.23 17.95 37.85
N TYR C 219 7.82 18.56 36.82
CA TYR C 219 7.08 19.40 35.89
C TYR C 219 7.75 19.33 34.53
N VAL C 220 7.01 19.72 33.50
CA VAL C 220 7.50 19.69 32.13
C VAL C 220 8.15 21.04 31.81
N ALA C 221 9.37 20.99 31.28
CA ALA C 221 10.07 22.20 30.87
C ALA C 221 9.64 22.60 29.47
N LEU C 222 9.31 23.88 29.30
CA LEU C 222 8.87 24.37 27.99
C LEU C 222 10.00 24.31 26.97
N ASP C 223 11.22 24.65 27.38
CA ASP C 223 12.41 24.54 26.52
C ASP C 223 13.44 23.71 27.29
N PHE C 224 13.64 22.47 26.86
CA PHE C 224 14.46 21.56 27.64
C PHE C 224 15.94 21.95 27.62
N GLU C 225 16.47 22.28 26.44
CA GLU C 225 17.89 22.57 26.33
C GLU C 225 18.28 23.82 27.11
N GLU C 226 17.44 24.85 27.07
CA GLU C 226 17.71 26.06 27.85
C GLU C 226 17.60 25.78 29.34
N GLU C 227 16.64 24.95 29.74
CA GLU C 227 16.44 24.65 31.14
C GLU C 227 17.65 23.96 31.75
N MET C 228 18.26 23.03 31.01
CA MET C 228 19.47 22.37 31.49
C MET C 228 20.61 23.36 31.69
N THR C 229 20.79 24.28 30.75
CA THR C 229 21.87 25.26 30.85
C THR C 229 21.69 26.16 32.07
N ASN C 230 20.46 26.61 32.32
CA ASN C 230 20.22 27.51 33.46
C ASN C 230 20.51 26.80 34.78
N SER C 231 20.09 25.55 34.91
CA SER C 231 20.32 24.82 36.16
C SER C 231 21.79 24.45 36.34
N ALA C 232 22.57 24.42 35.27
CA ALA C 232 23.99 24.12 35.41
C ALA C 232 24.73 25.21 36.14
N LYS C 233 24.27 26.45 36.03
CA LYS C 233 24.89 27.59 36.68
C LYS C 233 24.22 27.95 38.00
N SER C 234 22.90 28.13 37.99
CA SER C 234 22.19 28.46 39.23
C SER C 234 22.22 27.31 40.22
N ALA C 235 21.99 26.09 39.74
CA ALA C 235 21.95 24.89 40.58
C ALA C 235 20.94 25.03 41.71
N ASN C 236 19.77 25.61 41.40
CA ASN C 236 18.71 25.73 42.38
C ASN C 236 18.13 24.36 42.72
N GLU C 237 17.83 24.15 43.99
CA GLU C 237 17.35 22.85 44.46
C GLU C 237 16.16 23.04 45.39
N GLU C 238 15.41 21.97 45.58
CA GLU C 238 14.23 21.97 46.42
C GLU C 238 14.30 20.81 47.40
N ALA C 239 13.77 21.04 48.60
CA ALA C 239 13.86 20.08 49.69
C ALA C 239 12.58 19.27 49.81
N PHE C 240 12.74 17.98 50.06
CA PHE C 240 11.63 17.06 50.26
C PHE C 240 11.87 16.32 51.57
N GLU C 241 10.83 16.19 52.38
CA GLU C 241 10.94 15.57 53.70
C GLU C 241 10.52 14.10 53.63
N LEU C 242 11.43 13.22 54.02
CA LEU C 242 11.20 11.79 54.00
C LEU C 242 10.36 11.36 55.21
N PRO C 243 9.75 10.17 55.15
CA PRO C 243 8.92 9.72 56.27
C PRO C 243 9.64 9.64 57.61
N ASP C 244 10.94 9.37 57.61
CA ASP C 244 11.70 9.22 58.85
C ASP C 244 12.20 10.55 59.41
N GLY C 245 11.94 11.67 58.72
CA GLY C 245 12.33 12.97 59.20
C GLY C 245 13.51 13.60 58.49
N ASN C 246 14.26 12.83 57.70
CA ASN C 246 15.38 13.41 56.98
C ASN C 246 14.89 14.16 55.75
N VAL C 247 15.78 14.97 55.17
CA VAL C 247 15.44 15.87 54.08
C VAL C 247 16.29 15.51 52.87
N MET C 248 15.65 15.39 51.72
CA MET C 248 16.30 15.09 50.45
C MET C 248 16.20 16.28 49.51
N MET C 249 17.31 16.62 48.86
CA MET C 249 17.36 17.71 47.90
C MET C 249 17.22 17.19 46.48
N VAL C 250 16.39 17.87 45.69
CA VAL C 250 16.13 17.48 44.31
C VAL C 250 16.55 18.63 43.40
N GLY C 251 17.40 18.32 42.41
CA GLY C 251 17.89 19.32 41.50
C GLY C 251 17.21 19.34 40.15
N ASN C 252 17.96 19.06 39.08
CA ASN C 252 17.38 19.04 37.75
C ASN C 252 16.65 17.75 37.44
N GLN C 253 16.55 16.83 38.40
CA GLN C 253 15.72 15.64 38.23
C GLN C 253 14.25 15.99 38.12
N ARG C 254 13.86 17.21 38.50
CA ARG C 254 12.45 17.59 38.49
C ARG C 254 11.89 17.63 37.07
N PHE C 255 12.65 18.18 36.12
CA PHE C 255 12.16 18.24 34.76
C PHE C 255 12.77 17.20 33.83
N ARG C 256 13.80 16.47 34.28
CA ARG C 256 14.34 15.40 33.46
C ARG C 256 13.47 14.15 33.51
N CYS C 257 12.76 13.91 34.61
CA CYS C 257 11.92 12.73 34.71
C CYS C 257 10.77 12.74 33.71
N PRO C 258 9.94 13.79 33.59
CA PRO C 258 8.86 13.75 32.60
C PRO C 258 9.30 13.96 31.16
N GLU C 259 10.57 14.32 30.92
CA GLU C 259 11.09 14.44 29.57
C GLU C 259 11.14 13.10 28.84
N VAL C 260 11.01 11.98 29.56
CA VAL C 260 10.99 10.67 28.92
C VAL C 260 9.78 10.55 27.98
N LEU C 261 8.65 11.14 28.37
CA LEU C 261 7.46 11.09 27.53
C LEU C 261 7.66 11.78 26.19
N PHE C 262 8.68 12.63 26.07
CA PHE C 262 8.97 13.31 24.81
C PHE C 262 10.18 12.76 24.07
N LYS C 263 11.05 12.00 24.74
CA LYS C 263 12.15 11.30 24.07
C LYS C 263 12.40 9.98 24.76
N PRO C 264 11.72 8.92 24.32
CA PRO C 264 11.82 7.62 25.01
C PRO C 264 13.17 6.93 24.89
N SER C 265 14.12 7.50 24.13
CA SER C 265 15.45 6.90 24.05
C SER C 265 16.24 7.03 25.34
N LEU C 266 15.79 7.85 26.29
CA LEU C 266 16.46 7.96 27.58
C LEU C 266 16.36 6.68 28.39
N ILE C 267 15.35 5.86 28.15
CA ILE C 267 15.17 4.60 28.87
C ILE C 267 15.39 3.40 27.95
N GLY C 268 15.94 3.62 26.76
CA GLY C 268 16.31 2.52 25.88
C GLY C 268 15.35 2.25 24.74
N LEU C 269 14.17 2.84 24.73
CA LEU C 269 13.22 2.66 23.62
C LEU C 269 13.59 3.62 22.49
N ASP C 270 14.68 3.26 21.80
CA ASP C 270 15.28 4.13 20.80
C ASP C 270 14.39 4.36 19.59
N GLU C 271 13.35 3.56 19.38
CA GLU C 271 12.51 3.69 18.20
C GLU C 271 11.05 3.96 18.52
N ALA C 272 10.66 4.00 19.78
CA ALA C 272 9.30 4.42 20.12
C ALA C 272 9.13 5.90 19.82
N PRO C 273 7.96 6.31 19.29
CA PRO C 273 7.80 7.70 18.85
C PRO C 273 7.83 8.76 19.94
N GLY C 274 6.97 8.64 20.95
CA GLY C 274 6.75 9.73 21.89
C GLY C 274 5.45 10.45 21.62
N PHE C 275 5.05 11.30 22.58
CA PHE C 275 3.71 11.87 22.55
C PHE C 275 3.41 12.68 21.30
N PRO C 276 4.24 13.64 20.87
CA PRO C 276 3.89 14.38 19.65
C PRO C 276 3.88 13.52 18.40
N GLU C 277 4.82 12.59 18.27
CA GLU C 277 4.88 11.76 17.07
C GLU C 277 3.79 10.68 17.08
N MET C 278 3.39 10.22 18.26
CA MET C 278 2.33 9.23 18.34
C MET C 278 1.02 9.78 17.81
N VAL C 279 0.70 11.03 18.14
CA VAL C 279 -0.50 11.67 17.61
C VAL C 279 -0.36 11.95 16.12
N TYR C 280 0.81 12.44 15.71
CA TYR C 280 1.02 12.80 14.31
C TYR C 280 0.93 11.60 13.39
N GLN C 281 1.52 10.47 13.78
CA GLN C 281 1.47 9.28 12.94
C GLN C 281 0.07 8.68 12.90
N SER C 282 -0.67 8.77 13.99
CA SER C 282 -2.01 8.21 14.03
C SER C 282 -2.97 8.99 13.14
N ILE C 283 -2.79 10.30 13.05
CA ILE C 283 -3.68 11.13 12.22
C ILE C 283 -3.44 10.88 10.75
N ASN C 284 -2.18 10.75 10.34
CA ASN C 284 -1.83 10.58 8.94
C ASN C 284 -2.13 9.19 8.40
N LYS C 285 -2.83 8.34 9.16
CA LYS C 285 -3.22 7.03 8.68
C LYS C 285 -4.73 6.91 8.51
N CYS C 286 -5.48 8.00 8.64
CA CYS C 286 -6.93 7.90 8.69
C CYS C 286 -7.58 8.11 7.33
N ASP C 287 -7.52 9.34 6.81
CA ASP C 287 -8.00 9.71 5.48
C ASP C 287 -7.75 11.19 5.28
N ILE C 288 -7.57 11.62 4.04
CA ILE C 288 -7.21 13.02 3.85
C ILE C 288 -8.38 13.94 4.19
N ASP C 289 -9.61 13.46 4.07
CA ASP C 289 -10.80 14.28 4.32
C ASP C 289 -11.20 14.29 5.78
N VAL C 290 -10.46 13.62 6.66
CA VAL C 290 -10.78 13.56 8.08
C VAL C 290 -9.76 14.28 8.94
N ARG C 291 -8.56 14.56 8.42
CA ARG C 291 -7.45 14.98 9.25
C ARG C 291 -7.67 16.36 9.88
N ARG C 292 -8.30 17.28 9.15
CA ARG C 292 -8.46 18.64 9.67
C ARG C 292 -9.34 18.66 10.91
N GLU C 293 -10.39 17.84 10.94
CA GLU C 293 -11.24 17.78 12.13
C GLU C 293 -10.53 17.12 13.31
N LEU C 294 -9.66 16.14 13.05
CA LEU C 294 -8.93 15.49 14.13
C LEU C 294 -7.93 16.44 14.78
N TYR C 295 -7.27 17.28 13.99
CA TYR C 295 -6.34 18.24 14.55
C TYR C 295 -7.02 19.22 15.49
N GLY C 296 -8.32 19.47 15.28
CA GLY C 296 -9.04 20.42 16.08
C GLY C 296 -9.55 19.90 17.41
N ASN C 297 -9.47 18.60 17.67
CA ASN C 297 -9.96 18.03 18.93
C ASN C 297 -9.02 16.93 19.37
N ILE C 298 -8.00 17.31 20.15
CA ILE C 298 -7.04 16.38 20.72
C ILE C 298 -7.28 16.35 22.23
N VAL C 299 -7.66 15.19 22.74
CA VAL C 299 -8.16 15.04 24.10
C VAL C 299 -7.14 14.28 24.93
N LEU C 300 -6.83 14.81 26.10
CA LEU C 300 -5.90 14.18 27.03
C LEU C 300 -6.67 13.45 28.13
N SER C 301 -6.18 12.27 28.49
CA SER C 301 -6.82 11.47 29.51
C SER C 301 -5.75 10.69 30.27
N GLY C 302 -6.04 10.39 31.54
CA GLY C 302 -5.16 9.58 32.34
C GLY C 302 -4.33 10.40 33.31
N GLY C 303 -3.79 9.71 34.33
CA GLY C 303 -3.03 10.36 35.37
C GLY C 303 -1.62 10.77 34.97
N SER C 304 -1.06 10.14 33.95
CA SER C 304 0.28 10.50 33.49
C SER C 304 0.29 11.75 32.62
N THR C 305 -0.87 12.35 32.36
CA THR C 305 -0.95 13.62 31.66
C THR C 305 -1.12 14.80 32.60
N MET C 306 -0.95 14.60 33.91
CA MET C 306 -1.24 15.63 34.90
C MET C 306 -0.05 16.49 35.25
N PHE C 307 1.09 16.32 34.58
CA PHE C 307 2.25 17.17 34.84
C PHE C 307 1.94 18.62 34.48
N LEU C 308 2.57 19.53 35.20
CA LEU C 308 2.44 20.95 34.88
C LEU C 308 3.16 21.26 33.58
N ASN C 309 2.52 22.09 32.75
CA ASN C 309 2.95 22.56 31.43
C ASN C 309 2.88 21.49 30.35
N LEU C 310 2.37 20.30 30.64
CA LEU C 310 2.31 19.28 29.59
C LEU C 310 1.39 19.65 28.44
N PRO C 311 0.16 20.14 28.67
CA PRO C 311 -0.68 20.52 27.51
C PRO C 311 -0.08 21.62 26.65
N GLU C 312 0.65 22.57 27.23
CA GLU C 312 1.23 23.65 26.45
C GLU C 312 2.40 23.17 25.62
N ARG C 313 3.26 22.32 26.19
CA ARG C 313 4.39 21.78 25.44
C ARG C 313 3.91 20.89 24.30
N LEU C 314 2.87 20.11 24.54
CA LEU C 314 2.36 19.21 23.51
C LEU C 314 1.82 19.98 22.31
N ALA C 315 1.11 21.08 22.56
CA ALA C 315 0.55 21.87 21.47
C ALA C 315 1.64 22.48 20.60
N LYS C 316 2.71 22.97 21.22
CA LYS C 316 3.79 23.59 20.46
C LYS C 316 4.52 22.57 19.58
N GLU C 317 4.74 21.36 20.11
CA GLU C 317 5.48 20.35 19.35
C GLU C 317 4.69 19.87 18.15
N ILE C 318 3.37 19.72 18.29
CA ILE C 318 2.56 19.28 17.16
C ILE C 318 2.52 20.34 16.07
N SER C 319 2.48 21.61 16.45
CA SER C 319 2.44 22.68 15.47
C SER C 319 3.69 22.72 14.61
N ASN C 320 4.81 22.19 15.10
CA ASN C 320 6.01 22.11 14.28
C ASN C 320 5.98 20.95 13.30
N LEU C 321 5.06 20.01 13.45
CA LEU C 321 4.95 18.87 12.54
C LEU C 321 3.86 19.04 11.50
N ALA C 322 2.76 19.70 11.85
CA ALA C 322 1.64 19.89 10.96
C ALA C 322 1.94 20.95 9.90
N PRO C 323 1.18 20.98 8.80
CA PRO C 323 1.36 22.04 7.80
C PRO C 323 0.95 23.40 8.35
N SER C 324 1.37 24.44 7.62
CA SER C 324 1.29 25.81 8.12
C SER C 324 -0.14 26.29 8.30
N SER C 325 -1.09 25.77 7.53
CA SER C 325 -2.46 26.24 7.62
C SER C 325 -3.27 25.54 8.72
N ILE C 326 -2.67 24.62 9.46
CA ILE C 326 -3.35 23.85 10.50
C ILE C 326 -3.05 24.47 11.85
N LYS C 327 -4.09 24.65 12.66
CA LYS C 327 -3.98 25.16 14.02
C LYS C 327 -4.44 24.08 14.99
N PRO C 328 -3.53 23.25 15.50
CA PRO C 328 -3.94 22.20 16.44
C PRO C 328 -4.46 22.78 17.75
N LYS C 329 -5.41 22.07 18.34
CA LYS C 329 -6.01 22.49 19.60
C LYS C 329 -6.05 21.30 20.55
N VAL C 330 -5.49 21.47 21.74
CA VAL C 330 -5.42 20.42 22.75
C VAL C 330 -6.41 20.74 23.85
N VAL C 331 -7.27 19.78 24.17
CA VAL C 331 -8.27 19.91 25.22
C VAL C 331 -7.82 19.08 26.41
N ALA C 332 -7.64 19.73 27.55
CA ALA C 332 -7.17 19.09 28.78
C ALA C 332 -8.10 19.44 29.94
N PRO C 333 -9.12 18.62 30.19
CA PRO C 333 -10.03 18.92 31.29
C PRO C 333 -9.31 18.88 32.62
N PRO C 334 -9.72 19.73 33.56
CA PRO C 334 -9.08 19.72 34.89
C PRO C 334 -9.31 18.43 35.67
N GLU C 335 -10.31 17.63 35.29
CA GLU C 335 -10.64 16.39 35.99
C GLU C 335 -10.42 15.18 35.11
N ARG C 336 -9.41 15.23 34.24
CA ARG C 336 -9.20 14.17 33.26
C ARG C 336 -8.66 12.88 33.85
N LYS C 337 -8.29 12.88 35.13
CA LYS C 337 -7.90 11.63 35.77
C LYS C 337 -9.07 10.66 35.91
N TYR C 338 -10.31 11.14 35.87
CA TYR C 338 -11.48 10.28 36.04
C TYR C 338 -12.36 10.24 34.79
N SER C 339 -11.81 10.59 33.63
CA SER C 339 -12.63 10.65 32.41
C SER C 339 -13.18 9.29 32.02
N VAL C 340 -12.37 8.23 32.15
CA VAL C 340 -12.84 6.90 31.76
C VAL C 340 -13.99 6.44 32.64
N TRP C 341 -13.89 6.67 33.95
CA TRP C 341 -14.97 6.27 34.85
C TRP C 341 -16.24 7.08 34.58
N ILE C 342 -16.09 8.38 34.36
CA ILE C 342 -17.26 9.24 34.15
C ILE C 342 -17.98 8.86 32.88
N GLY C 343 -17.23 8.61 31.80
CA GLY C 343 -17.85 8.22 30.55
C GLY C 343 -18.59 6.89 30.64
N GLY C 344 -18.03 5.95 31.39
CA GLY C 344 -18.71 4.68 31.60
C GLY C 344 -19.99 4.82 32.40
N SER C 345 -20.04 5.78 33.32
CA SER C 345 -21.26 6.04 34.07
C SER C 345 -22.34 6.61 33.15
N ILE C 346 -21.96 7.48 32.22
CA ILE C 346 -22.91 8.04 31.27
C ILE C 346 -23.45 6.96 30.34
N LEU C 347 -22.55 6.14 29.78
CA LEU C 347 -22.95 5.16 28.77
C LEU C 347 -23.91 4.13 29.35
N SER C 348 -23.65 3.66 30.57
CA SER C 348 -24.50 2.64 31.18
C SER C 348 -25.86 3.18 31.59
N SER C 349 -26.05 4.50 31.61
CA SER C 349 -27.34 5.08 31.95
C SER C 349 -28.26 5.27 30.76
N LEU C 350 -27.77 5.06 29.53
CA LEU C 350 -28.59 5.27 28.35
C LEU C 350 -29.62 4.16 28.21
N THR C 351 -30.81 4.52 27.71
CA THR C 351 -31.88 3.54 27.56
C THR C 351 -31.62 2.60 26.38
N THR C 352 -30.87 3.06 25.38
CA THR C 352 -30.53 2.22 24.24
C THR C 352 -29.45 1.19 24.57
N PHE C 353 -28.76 1.34 25.68
CA PHE C 353 -27.70 0.42 26.07
C PHE C 353 -28.23 -0.85 26.74
N GLN C 354 -29.50 -0.87 27.13
CA GLN C 354 -30.03 -1.99 27.91
C GLN C 354 -30.03 -3.31 27.15
N THR C 355 -29.91 -3.28 25.82
CA THR C 355 -29.81 -4.50 25.05
C THR C 355 -28.38 -4.96 24.82
N MET C 356 -27.39 -4.16 25.25
CA MET C 356 -25.99 -4.47 25.00
C MET C 356 -25.36 -5.35 26.09
N TRP C 357 -26.06 -5.57 27.20
CA TRP C 357 -25.51 -6.41 28.26
C TRP C 357 -25.38 -7.85 27.79
N VAL C 358 -24.29 -8.50 28.19
CA VAL C 358 -24.07 -9.91 27.91
C VAL C 358 -24.66 -10.71 29.07
N LYS C 359 -25.73 -11.44 28.80
CA LYS C 359 -26.42 -12.16 29.86
C LYS C 359 -25.71 -13.47 30.19
N LYS C 360 -25.98 -13.97 31.40
CA LYS C 360 -25.36 -15.20 31.87
C LYS C 360 -25.84 -16.40 31.04
N SER C 361 -27.09 -16.38 30.61
CA SER C 361 -27.63 -17.50 29.84
C SER C 361 -26.89 -17.68 28.53
N GLU C 362 -26.54 -16.57 27.86
CA GLU C 362 -25.80 -16.66 26.61
C GLU C 362 -24.42 -17.26 26.83
N TYR C 363 -23.77 -16.90 27.94
CA TYR C 363 -22.46 -17.46 28.23
C TYR C 363 -22.54 -18.97 28.47
N ASP C 364 -23.66 -19.45 29.00
CA ASP C 364 -23.80 -20.87 29.28
C ASP C 364 -23.78 -21.70 28.00
N GLU C 365 -24.27 -21.14 26.90
CA GLU C 365 -24.32 -21.87 25.63
C GLU C 365 -23.09 -21.59 24.77
N SER C 366 -22.87 -20.33 24.42
CA SER C 366 -21.77 -19.98 23.52
C SER C 366 -20.42 -20.27 24.15
N GLY C 367 -20.26 -19.96 25.44
CA GLY C 367 -19.00 -20.14 26.11
C GLY C 367 -18.27 -18.82 26.28
N PRO C 368 -17.01 -18.89 26.73
CA PRO C 368 -16.25 -17.64 26.95
C PRO C 368 -16.00 -16.84 25.68
N SER C 369 -16.08 -17.47 24.51
CA SER C 369 -15.80 -16.78 23.26
C SER C 369 -16.88 -15.79 22.85
N ILE C 370 -18.03 -15.78 23.55
CA ILE C 370 -19.12 -14.86 23.19
C ILE C 370 -18.68 -13.41 23.40
N VAL C 371 -17.73 -13.17 24.29
CA VAL C 371 -17.32 -11.81 24.62
C VAL C 371 -16.68 -11.13 23.43
N HIS C 372 -16.08 -11.90 22.50
CA HIS C 372 -15.47 -11.30 21.33
C HIS C 372 -16.50 -10.86 20.31
N ASN C 373 -17.58 -11.63 20.16
CA ASN C 373 -18.63 -11.27 19.20
C ASN C 373 -19.33 -9.98 19.61
N LYS C 374 -19.70 -9.88 20.88
CA LYS C 374 -20.27 -8.65 21.43
C LYS C 374 -19.14 -7.76 21.92
N CYS C 375 -19.47 -6.71 22.65
CA CYS C 375 -18.48 -5.79 23.22
C CYS C 375 -17.58 -5.22 22.14
N PHE C 376 -18.20 -4.70 21.09
CA PHE C 376 -17.46 -4.08 19.98
C PHE C 376 -17.48 -2.57 20.07
N SER D 7 -48.52 22.35 -10.70
CA SER D 7 -47.37 22.76 -11.50
C SER D 7 -46.56 21.54 -11.94
N SER D 8 -45.93 21.64 -13.10
CA SER D 8 -45.14 20.54 -13.64
C SER D 8 -43.71 20.59 -13.13
N ILE D 9 -43.10 19.42 -13.05
CA ILE D 9 -41.76 19.25 -12.52
C ILE D 9 -40.82 18.94 -13.67
N VAL D 10 -39.68 19.62 -13.72
CA VAL D 10 -38.63 19.37 -14.70
C VAL D 10 -37.42 18.81 -13.96
N CYS D 11 -37.00 17.60 -14.33
CA CYS D 11 -35.88 16.94 -13.68
C CYS D 11 -34.88 16.51 -14.74
N ASP D 12 -33.75 17.21 -14.80
CA ASP D 12 -32.66 16.89 -15.74
C ASP D 12 -31.65 16.01 -15.01
N ASN D 13 -31.73 14.71 -15.24
CA ASN D 13 -30.88 13.74 -14.54
C ASN D 13 -29.87 13.16 -15.53
N GLY D 14 -28.61 13.55 -15.37
CA GLY D 14 -27.52 13.00 -16.16
C GLY D 14 -26.65 12.07 -15.35
N SER D 15 -25.48 11.77 -15.91
CA SER D 15 -24.55 10.86 -15.24
C SER D 15 -24.00 11.48 -13.97
N GLY D 16 -23.76 12.78 -13.95
CA GLY D 16 -23.08 13.40 -12.83
C GLY D 16 -23.95 14.13 -11.84
N MET D 17 -24.90 14.91 -12.33
CA MET D 17 -25.66 15.83 -11.48
C MET D 17 -27.15 15.57 -11.63
N VAL D 18 -27.91 16.09 -10.67
CA VAL D 18 -29.37 16.13 -10.72
C VAL D 18 -29.80 17.59 -10.65
N LYS D 19 -30.65 18.00 -11.57
CA LYS D 19 -31.18 19.37 -11.60
C LYS D 19 -32.70 19.30 -11.63
N ALA D 20 -33.34 19.90 -10.64
CA ALA D 20 -34.78 19.80 -10.46
C ALA D 20 -35.37 21.18 -10.24
N GLY D 21 -36.66 21.31 -10.55
CA GLY D 21 -37.34 22.57 -10.42
C GLY D 21 -38.75 22.48 -10.93
N PHE D 22 -39.37 23.65 -11.12
CA PHE D 22 -40.74 23.76 -11.57
C PHE D 22 -40.80 24.50 -12.91
N SER D 23 -41.83 24.17 -13.69
CA SER D 23 -42.00 24.80 -14.99
C SER D 23 -42.27 26.29 -14.84
N GLY D 24 -41.73 27.08 -15.77
CA GLY D 24 -41.90 28.51 -15.77
C GLY D 24 -40.76 29.28 -15.14
N ASP D 25 -39.94 28.63 -14.34
CA ASP D 25 -38.81 29.31 -13.71
C ASP D 25 -37.66 29.45 -14.70
N ASP D 26 -36.76 30.38 -14.40
CA ASP D 26 -35.62 30.65 -15.26
C ASP D 26 -34.39 29.83 -14.92
N ALA D 27 -34.42 29.08 -13.81
CA ALA D 27 -33.26 28.29 -13.40
C ALA D 27 -33.74 27.23 -12.43
N PRO D 28 -33.05 26.09 -12.34
CA PRO D 28 -33.39 25.11 -11.31
C PRO D 28 -33.04 25.62 -9.93
N ARG D 29 -33.79 25.16 -8.93
CA ARG D 29 -33.56 25.57 -7.56
C ARG D 29 -32.78 24.55 -6.74
N HIS D 30 -32.53 23.35 -7.27
CA HIS D 30 -31.83 22.31 -6.54
C HIS D 30 -30.90 21.56 -7.48
N VAL D 31 -29.59 21.66 -7.23
CA VAL D 31 -28.56 20.98 -8.00
C VAL D 31 -27.65 20.27 -7.03
N PHE D 32 -27.57 18.94 -7.12
CA PHE D 32 -26.72 18.16 -6.25
C PHE D 32 -26.15 16.96 -7.00
N PRO D 33 -25.00 16.45 -6.58
CA PRO D 33 -24.41 15.28 -7.26
C PRO D 33 -25.25 14.03 -7.10
N SER D 34 -25.15 13.17 -8.11
CA SER D 34 -25.97 11.95 -8.18
C SER D 34 -25.17 10.75 -7.66
N ILE D 35 -25.01 10.70 -6.33
CA ILE D 35 -24.19 9.71 -5.67
C ILE D 35 -24.93 9.09 -4.50
N VAL D 36 -24.49 7.89 -4.12
CA VAL D 36 -25.00 7.18 -2.96
C VAL D 36 -23.79 6.66 -2.17
N GLY D 37 -23.80 6.89 -0.87
CA GLY D 37 -22.67 6.54 -0.01
C GLY D 37 -23.06 5.56 1.08
N ARG D 38 -22.16 4.64 1.39
CA ARG D 38 -22.35 3.64 2.44
C ARG D 38 -21.14 3.57 3.34
N PRO D 39 -21.33 3.43 4.64
CA PRO D 39 -20.18 3.36 5.56
C PRO D 39 -19.38 2.09 5.36
N LYS D 40 -18.06 2.21 5.56
CA LYS D 40 -17.15 1.11 5.37
C LYS D 40 -16.53 0.62 6.68
N ASN D 41 -16.91 1.19 7.81
CA ASN D 41 -16.43 0.74 9.10
C ASN D 41 -17.61 0.65 10.07
N MET D 42 -17.35 0.11 11.24
CA MET D 42 -18.37 -0.17 12.24
C MET D 42 -18.59 1.04 13.14
N GLN D 43 -19.84 1.19 13.58
CA GLN D 43 -20.19 2.24 14.52
C GLN D 43 -19.57 1.96 15.89
N ALA D 44 -18.98 3.00 16.48
CA ALA D 44 -18.31 2.87 17.77
C ALA D 44 -19.06 3.51 18.92
N MET D 45 -19.80 4.59 18.66
CA MET D 45 -20.57 5.28 19.69
C MET D 45 -22.03 4.85 19.62
N MET D 46 -22.81 5.32 20.59
CA MET D 46 -24.21 4.93 20.71
C MET D 46 -25.20 6.07 20.48
N GLY D 47 -24.79 7.32 20.68
CA GLY D 47 -25.70 8.44 20.55
C GLY D 47 -25.80 9.07 19.18
N SER D 48 -25.14 8.51 18.18
CA SER D 48 -25.11 9.13 16.86
C SER D 48 -26.40 8.86 16.10
N ALA D 49 -26.77 9.82 15.26
CA ALA D 49 -27.94 9.71 14.39
C ALA D 49 -27.55 9.25 13.00
N ASN D 50 -26.57 8.35 12.91
CA ASN D 50 -26.09 7.86 11.63
C ASN D 50 -27.15 7.05 10.91
N LYS D 51 -27.14 7.16 9.58
CA LYS D 51 -27.99 6.36 8.72
C LYS D 51 -27.22 5.16 8.21
N THR D 52 -27.83 4.39 7.31
CA THR D 52 -27.14 3.32 6.61
C THR D 52 -26.83 3.65 5.16
N VAL D 53 -27.55 4.60 4.56
CA VAL D 53 -27.30 5.05 3.20
C VAL D 53 -27.38 6.56 3.16
N TYR D 54 -26.45 7.19 2.46
CA TYR D 54 -26.41 8.64 2.31
C TYR D 54 -26.57 9.02 0.84
N VAL D 55 -27.34 10.06 0.58
CA VAL D 55 -27.69 10.48 -0.78
C VAL D 55 -27.38 11.96 -0.94
N GLY D 56 -26.73 12.31 -2.04
CA GLY D 56 -26.63 13.71 -2.42
C GLY D 56 -25.51 14.43 -1.72
N ASP D 57 -25.81 15.63 -1.21
CA ASP D 57 -24.82 16.43 -0.51
C ASP D 57 -24.46 15.87 0.86
N GLU D 58 -25.33 15.06 1.45
CA GLU D 58 -24.95 14.38 2.70
C GLU D 58 -23.79 13.45 2.47
N ALA D 59 -23.81 12.69 1.37
CA ALA D 59 -22.71 11.78 1.07
C ALA D 59 -21.44 12.54 0.74
N GLN D 60 -21.57 13.70 0.10
CA GLN D 60 -20.40 14.47 -0.27
C GLN D 60 -19.66 14.99 0.96
N SER D 61 -20.39 15.43 1.98
CA SER D 61 -19.77 16.04 3.15
C SER D 61 -19.08 15.00 4.03
N LYS D 62 -19.69 13.82 4.19
CA LYS D 62 -19.14 12.77 5.05
C LYS D 62 -18.34 11.74 4.26
N ARG D 63 -17.76 12.13 3.13
CA ARG D 63 -17.13 11.17 2.25
C ARG D 63 -15.86 10.55 2.84
N GLY D 64 -15.35 11.08 3.95
CA GLY D 64 -14.15 10.52 4.53
C GLY D 64 -14.33 9.12 5.09
N VAL D 65 -15.57 8.74 5.41
CA VAL D 65 -15.85 7.44 5.99
C VAL D 65 -16.80 6.62 5.12
N LEU D 66 -17.02 7.02 3.88
CA LEU D 66 -17.98 6.36 3.00
C LEU D 66 -17.30 5.95 1.70
N SER D 67 -17.88 4.93 1.06
CA SER D 67 -17.55 4.56 -0.31
C SER D 67 -18.68 5.00 -1.22
N LEU D 68 -18.32 5.70 -2.30
CA LEU D 68 -19.29 6.38 -3.16
C LEU D 68 -19.52 5.60 -4.46
N LYS D 69 -20.75 5.61 -4.95
CA LYS D 69 -21.09 4.98 -6.21
C LYS D 69 -21.98 5.90 -7.04
N TYR D 70 -21.82 5.82 -8.36
CA TYR D 70 -22.70 6.48 -9.30
C TYR D 70 -23.66 5.47 -9.90
N PRO D 71 -24.97 5.59 -9.69
CA PRO D 71 -25.90 4.63 -10.31
C PRO D 71 -25.89 4.66 -11.83
N ILE D 72 -25.65 5.80 -12.46
CA ILE D 72 -25.69 5.95 -13.91
C ILE D 72 -24.26 6.00 -14.45
N GLU D 73 -23.98 5.19 -15.46
CA GLU D 73 -22.68 5.17 -16.12
C GLU D 73 -22.89 5.18 -17.63
N HIS D 74 -22.32 6.18 -18.30
CA HIS D 74 -22.48 6.38 -19.75
C HIS D 74 -23.94 6.53 -20.13
N GLY D 75 -24.72 7.18 -19.26
CA GLY D 75 -26.12 7.45 -19.55
C GLY D 75 -27.06 6.30 -19.34
N ILE D 76 -26.59 5.18 -18.79
CA ILE D 76 -27.40 3.97 -18.62
C ILE D 76 -27.39 3.59 -17.15
N VAL D 77 -28.58 3.35 -16.59
CA VAL D 77 -28.70 3.00 -15.18
C VAL D 77 -28.19 1.58 -14.97
N THR D 78 -27.23 1.43 -14.06
CA THR D 78 -26.64 0.13 -13.76
C THR D 78 -27.07 -0.42 -12.40
N ASN D 79 -27.86 0.33 -11.64
CA ASN D 79 -28.35 -0.13 -10.34
C ASN D 79 -29.68 0.56 -10.09
N TRP D 80 -30.79 -0.18 -10.25
CA TRP D 80 -32.10 0.44 -10.14
C TRP D 80 -32.51 0.69 -8.69
N ASP D 81 -32.01 -0.11 -7.74
CA ASP D 81 -32.32 0.14 -6.34
C ASP D 81 -31.75 1.47 -5.88
N ASP D 82 -30.50 1.75 -6.24
CA ASP D 82 -29.90 3.04 -5.88
C ASP D 82 -30.47 4.19 -6.70
N MET D 83 -31.05 3.89 -7.85
CA MET D 83 -31.67 4.95 -8.65
C MET D 83 -32.99 5.41 -8.04
N GLU D 84 -33.74 4.50 -7.39
CA GLU D 84 -34.96 4.90 -6.71
C GLU D 84 -34.67 5.76 -5.49
N LYS D 85 -33.56 5.49 -4.80
CA LYS D 85 -33.20 6.29 -3.64
C LYS D 85 -32.93 7.74 -4.02
N ILE D 86 -32.34 7.96 -5.20
CA ILE D 86 -32.06 9.32 -5.65
C ILE D 86 -33.35 10.05 -6.02
N TRP D 87 -34.27 9.36 -6.70
CA TRP D 87 -35.55 9.98 -7.02
C TRP D 87 -36.38 10.24 -5.79
N HIS D 88 -36.38 9.29 -4.84
CA HIS D 88 -37.09 9.50 -3.59
C HIS D 88 -36.53 10.68 -2.81
N HIS D 89 -35.22 10.88 -2.88
CA HIS D 89 -34.60 12.03 -2.24
C HIS D 89 -35.04 13.34 -2.89
N THR D 90 -35.20 13.34 -4.22
CA THR D 90 -35.51 14.57 -4.94
C THR D 90 -36.94 15.03 -4.66
N PHE D 91 -37.89 14.10 -4.62
CA PHE D 91 -39.29 14.49 -4.47
C PHE D 91 -39.61 14.94 -3.06
N TYR D 92 -39.07 14.25 -2.05
CA TYR D 92 -39.51 14.46 -0.67
C TYR D 92 -38.57 15.34 0.14
N ASN D 93 -37.29 15.43 -0.22
CA ASN D 93 -36.35 16.21 0.56
C ASN D 93 -35.94 17.51 -0.11
N GLU D 94 -35.99 17.57 -1.43
CA GLU D 94 -35.56 18.75 -2.19
C GLU D 94 -36.74 19.61 -2.62
N LEU D 95 -37.68 19.04 -3.35
CA LEU D 95 -38.87 19.75 -3.76
C LEU D 95 -39.96 19.75 -2.69
N ARG D 96 -40.02 18.69 -1.89
CA ARG D 96 -40.98 18.57 -0.79
C ARG D 96 -42.41 18.66 -1.29
N VAL D 97 -42.75 17.80 -2.25
CA VAL D 97 -44.06 17.77 -2.87
C VAL D 97 -44.61 16.35 -2.81
N ASN D 98 -45.88 16.23 -3.16
CA ASN D 98 -46.51 14.93 -3.30
C ASN D 98 -46.52 14.57 -4.78
N PRO D 99 -45.77 13.56 -5.22
CA PRO D 99 -45.62 13.32 -6.67
C PRO D 99 -46.88 12.85 -7.36
N GLU D 100 -47.99 12.70 -6.66
CA GLU D 100 -49.24 12.27 -7.27
C GLU D 100 -50.06 13.43 -7.82
N GLN D 101 -49.54 14.66 -7.76
CA GLN D 101 -50.29 15.83 -8.17
C GLN D 101 -49.58 16.67 -9.22
N HIS D 102 -48.46 16.20 -9.77
CA HIS D 102 -47.68 16.98 -10.71
C HIS D 102 -47.31 16.13 -11.92
N ASN D 103 -47.12 16.80 -13.05
CA ASN D 103 -46.56 16.18 -14.24
C ASN D 103 -45.04 16.22 -14.18
N VAL D 104 -44.41 15.19 -14.71
CA VAL D 104 -42.95 15.03 -14.65
C VAL D 104 -42.41 14.94 -16.07
N LEU D 105 -41.40 15.75 -16.36
CA LEU D 105 -40.70 15.72 -17.64
C LEU D 105 -39.25 15.29 -17.40
N LEU D 106 -38.83 14.24 -18.12
CA LEU D 106 -37.50 13.67 -17.97
C LEU D 106 -36.72 13.79 -19.28
N THR D 107 -35.42 13.54 -19.20
CA THR D 107 -34.52 13.68 -20.34
C THR D 107 -33.72 12.40 -20.53
N GLU D 108 -33.20 12.22 -21.75
CA GLU D 108 -32.40 11.04 -22.06
C GLU D 108 -31.50 11.35 -23.24
N ALA D 109 -30.38 10.63 -23.32
CA ALA D 109 -29.46 10.73 -24.44
C ALA D 109 -29.96 9.89 -25.62
N PRO D 110 -29.64 10.28 -26.85
CA PRO D 110 -30.09 9.51 -28.01
C PRO D 110 -29.39 8.17 -28.14
N MET D 111 -30.06 7.25 -28.82
CA MET D 111 -29.52 5.92 -29.14
C MET D 111 -29.19 5.11 -27.89
N ASN D 112 -30.02 5.26 -26.86
CA ASN D 112 -29.94 4.48 -25.64
C ASN D 112 -30.69 3.17 -25.80
N PRO D 113 -30.32 2.13 -25.03
CA PRO D 113 -31.07 0.88 -25.08
C PRO D 113 -32.53 1.08 -24.68
N LYS D 114 -33.41 0.32 -25.31
CA LYS D 114 -34.84 0.49 -25.09
C LYS D 114 -35.26 0.10 -23.68
N GLN D 115 -34.56 -0.85 -23.07
CA GLN D 115 -34.91 -1.30 -21.74
C GLN D 115 -34.71 -0.19 -20.71
N ASN D 116 -33.77 0.73 -20.96
CA ASN D 116 -33.55 1.84 -20.03
C ASN D 116 -34.79 2.73 -19.94
N ARG D 117 -35.42 3.01 -21.08
CA ARG D 117 -36.58 3.88 -21.11
C ARG D 117 -37.82 3.19 -20.55
N GLU D 118 -37.92 1.87 -20.71
CA GLU D 118 -39.09 1.14 -20.24
C GLU D 118 -39.11 1.00 -18.72
N LYS D 119 -37.97 0.69 -18.12
CA LYS D 119 -37.91 0.56 -16.67
C LYS D 119 -38.14 1.90 -15.98
N MET D 120 -37.70 3.00 -16.60
CA MET D 120 -37.93 4.31 -16.04
C MET D 120 -39.41 4.63 -15.97
N THR D 121 -40.17 4.27 -17.02
CA THR D 121 -41.60 4.53 -17.03
C THR D 121 -42.33 3.68 -16.00
N GLN D 122 -41.93 2.43 -15.84
CA GLN D 122 -42.59 1.53 -14.91
C GLN D 122 -42.46 2.02 -13.47
N ILE D 123 -41.27 2.53 -13.11
CA ILE D 123 -41.05 3.02 -11.75
C ILE D 123 -41.89 4.27 -11.48
N MET D 124 -41.93 5.19 -12.44
CA MET D 124 -42.64 6.45 -12.23
C MET D 124 -44.14 6.23 -12.04
N PHE D 125 -44.73 5.33 -12.83
CA PHE D 125 -46.17 5.13 -12.76
C PHE D 125 -46.57 4.25 -11.58
N GLU D 126 -45.78 3.22 -11.27
CA GLU D 126 -46.20 2.25 -10.27
C GLU D 126 -45.71 2.56 -8.86
N THR D 127 -44.47 3.05 -8.74
CA THR D 127 -43.93 3.36 -7.42
C THR D 127 -44.37 4.74 -6.92
N PHE D 128 -44.29 5.75 -7.78
CA PHE D 128 -44.61 7.12 -7.37
C PHE D 128 -46.00 7.58 -7.79
N ASN D 129 -46.70 6.82 -8.62
CA ASN D 129 -48.08 7.11 -9.01
C ASN D 129 -48.21 8.51 -9.63
N VAL D 130 -47.33 8.81 -10.57
CA VAL D 130 -47.38 10.09 -11.29
C VAL D 130 -48.58 10.08 -12.22
N PRO D 131 -49.32 11.19 -12.34
CA PRO D 131 -50.45 11.23 -13.28
C PRO D 131 -50.04 11.11 -14.75
N SER D 132 -49.14 11.97 -15.22
CA SER D 132 -48.72 11.96 -16.62
C SER D 132 -47.22 12.19 -16.70
N LEU D 133 -46.63 11.75 -17.81
CA LEU D 133 -45.19 11.64 -17.95
C LEU D 133 -44.77 12.01 -19.37
N TYR D 134 -43.52 12.44 -19.51
CA TYR D 134 -42.93 12.70 -20.82
C TYR D 134 -41.42 12.61 -20.73
N ILE D 135 -40.79 12.10 -21.80
CA ILE D 135 -39.34 11.96 -21.87
C ILE D 135 -38.86 12.60 -23.16
N GLY D 136 -37.84 13.47 -23.05
CA GLY D 136 -37.32 14.19 -24.19
C GLY D 136 -35.86 13.86 -24.48
N ILE D 137 -35.37 14.39 -25.60
CA ILE D 137 -33.98 14.24 -26.01
C ILE D 137 -33.24 15.51 -25.63
N GLN D 138 -32.08 15.34 -24.98
CA GLN D 138 -31.41 16.47 -24.34
C GLN D 138 -30.99 17.53 -25.35
N ALA D 139 -30.43 17.13 -26.49
CA ALA D 139 -29.91 18.11 -27.44
C ALA D 139 -31.03 18.93 -28.07
N VAL D 140 -32.20 18.35 -28.26
CA VAL D 140 -33.32 19.10 -28.80
C VAL D 140 -33.76 20.19 -27.84
N LEU D 141 -33.80 19.88 -26.54
CA LEU D 141 -34.17 20.87 -25.53
C LEU D 141 -33.19 22.02 -25.44
N SER D 142 -31.94 21.81 -25.85
CA SER D 142 -30.98 22.90 -25.85
C SER D 142 -31.27 23.93 -26.93
N LEU D 143 -31.86 23.50 -28.05
CA LEU D 143 -32.21 24.44 -29.11
C LEU D 143 -33.38 25.33 -28.70
N TYR D 144 -34.29 24.83 -27.86
CA TYR D 144 -35.40 25.66 -27.40
C TYR D 144 -34.89 26.86 -26.60
N SER D 145 -33.89 26.64 -25.75
CA SER D 145 -33.37 27.71 -24.91
C SER D 145 -32.67 28.80 -25.71
N SER D 146 -32.21 28.50 -26.91
CA SER D 146 -31.57 29.49 -27.76
C SER D 146 -32.54 30.23 -28.67
N GLY D 147 -33.80 29.82 -28.72
CA GLY D 147 -34.77 30.46 -29.59
C GLY D 147 -34.49 30.31 -31.07
N ARG D 148 -34.10 29.12 -31.50
CA ARG D 148 -33.80 28.88 -32.91
C ARG D 148 -34.32 27.51 -33.31
N THR D 149 -34.53 27.32 -34.60
CA THR D 149 -34.99 26.05 -35.14
C THR D 149 -34.01 25.43 -36.13
N THR D 150 -32.84 26.02 -36.32
CA THR D 150 -31.83 25.47 -37.21
C THR D 150 -30.48 25.51 -36.51
N GLY D 151 -29.75 24.40 -36.61
CA GLY D 151 -28.40 24.34 -36.07
C GLY D 151 -28.05 22.94 -35.63
N ILE D 152 -26.78 22.76 -35.29
CA ILE D 152 -26.26 21.48 -34.81
C ILE D 152 -25.73 21.68 -33.40
N VAL D 153 -26.14 20.79 -32.49
CA VAL D 153 -25.86 20.92 -31.06
C VAL D 153 -24.79 19.90 -30.68
N LEU D 154 -23.75 20.36 -30.00
CA LEU D 154 -22.73 19.50 -29.42
C LEU D 154 -22.93 19.52 -27.91
N ASP D 155 -23.31 18.38 -27.34
CA ASP D 155 -23.58 18.25 -25.92
C ASP D 155 -22.58 17.27 -25.31
N ALA D 156 -21.89 17.72 -24.26
CA ALA D 156 -20.89 16.90 -23.58
C ALA D 156 -21.06 17.09 -22.07
N GLY D 157 -21.48 16.05 -21.38
CA GLY D 157 -21.68 16.12 -19.95
C GLY D 157 -20.64 15.35 -19.16
N ASP D 158 -21.10 14.39 -18.37
CA ASP D 158 -20.21 13.56 -17.57
C ASP D 158 -19.96 12.18 -18.15
N GLY D 159 -20.90 11.65 -18.94
CA GLY D 159 -20.72 10.32 -19.50
C GLY D 159 -20.77 10.18 -21.00
N VAL D 160 -21.50 11.06 -21.68
CA VAL D 160 -21.77 10.91 -23.11
C VAL D 160 -21.51 12.23 -23.83
N THR D 161 -21.05 12.13 -25.07
CA THR D 161 -21.00 13.25 -26.00
C THR D 161 -21.80 12.88 -27.25
N HIS D 162 -22.69 13.77 -27.69
CA HIS D 162 -23.47 13.52 -28.89
C HIS D 162 -23.69 14.81 -29.67
N THR D 163 -23.94 14.66 -30.97
CA THR D 163 -24.25 15.77 -31.87
C THR D 163 -25.56 15.49 -32.59
N VAL D 164 -26.44 16.48 -32.64
CA VAL D 164 -27.74 16.33 -33.30
C VAL D 164 -28.03 17.53 -34.20
N PRO D 165 -28.11 17.35 -35.52
CA PRO D 165 -28.48 18.45 -36.41
C PRO D 165 -29.97 18.55 -36.67
N ILE D 166 -30.46 19.78 -36.77
CA ILE D 166 -31.87 20.07 -37.01
C ILE D 166 -31.98 21.21 -38.02
N TYR D 167 -32.89 21.08 -38.98
CA TYR D 167 -33.08 22.09 -40.01
C TYR D 167 -34.56 22.43 -40.11
N GLU D 168 -34.89 23.70 -39.85
CA GLU D 168 -36.26 24.21 -39.96
C GLU D 168 -37.24 23.45 -39.08
N GLY D 169 -36.76 22.89 -37.97
CA GLY D 169 -37.60 22.10 -37.09
C GLY D 169 -37.74 20.65 -37.48
N TYR D 170 -37.06 20.20 -38.53
CA TYR D 170 -37.13 18.82 -38.97
C TYR D 170 -35.89 18.05 -38.50
N SER D 171 -36.12 16.84 -38.01
CA SER D 171 -35.04 15.98 -37.57
C SER D 171 -34.32 15.33 -38.74
N LEU D 172 -33.05 15.00 -38.52
CA LEU D 172 -32.21 14.35 -39.53
C LEU D 172 -31.62 13.10 -38.86
N PRO D 173 -32.42 12.03 -38.76
CA PRO D 173 -32.05 10.91 -37.87
C PRO D 173 -30.77 10.19 -38.25
N HIS D 174 -30.35 10.25 -39.51
CA HIS D 174 -29.22 9.48 -39.98
C HIS D 174 -27.89 10.20 -39.82
N ALA D 175 -27.88 11.37 -39.18
CA ALA D 175 -26.65 12.11 -38.93
C ALA D 175 -26.33 12.27 -37.45
N VAL D 176 -27.01 11.53 -36.58
CA VAL D 176 -26.77 11.60 -35.15
C VAL D 176 -25.55 10.75 -34.80
N ARG D 177 -24.66 11.29 -33.97
CA ARG D 177 -23.47 10.58 -33.52
C ARG D 177 -23.38 10.59 -32.00
N ARG D 178 -22.67 9.61 -31.47
CA ARG D 178 -22.53 9.40 -30.03
C ARG D 178 -21.21 8.67 -29.78
N VAL D 179 -20.48 9.08 -28.73
CA VAL D 179 -19.12 8.58 -28.55
C VAL D 179 -18.91 7.87 -27.21
N ASP D 180 -19.65 8.24 -26.18
CA ASP D 180 -19.48 7.67 -24.83
C ASP D 180 -18.09 7.96 -24.26
N MET D 181 -17.77 9.25 -24.17
CA MET D 181 -16.51 9.70 -23.60
C MET D 181 -16.68 11.15 -23.21
N ALA D 182 -16.60 11.45 -21.92
CA ALA D 182 -16.96 12.76 -21.40
C ALA D 182 -16.11 13.04 -20.16
N GLY D 183 -16.59 13.92 -19.30
CA GLY D 183 -15.78 14.46 -18.22
C GLY D 183 -15.27 13.42 -17.23
N ARG D 184 -16.03 12.36 -16.99
CA ARG D 184 -15.59 11.35 -16.03
C ARG D 184 -14.34 10.65 -16.51
N ASP D 185 -14.19 10.47 -17.82
CA ASP D 185 -12.95 9.94 -18.38
C ASP D 185 -11.81 10.94 -18.33
N LEU D 186 -12.12 12.24 -18.31
CA LEU D 186 -11.08 13.25 -18.13
C LEU D 186 -10.53 13.23 -16.70
N THR D 187 -11.38 12.96 -15.71
CA THR D 187 -10.92 12.87 -14.33
C THR D 187 -9.96 11.71 -14.14
N GLU D 188 -10.24 10.57 -14.77
CA GLU D 188 -9.39 9.40 -14.63
C GLU D 188 -8.03 9.62 -15.29
N TYR D 189 -8.01 10.32 -16.42
CA TYR D 189 -6.75 10.59 -17.09
C TYR D 189 -5.89 11.56 -16.29
N LEU D 190 -6.51 12.57 -15.68
CA LEU D 190 -5.76 13.50 -14.86
C LEU D 190 -5.18 12.80 -13.63
N MET D 191 -5.93 11.88 -13.05
CA MET D 191 -5.45 11.14 -11.89
C MET D 191 -4.26 10.25 -12.23
N LYS D 192 -4.16 9.80 -13.48
CA LYS D 192 -3.06 8.94 -13.87
C LYS D 192 -1.79 9.73 -14.18
N ILE D 193 -1.90 10.80 -14.98
CA ILE D 193 -0.73 11.61 -15.30
C ILE D 193 -0.27 12.46 -14.13
N MET D 194 -1.06 12.52 -13.06
CA MET D 194 -0.63 13.17 -11.84
C MET D 194 0.41 12.36 -11.09
N MET D 195 0.52 11.06 -11.37
CA MET D 195 1.51 10.21 -10.72
C MET D 195 2.92 10.46 -11.24
N GLU D 196 3.07 11.13 -12.37
CA GLU D 196 4.40 11.47 -12.86
C GLU D 196 5.12 12.46 -11.96
N THR D 197 4.39 13.17 -11.12
CA THR D 197 4.99 14.12 -10.18
C THR D 197 4.96 13.64 -8.74
N GLY D 198 4.61 12.38 -8.50
CA GLY D 198 4.69 11.82 -7.17
C GLY D 198 3.46 11.97 -6.32
N THR D 199 2.27 12.09 -6.90
CA THR D 199 1.02 12.15 -6.16
C THR D 199 0.13 11.00 -6.62
N THR D 200 -0.39 10.23 -5.65
CA THR D 200 -1.19 9.05 -5.96
C THR D 200 -2.51 9.12 -5.21
N PHE D 201 -3.62 9.03 -5.95
CA PHE D 201 -4.96 8.98 -5.40
C PHE D 201 -5.63 7.71 -5.90
N THR D 202 -6.30 6.98 -5.00
CA THR D 202 -6.86 5.70 -5.40
C THR D 202 -8.31 5.52 -4.96
N THR D 203 -8.74 6.18 -3.88
CA THR D 203 -10.07 5.94 -3.36
C THR D 203 -11.11 6.76 -4.11
N THR D 204 -12.38 6.40 -3.92
CA THR D 204 -13.47 7.14 -4.54
C THR D 204 -13.58 8.56 -3.98
N ALA D 205 -13.31 8.71 -2.68
CA ALA D 205 -13.34 10.03 -2.07
C ALA D 205 -12.23 10.92 -2.62
N GLU D 206 -11.05 10.35 -2.86
CA GLU D 206 -9.96 11.12 -3.44
C GLU D 206 -10.22 11.50 -4.89
N LYS D 207 -11.10 10.77 -5.57
CA LYS D 207 -11.46 11.12 -6.93
C LYS D 207 -12.29 12.39 -6.99
N GLU D 208 -13.04 12.68 -5.93
CA GLU D 208 -13.78 13.95 -5.87
C GLU D 208 -12.84 15.14 -5.73
N ILE D 209 -11.68 14.94 -5.10
CA ILE D 209 -10.70 16.02 -5.00
C ILE D 209 -10.09 16.31 -6.37
N VAL D 210 -9.83 15.26 -7.16
CA VAL D 210 -9.27 15.45 -8.50
C VAL D 210 -10.25 16.18 -9.40
N ARG D 211 -11.54 15.94 -9.23
CA ARG D 211 -12.54 16.64 -10.03
C ARG D 211 -12.56 18.14 -9.75
N ASN D 212 -12.30 18.54 -8.50
CA ASN D 212 -12.20 19.96 -8.19
C ASN D 212 -10.97 20.61 -8.80
N VAL D 213 -9.87 19.87 -8.92
CA VAL D 213 -8.68 20.40 -9.55
C VAL D 213 -8.92 20.65 -11.03
N LYS D 214 -9.68 19.77 -11.67
CA LYS D 214 -9.97 19.93 -13.09
C LYS D 214 -10.80 21.17 -13.36
N GLU D 215 -11.78 21.44 -12.50
CA GLU D 215 -12.70 22.55 -12.72
C GLU D 215 -12.13 23.91 -12.34
N GLN D 216 -10.92 23.97 -11.77
CA GLN D 216 -10.35 25.24 -11.37
C GLN D 216 -9.04 25.58 -12.07
N LEU D 217 -8.24 24.59 -12.47
CA LEU D 217 -6.92 24.88 -13.00
C LEU D 217 -6.71 24.47 -14.45
N CYS D 218 -7.57 23.64 -15.03
CA CYS D 218 -7.36 23.14 -16.38
C CYS D 218 -7.93 24.11 -17.42
N TYR D 219 -7.23 24.22 -18.55
CA TYR D 219 -7.63 25.11 -19.62
C TYR D 219 -7.16 24.52 -20.94
N VAL D 220 -7.76 24.99 -22.03
CA VAL D 220 -7.44 24.51 -23.37
C VAL D 220 -6.33 25.38 -23.95
N ALA D 221 -5.29 24.74 -24.47
CA ALA D 221 -4.19 25.44 -25.11
C ALA D 221 -4.53 25.74 -26.56
N LEU D 222 -4.33 26.98 -26.98
CA LEU D 222 -4.62 27.36 -28.36
C LEU D 222 -3.71 26.65 -29.35
N ASP D 223 -2.44 26.53 -29.02
CA ASP D 223 -1.47 25.78 -29.82
C ASP D 223 -0.80 24.76 -28.92
N PHE D 224 -1.15 23.49 -29.08
CA PHE D 224 -0.71 22.48 -28.13
C PHE D 224 0.79 22.21 -28.23
N GLU D 225 1.31 22.08 -29.45
CA GLU D 225 2.72 21.73 -29.61
C GLU D 225 3.64 22.83 -29.10
N GLU D 226 3.29 24.09 -29.35
CA GLU D 226 4.09 25.19 -28.82
C GLU D 226 4.00 25.27 -27.31
N GLU D 227 2.81 24.99 -26.76
CA GLU D 227 2.63 25.07 -25.31
C GLU D 227 3.50 24.05 -24.58
N MET D 228 3.63 22.84 -25.14
CA MET D 228 4.49 21.84 -24.52
C MET D 228 5.95 22.28 -24.51
N THR D 229 6.40 22.87 -25.62
CA THR D 229 7.79 23.32 -25.72
C THR D 229 8.09 24.41 -24.71
N ASN D 230 7.18 25.38 -24.55
CA ASN D 230 7.41 26.48 -23.62
C ASN D 230 7.50 25.97 -22.18
N SER D 231 6.62 25.05 -21.80
CA SER D 231 6.64 24.53 -20.44
C SER D 231 7.84 23.63 -20.18
N ALA D 232 8.46 23.08 -21.23
CA ALA D 232 9.63 22.24 -21.03
C ALA D 232 10.81 23.05 -20.52
N LYS D 233 10.89 24.34 -20.88
CA LYS D 233 11.97 25.22 -20.47
C LYS D 233 11.60 26.06 -19.25
N SER D 234 10.47 26.76 -19.30
CA SER D 234 10.06 27.57 -18.15
C SER D 234 9.71 26.71 -16.95
N ALA D 235 8.96 25.62 -17.18
CA ALA D 235 8.51 24.73 -16.12
C ALA D 235 7.74 25.48 -15.04
N ASN D 236 6.89 26.42 -15.46
CA ASN D 236 6.05 27.14 -14.52
C ASN D 236 4.99 26.21 -13.93
N GLU D 237 4.73 26.39 -12.63
CA GLU D 237 3.82 25.51 -11.90
C GLU D 237 2.89 26.35 -11.04
N GLU D 238 1.79 25.72 -10.63
CA GLU D 238 0.77 26.37 -9.82
C GLU D 238 0.45 25.49 -8.62
N ALA D 239 0.16 26.13 -7.49
CA ALA D 239 -0.05 25.43 -6.23
C ALA D 239 -1.54 25.26 -5.96
N PHE D 240 -1.90 24.09 -5.47
CA PHE D 240 -3.26 23.75 -5.07
C PHE D 240 -3.24 23.24 -3.65
N GLU D 241 -4.18 23.70 -2.83
CA GLU D 241 -4.22 23.34 -1.42
C GLU D 241 -5.20 22.19 -1.19
N LEU D 242 -4.70 21.11 -0.62
CA LEU D 242 -5.49 19.92 -0.35
C LEU D 242 -6.33 20.11 0.91
N PRO D 243 -7.36 19.28 1.10
CA PRO D 243 -8.22 19.44 2.29
C PRO D 243 -7.48 19.31 3.61
N ASP D 244 -6.40 18.52 3.66
CA ASP D 244 -5.67 18.31 4.91
C ASP D 244 -4.64 19.38 5.18
N GLY D 245 -4.48 20.36 4.30
CA GLY D 245 -3.56 21.46 4.50
C GLY D 245 -2.28 21.40 3.68
N ASN D 246 -1.97 20.26 3.07
CA ASN D 246 -0.78 20.18 2.24
C ASN D 246 -1.02 20.84 0.89
N VAL D 247 0.07 21.08 0.17
CA VAL D 247 0.03 21.82 -1.08
C VAL D 247 0.57 20.94 -2.20
N MET D 248 -0.17 20.88 -3.31
CA MET D 248 0.21 20.11 -4.49
C MET D 248 0.52 21.05 -5.64
N MET D 249 1.61 20.77 -6.35
CA MET D 249 2.02 21.55 -7.51
C MET D 249 1.57 20.89 -8.79
N VAL D 250 1.02 21.68 -9.71
CA VAL D 250 0.52 21.20 -10.98
C VAL D 250 1.29 21.88 -12.11
N GLY D 251 1.85 21.08 -13.01
CA GLY D 251 2.64 21.60 -14.11
C GLY D 251 1.91 21.65 -15.43
N ASN D 252 2.39 20.89 -16.41
CA ASN D 252 1.76 20.88 -17.72
C ASN D 252 0.53 19.97 -17.76
N GLN D 253 0.16 19.36 -16.64
CA GLN D 253 -1.09 18.62 -16.57
C GLN D 253 -2.30 19.52 -16.75
N ARG D 254 -2.13 20.83 -16.62
CA ARG D 254 -3.26 21.75 -16.71
C ARG D 254 -3.87 21.76 -18.11
N PHE D 255 -3.04 21.76 -19.15
CA PHE D 255 -3.57 21.78 -20.51
C PHE D 255 -3.51 20.42 -21.20
N ARG D 256 -2.84 19.43 -20.62
CA ARG D 256 -2.84 18.10 -21.20
C ARG D 256 -4.13 17.36 -20.91
N CYS D 257 -4.78 17.63 -19.77
CA CYS D 257 -6.02 16.95 -19.44
C CYS D 257 -7.15 17.24 -20.42
N PRO D 258 -7.48 18.50 -20.75
CA PRO D 258 -8.57 18.73 -21.72
C PRO D 258 -8.19 18.47 -23.17
N GLU D 259 -6.92 18.22 -23.47
CA GLU D 259 -6.51 17.87 -24.83
C GLU D 259 -7.06 16.52 -25.27
N VAL D 260 -7.57 15.70 -24.35
CA VAL D 260 -8.18 14.44 -24.70
C VAL D 260 -9.39 14.65 -25.60
N LEU D 261 -10.16 15.72 -25.35
CA LEU D 261 -11.33 16.01 -26.16
C LEU D 261 -10.98 16.30 -27.61
N PHE D 262 -9.72 16.61 -27.91
CA PHE D 262 -9.28 16.87 -29.27
C PHE D 262 -8.46 15.74 -29.88
N LYS D 263 -7.92 14.83 -29.07
CA LYS D 263 -7.25 13.63 -29.59
C LYS D 263 -7.51 12.48 -28.64
N PRO D 264 -8.59 11.72 -28.86
CA PRO D 264 -8.97 10.65 -27.92
C PRO D 264 -8.02 9.46 -27.92
N SER D 265 -6.99 9.44 -28.76
CA SER D 265 -6.03 8.34 -28.72
C SER D 265 -5.15 8.36 -27.47
N LEU D 266 -5.15 9.46 -26.71
CA LEU D 266 -4.39 9.51 -25.48
C LEU D 266 -4.93 8.55 -24.42
N ILE D 267 -6.21 8.20 -24.49
CA ILE D 267 -6.82 7.27 -23.55
C ILE D 267 -7.19 5.96 -24.21
N GLY D 268 -6.70 5.70 -25.42
CA GLY D 268 -6.87 4.41 -26.06
C GLY D 268 -7.95 4.35 -27.11
N LEU D 269 -8.79 5.37 -27.25
CA LEU D 269 -9.81 5.40 -28.29
C LEU D 269 -9.18 5.89 -29.59
N ASP D 270 -8.39 5.00 -30.19
CA ASP D 270 -7.57 5.34 -31.35
C ASP D 270 -8.38 5.70 -32.59
N GLU D 271 -9.67 5.37 -32.63
CA GLU D 271 -10.48 5.61 -33.81
C GLU D 271 -11.68 6.52 -33.57
N ALA D 272 -11.91 6.95 -32.33
CA ALA D 272 -12.95 7.94 -32.09
C ALA D 272 -12.54 9.28 -32.67
N PRO D 273 -13.47 10.03 -33.27
CA PRO D 273 -13.10 11.26 -33.99
C PRO D 273 -12.56 12.39 -33.12
N GLY D 274 -13.30 12.83 -32.11
CA GLY D 274 -12.99 14.05 -31.41
C GLY D 274 -13.90 15.19 -31.83
N PHE D 275 -13.85 16.27 -31.05
CA PHE D 275 -14.84 17.35 -31.19
C PHE D 275 -14.88 17.96 -32.58
N PRO D 276 -13.78 18.39 -33.20
CA PRO D 276 -13.90 18.98 -34.54
C PRO D 276 -14.36 17.99 -35.60
N GLU D 277 -13.88 16.75 -35.54
CA GLU D 277 -14.27 15.76 -36.53
C GLU D 277 -15.68 15.25 -36.32
N MET D 278 -16.14 15.22 -35.07
CA MET D 278 -17.50 14.79 -34.79
C MET D 278 -18.52 15.73 -35.43
N VAL D 279 -18.28 17.03 -35.36
CA VAL D 279 -19.16 17.99 -36.00
C VAL D 279 -19.04 17.92 -37.51
N TYR D 280 -17.80 17.79 -38.02
CA TYR D 280 -17.58 17.77 -39.45
C TYR D 280 -18.23 16.57 -40.12
N GLN D 281 -18.11 15.40 -39.52
CA GLN D 281 -18.71 14.20 -40.10
C GLN D 281 -20.22 14.23 -40.02
N SER D 282 -20.77 14.82 -38.97
CA SER D 282 -22.23 14.88 -38.83
C SER D 282 -22.86 15.81 -39.86
N ILE D 283 -22.16 16.89 -40.21
CA ILE D 283 -22.71 17.85 -41.17
C ILE D 283 -22.72 17.25 -42.58
N ASN D 284 -21.65 16.54 -42.94
CA ASN D 284 -21.52 15.99 -44.28
C ASN D 284 -22.40 14.77 -44.53
N LYS D 285 -23.30 14.44 -43.62
CA LYS D 285 -24.25 13.36 -43.82
C LYS D 285 -25.68 13.84 -43.97
N CYS D 286 -25.90 15.14 -44.06
CA CYS D 286 -27.27 15.66 -43.99
C CYS D 286 -27.89 15.86 -45.38
N ASP D 287 -27.37 16.84 -46.12
CA ASP D 287 -27.77 17.12 -47.50
C ASP D 287 -26.96 18.30 -47.99
N ILE D 288 -26.73 18.40 -49.30
CA ILE D 288 -25.85 19.46 -49.77
C ILE D 288 -26.50 20.82 -49.61
N ASP D 289 -27.83 20.88 -49.64
CA ASP D 289 -28.57 22.14 -49.55
C ASP D 289 -28.81 22.60 -48.12
N VAL D 290 -28.33 21.85 -47.13
CA VAL D 290 -28.53 22.19 -45.73
C VAL D 290 -27.23 22.57 -45.03
N ARG D 291 -26.08 22.22 -45.60
CA ARG D 291 -24.83 22.29 -44.86
C ARG D 291 -24.41 23.73 -44.52
N ARG D 292 -24.69 24.68 -45.42
CA ARG D 292 -24.23 26.05 -45.18
C ARG D 292 -24.92 26.66 -43.96
N GLU D 293 -26.22 26.37 -43.77
CA GLU D 293 -26.92 26.88 -42.60
C GLU D 293 -26.44 26.21 -41.31
N LEU D 294 -26.07 24.93 -41.38
CA LEU D 294 -25.57 24.24 -40.20
C LEU D 294 -24.24 24.80 -39.74
N TYR D 295 -23.35 25.13 -40.67
CA TYR D 295 -22.06 25.72 -40.32
C TYR D 295 -22.22 27.04 -39.60
N GLY D 296 -23.32 27.75 -39.84
CA GLY D 296 -23.53 29.05 -39.25
C GLY D 296 -24.10 29.05 -37.85
N ASN D 297 -24.52 27.90 -37.34
CA ASN D 297 -25.10 27.82 -36.00
C ASN D 297 -24.64 26.52 -35.33
N ILE D 298 -23.50 26.59 -34.65
CA ILE D 298 -22.95 25.47 -33.90
C ILE D 298 -23.06 25.81 -32.43
N VAL D 299 -23.84 25.02 -31.69
CA VAL D 299 -24.24 25.35 -30.32
C VAL D 299 -23.55 24.40 -29.36
N LEU D 300 -22.95 24.95 -28.32
CA LEU D 300 -22.29 24.18 -27.27
C LEU D 300 -23.20 24.05 -26.06
N SER D 301 -23.21 22.86 -25.47
CA SER D 301 -24.03 22.59 -24.31
C SER D 301 -23.31 21.59 -23.40
N GLY D 302 -23.58 21.68 -22.11
CA GLY D 302 -23.04 20.74 -21.15
C GLY D 302 -21.88 21.31 -20.37
N GLY D 303 -21.59 20.66 -19.23
CA GLY D 303 -20.54 21.11 -18.34
C GLY D 303 -19.14 20.82 -18.81
N SER D 304 -18.95 19.83 -19.69
CA SER D 304 -17.62 19.54 -20.20
C SER D 304 -17.18 20.48 -21.30
N THR D 305 -18.02 21.45 -21.69
CA THR D 305 -17.63 22.49 -22.64
C THR D 305 -17.23 23.79 -21.94
N MET D 306 -17.05 23.78 -20.63
CA MET D 306 -16.83 24.99 -19.86
C MET D 306 -15.35 25.33 -19.68
N PHE D 307 -14.45 24.59 -20.31
CA PHE D 307 -13.03 24.92 -20.21
C PHE D 307 -12.74 26.26 -20.86
N LEU D 308 -11.75 26.96 -20.34
CA LEU D 308 -11.31 28.22 -20.93
C LEU D 308 -10.64 27.96 -22.28
N ASN D 309 -10.96 28.83 -23.25
CA ASN D 309 -10.48 28.82 -24.63
C ASN D 309 -11.06 27.69 -25.48
N LEU D 310 -11.98 26.89 -24.97
CA LEU D 310 -12.55 25.81 -25.78
C LEU D 310 -13.33 26.32 -26.98
N PRO D 311 -14.23 27.31 -26.87
CA PRO D 311 -14.93 27.78 -28.07
C PRO D 311 -14.01 28.34 -29.13
N GLU D 312 -12.92 29.00 -28.75
CA GLU D 312 -12.01 29.59 -29.73
C GLU D 312 -11.21 28.53 -30.46
N ARG D 313 -10.73 27.53 -29.73
CA ARG D 313 -9.98 26.44 -30.34
C ARG D 313 -10.86 25.62 -31.28
N LEU D 314 -12.12 25.40 -30.89
CA LEU D 314 -13.03 24.63 -31.73
C LEU D 314 -13.29 25.32 -33.06
N ALA D 315 -13.49 26.64 -33.04
CA ALA D 315 -13.77 27.37 -34.26
C ALA D 315 -12.59 27.30 -35.23
N LYS D 316 -11.37 27.42 -34.72
CA LYS D 316 -10.20 27.38 -35.59
C LYS D 316 -10.02 26.01 -36.24
N GLU D 317 -10.26 24.94 -35.48
CA GLU D 317 -10.06 23.59 -36.02
C GLU D 317 -11.07 23.27 -37.11
N ILE D 318 -12.32 23.71 -36.95
CA ILE D 318 -13.34 23.44 -37.97
C ILE D 318 -13.03 24.20 -39.24
N SER D 319 -12.52 25.43 -39.12
CA SER D 319 -12.20 26.22 -40.30
C SER D 319 -11.11 25.58 -41.15
N ASN D 320 -10.27 24.73 -40.56
CA ASN D 320 -9.27 24.02 -41.35
C ASN D 320 -9.85 22.81 -42.08
N LEU D 321 -11.06 22.39 -41.74
CA LEU D 321 -11.70 21.26 -42.39
C LEU D 321 -12.71 21.66 -43.46
N ALA D 322 -13.42 22.77 -43.25
CA ALA D 322 -14.43 23.24 -44.17
C ALA D 322 -13.80 23.87 -45.41
N PRO D 323 -14.57 23.99 -46.49
CA PRO D 323 -14.06 24.69 -47.68
C PRO D 323 -13.84 26.17 -47.41
N SER D 324 -13.11 26.80 -48.35
CA SER D 324 -12.58 28.15 -48.12
C SER D 324 -13.67 29.20 -48.04
N SER D 325 -14.81 28.99 -48.69
CA SER D 325 -15.87 29.99 -48.70
C SER D 325 -16.80 29.89 -47.49
N ILE D 326 -16.55 28.96 -46.58
CA ILE D 326 -17.40 28.74 -45.42
C ILE D 326 -16.78 29.43 -44.21
N LYS D 327 -17.59 30.16 -43.45
CA LYS D 327 -17.16 30.82 -42.21
C LYS D 327 -17.94 30.22 -41.05
N PRO D 328 -17.41 29.20 -40.38
CA PRO D 328 -18.12 28.60 -39.26
C PRO D 328 -18.26 29.57 -38.10
N LYS D 329 -19.36 29.45 -37.37
CA LYS D 329 -19.64 30.29 -36.22
C LYS D 329 -20.09 29.42 -35.06
N VAL D 330 -19.41 29.55 -33.92
CA VAL D 330 -19.68 28.77 -32.72
C VAL D 330 -20.36 29.67 -31.70
N VAL D 331 -21.51 29.22 -31.20
CA VAL D 331 -22.28 29.95 -30.20
C VAL D 331 -22.11 29.24 -28.86
N ALA D 332 -21.60 29.95 -27.87
CA ALA D 332 -21.33 29.41 -26.54
C ALA D 332 -21.93 30.31 -25.48
N PRO D 333 -23.17 30.05 -25.07
CA PRO D 333 -23.80 30.89 -24.07
C PRO D 333 -23.05 30.81 -22.75
N PRO D 334 -23.00 31.91 -21.99
CA PRO D 334 -22.31 31.88 -20.70
C PRO D 334 -22.98 30.97 -19.68
N GLU D 335 -24.23 30.59 -19.88
CA GLU D 335 -24.99 29.76 -18.94
C GLU D 335 -25.35 28.40 -19.56
N ARG D 336 -24.48 27.88 -20.43
CA ARG D 336 -24.80 26.67 -21.19
C ARG D 336 -24.77 25.41 -20.34
N LYS D 337 -24.35 25.48 -19.09
CA LYS D 337 -24.44 24.33 -18.20
C LYS D 337 -25.88 23.96 -17.88
N TYR D 338 -26.82 24.90 -18.02
CA TYR D 338 -28.22 24.66 -17.69
C TYR D 338 -29.14 24.75 -18.90
N SER D 339 -28.59 24.62 -20.11
CA SER D 339 -29.40 24.79 -21.31
C SER D 339 -30.50 23.73 -21.41
N VAL D 340 -30.18 22.48 -21.07
CA VAL D 340 -31.17 21.42 -21.21
C VAL D 340 -32.33 21.64 -20.25
N TRP D 341 -32.03 22.04 -19.01
CA TRP D 341 -33.12 22.29 -18.05
C TRP D 341 -33.97 23.49 -18.47
N ILE D 342 -33.32 24.55 -18.95
CA ILE D 342 -34.06 25.76 -19.33
C ILE D 342 -34.98 25.48 -20.51
N GLY D 343 -34.48 24.76 -21.51
CA GLY D 343 -35.31 24.44 -22.66
C GLY D 343 -36.50 23.58 -22.30
N GLY D 344 -36.31 22.64 -21.38
CA GLY D 344 -37.43 21.82 -20.92
C GLY D 344 -38.47 22.63 -20.17
N SER D 345 -38.05 23.66 -19.45
CA SER D 345 -39.01 24.54 -18.78
C SER D 345 -39.83 25.33 -19.79
N ILE D 346 -39.21 25.76 -20.88
CA ILE D 346 -39.93 26.49 -21.92
C ILE D 346 -40.93 25.58 -22.61
N LEU D 347 -40.48 24.37 -23.01
CA LEU D 347 -41.33 23.49 -23.78
C LEU D 347 -42.57 23.06 -23.01
N SER D 348 -42.42 22.76 -21.73
CA SER D 348 -43.55 22.32 -20.93
C SER D 348 -44.54 23.43 -20.63
N SER D 349 -44.19 24.69 -20.89
CA SER D 349 -45.10 25.80 -20.66
C SER D 349 -45.96 26.13 -21.88
N LEU D 350 -45.70 25.52 -23.02
CA LEU D 350 -46.46 25.83 -24.23
C LEU D 350 -47.86 25.23 -24.15
N THR D 351 -48.83 25.95 -24.71
CA THR D 351 -50.22 25.49 -24.67
C THR D 351 -50.45 24.33 -25.62
N THR D 352 -49.67 24.25 -26.70
CA THR D 352 -49.79 23.15 -27.65
C THR D 352 -49.20 21.86 -27.12
N PHE D 353 -48.42 21.91 -26.05
CA PHE D 353 -47.79 20.71 -25.49
C PHE D 353 -48.73 19.92 -24.59
N GLN D 354 -49.87 20.50 -24.20
CA GLN D 354 -50.73 19.86 -23.21
C GLN D 354 -51.34 18.55 -23.70
N THR D 355 -51.32 18.29 -25.00
CA THR D 355 -51.79 17.01 -25.51
C THR D 355 -50.69 15.97 -25.64
N MET D 356 -49.43 16.35 -25.39
CA MET D 356 -48.31 15.45 -25.56
C MET D 356 -47.99 14.62 -24.32
N TRP D 357 -48.63 14.90 -23.19
CA TRP D 357 -48.38 14.12 -21.98
C TRP D 357 -48.88 12.69 -22.15
N VAL D 358 -48.12 11.74 -21.64
CA VAL D 358 -48.52 10.33 -21.63
C VAL D 358 -49.28 10.09 -20.34
N LYS D 359 -50.58 9.82 -20.44
CA LYS D 359 -51.41 9.66 -19.26
C LYS D 359 -51.26 8.25 -18.68
N LYS D 360 -51.60 8.14 -17.39
CA LYS D 360 -51.51 6.87 -16.70
C LYS D 360 -52.49 5.85 -17.26
N SER D 361 -53.67 6.30 -17.69
CA SER D 361 -54.67 5.38 -18.22
C SER D 361 -54.18 4.68 -19.48
N GLU D 362 -53.47 5.41 -20.35
CA GLU D 362 -52.92 4.79 -21.55
C GLU D 362 -51.90 3.73 -21.21
N TYR D 363 -51.07 3.98 -20.20
CA TYR D 363 -50.08 2.99 -19.79
C TYR D 363 -50.73 1.72 -19.26
N ASP D 364 -51.91 1.85 -18.64
CA ASP D 364 -52.59 0.69 -18.09
C ASP D 364 -53.01 -0.29 -19.17
N GLU D 365 -53.32 0.21 -20.37
CA GLU D 365 -53.76 -0.65 -21.46
C GLU D 365 -52.59 -1.06 -22.36
N SER D 366 -51.92 -0.08 -22.95
CA SER D 366 -50.85 -0.39 -23.91
C SER D 366 -49.68 -1.10 -23.22
N GLY D 367 -49.31 -0.66 -22.04
CA GLY D 367 -48.17 -1.22 -21.34
C GLY D 367 -46.96 -0.30 -21.44
N PRO D 368 -45.81 -0.79 -20.97
CA PRO D 368 -44.59 0.04 -21.01
C PRO D 368 -44.15 0.41 -22.41
N SER D 369 -44.58 -0.32 -23.43
CA SER D 369 -44.13 -0.05 -24.80
C SER D 369 -44.76 1.20 -25.39
N ILE D 370 -45.74 1.81 -24.72
CA ILE D 370 -46.38 3.01 -25.25
C ILE D 370 -45.39 4.17 -25.33
N VAL D 371 -44.35 4.15 -24.50
CA VAL D 371 -43.40 5.26 -24.45
C VAL D 371 -42.63 5.38 -25.76
N HIS D 372 -42.48 4.28 -26.51
CA HIS D 372 -41.77 4.34 -27.78
C HIS D 372 -42.63 4.98 -28.86
N ASN D 373 -43.93 4.71 -28.87
CA ASN D 373 -44.81 5.28 -29.88
C ASN D 373 -44.90 6.80 -29.73
N LYS D 374 -45.09 7.28 -28.52
CA LYS D 374 -45.08 8.71 -28.23
C LYS D 374 -43.64 9.13 -27.93
N CYS D 375 -43.46 10.34 -27.40
CA CYS D 375 -42.14 10.86 -27.04
C CYS D 375 -41.17 10.79 -28.21
N PHE D 376 -41.62 11.33 -29.35
CA PHE D 376 -40.79 11.37 -30.54
C PHE D 376 -40.18 12.74 -30.76
N SER E 7 0.28 -19.28 -69.12
CA SER E 7 -1.14 -19.31 -68.77
C SER E 7 -1.62 -17.92 -68.34
N SER E 8 -2.88 -17.63 -68.60
CA SER E 8 -3.46 -16.33 -68.27
C SER E 8 -3.99 -16.32 -66.84
N ILE E 9 -3.98 -15.13 -66.24
CA ILE E 9 -4.37 -14.92 -64.86
C ILE E 9 -5.71 -14.20 -64.85
N VAL E 10 -6.64 -14.69 -64.04
CA VAL E 10 -7.94 -14.05 -63.84
C VAL E 10 -7.99 -13.55 -62.41
N CYS E 11 -8.17 -12.23 -62.24
CA CYS E 11 -8.21 -11.60 -60.92
C CYS E 11 -9.49 -10.80 -60.80
N ASP E 12 -10.43 -11.29 -60.00
CA ASP E 12 -11.70 -10.60 -59.74
C ASP E 12 -11.54 -9.81 -58.45
N ASN E 13 -11.30 -8.51 -58.57
CA ASN E 13 -11.04 -7.66 -57.42
C ASN E 13 -12.22 -6.71 -57.23
N GLY E 14 -13.00 -6.95 -56.18
CA GLY E 14 -14.09 -6.08 -55.80
C GLY E 14 -13.78 -5.27 -54.56
N SER E 15 -14.83 -4.68 -54.00
CA SER E 15 -14.67 -3.86 -52.81
C SER E 15 -14.24 -4.70 -51.61
N GLY E 16 -14.75 -5.91 -51.49
CA GLY E 16 -14.54 -6.70 -50.29
C GLY E 16 -13.48 -7.78 -50.38
N MET E 17 -13.47 -8.53 -51.48
CA MET E 17 -12.64 -9.72 -51.59
C MET E 17 -11.74 -9.64 -52.81
N VAL E 18 -10.71 -10.49 -52.82
CA VAL E 18 -9.86 -10.71 -53.97
C VAL E 18 -9.95 -12.18 -54.35
N LYS E 19 -10.22 -12.46 -55.62
CA LYS E 19 -10.30 -13.83 -56.12
C LYS E 19 -9.36 -13.96 -57.31
N ALA E 20 -8.40 -14.88 -57.22
CA ALA E 20 -7.35 -15.03 -58.21
C ALA E 20 -7.21 -16.49 -58.61
N GLY E 21 -6.68 -16.70 -59.81
CA GLY E 21 -6.53 -18.04 -60.33
C GLY E 21 -5.99 -18.01 -61.74
N PHE E 22 -6.08 -19.17 -62.39
CA PHE E 22 -5.59 -19.35 -63.76
C PHE E 22 -6.74 -19.71 -64.69
N SER E 23 -6.58 -19.34 -65.96
CA SER E 23 -7.60 -19.64 -66.96
C SER E 23 -7.75 -21.13 -67.16
N GLY E 24 -8.98 -21.57 -67.37
CA GLY E 24 -9.29 -22.96 -67.59
C GLY E 24 -9.75 -23.71 -66.37
N ASP E 25 -9.50 -23.19 -65.17
CA ASP E 25 -9.93 -23.84 -63.94
C ASP E 25 -11.40 -23.58 -63.70
N ASP E 26 -12.01 -24.42 -62.86
CA ASP E 26 -13.42 -24.30 -62.54
C ASP E 26 -13.70 -23.42 -61.33
N ALA E 27 -12.67 -23.00 -60.61
CA ALA E 27 -12.85 -22.20 -59.40
C ALA E 27 -11.55 -21.49 -59.09
N PRO E 28 -11.59 -20.34 -58.44
CA PRO E 28 -10.35 -19.70 -57.99
C PRO E 28 -9.70 -20.50 -56.87
N ARG E 29 -8.38 -20.42 -56.80
CA ARG E 29 -7.63 -21.13 -55.78
C ARG E 29 -7.23 -20.25 -54.59
N HIS E 30 -7.43 -18.94 -54.68
CA HIS E 30 -7.04 -18.04 -53.60
C HIS E 30 -8.09 -16.96 -53.43
N VAL E 31 -8.74 -16.94 -52.27
CA VAL E 31 -9.75 -15.95 -51.92
C VAL E 31 -9.40 -15.38 -50.56
N PHE E 32 -9.14 -14.07 -50.49
CA PHE E 32 -8.81 -13.44 -49.22
C PHE E 32 -9.37 -12.03 -49.19
N PRO E 33 -9.64 -11.48 -48.00
CA PRO E 33 -10.17 -10.12 -47.92
C PRO E 33 -9.18 -9.07 -48.38
N SER E 34 -9.73 -7.97 -48.89
CA SER E 34 -8.93 -6.91 -49.49
C SER E 34 -8.71 -5.78 -48.47
N ILE E 35 -7.82 -6.05 -47.52
CA ILE E 35 -7.56 -5.16 -46.40
C ILE E 35 -6.08 -4.97 -46.19
N VAL E 36 -5.73 -3.85 -45.54
CA VAL E 36 -4.36 -3.53 -45.15
C VAL E 36 -4.39 -3.08 -43.70
N GLY E 37 -3.50 -3.64 -42.88
CA GLY E 37 -3.47 -3.36 -41.45
C GLY E 37 -2.14 -2.76 -41.02
N ARG E 38 -2.22 -1.84 -40.06
CA ARG E 38 -1.05 -1.18 -39.49
C ARG E 38 -1.14 -1.18 -37.97
N PRO E 39 -0.02 -1.41 -37.29
CA PRO E 39 -0.05 -1.41 -35.83
C PRO E 39 -0.33 -0.04 -35.25
N LYS E 40 -1.04 -0.03 -34.13
CA LYS E 40 -1.42 1.21 -33.46
C LYS E 40 -0.72 1.43 -32.14
N ASN E 41 0.18 0.53 -31.74
CA ASN E 41 0.97 0.69 -30.53
C ASN E 41 2.42 0.36 -30.82
N MET E 42 3.27 0.63 -29.84
CA MET E 42 4.71 0.50 -29.98
C MET E 42 5.16 -0.92 -29.67
N GLN E 43 6.22 -1.35 -30.35
CA GLN E 43 6.83 -2.64 -30.09
C GLN E 43 7.53 -2.65 -28.74
N ALA E 44 7.29 -3.70 -27.96
CA ALA E 44 7.87 -3.82 -26.62
C ALA E 44 8.99 -4.84 -26.51
N MET E 45 8.95 -5.90 -27.31
CA MET E 45 9.98 -6.93 -27.30
C MET E 45 10.96 -6.69 -28.44
N MET E 46 12.02 -7.51 -28.47
CA MET E 46 13.08 -7.35 -29.44
C MET E 46 13.21 -8.52 -30.41
N GLY E 47 12.75 -9.71 -30.05
CA GLY E 47 12.89 -10.87 -30.90
C GLY E 47 11.78 -11.13 -31.88
N SER E 48 10.80 -10.25 -31.97
CA SER E 48 9.63 -10.50 -32.81
C SER E 48 9.96 -10.23 -34.28
N ALA E 49 9.29 -10.98 -35.16
CA ALA E 49 9.43 -10.81 -36.61
C ALA E 49 8.29 -9.95 -37.17
N ASN E 50 7.89 -8.94 -36.40
CA ASN E 50 6.78 -8.09 -36.81
C ASN E 50 7.14 -7.27 -38.04
N LYS E 51 6.14 -7.02 -38.88
CA LYS E 51 6.27 -6.16 -40.03
C LYS E 51 5.76 -4.77 -39.68
N THR E 52 5.69 -3.89 -40.68
CA THR E 52 5.06 -2.60 -40.52
C THR E 52 3.71 -2.49 -41.22
N VAL E 53 3.44 -3.34 -42.21
CA VAL E 53 2.17 -3.39 -42.91
C VAL E 53 1.78 -4.84 -43.09
N TYR E 54 0.50 -5.14 -42.85
CA TYR E 54 -0.05 -6.48 -43.00
C TYR E 54 -1.13 -6.48 -44.07
N VAL E 55 -1.14 -7.53 -44.89
CA VAL E 55 -2.03 -7.62 -46.05
C VAL E 55 -2.76 -8.96 -46.00
N GLY E 56 -4.07 -8.92 -46.22
CA GLY E 56 -4.81 -10.15 -46.47
C GLY E 56 -5.20 -10.86 -45.20
N ASP E 57 -4.99 -12.19 -45.18
CA ASP E 57 -5.31 -13.00 -44.02
C ASP E 57 -4.37 -12.76 -42.84
N GLU E 58 -3.17 -12.26 -43.09
CA GLU E 58 -2.30 -11.88 -41.97
C GLU E 58 -2.93 -10.77 -41.16
N ALA E 59 -3.49 -9.77 -41.83
CA ALA E 59 -4.14 -8.67 -41.12
C ALA E 59 -5.38 -9.13 -40.39
N GLN E 60 -6.11 -10.10 -40.96
CA GLN E 60 -7.32 -10.59 -40.34
C GLN E 60 -7.03 -11.29 -39.02
N SER E 61 -5.95 -12.07 -38.97
CA SER E 61 -5.66 -12.87 -37.78
C SER E 61 -5.15 -12.01 -36.63
N LYS E 62 -4.32 -11.01 -36.93
CA LYS E 62 -3.74 -10.15 -35.91
C LYS E 62 -4.51 -8.85 -35.72
N ARG E 63 -5.81 -8.85 -36.01
CA ARG E 63 -6.57 -7.62 -36.02
C ARG E 63 -6.75 -7.01 -34.64
N GLY E 64 -6.41 -7.73 -33.58
CA GLY E 64 -6.57 -7.18 -32.24
C GLY E 64 -5.66 -6.01 -31.94
N VAL E 65 -4.55 -5.90 -32.67
CA VAL E 65 -3.58 -4.84 -32.45
C VAL E 65 -3.39 -3.96 -33.68
N LEU E 66 -4.27 -4.06 -34.66
CA LEU E 66 -4.14 -3.33 -35.91
C LEU E 66 -5.39 -2.51 -36.19
N SER E 67 -5.21 -1.46 -36.98
CA SER E 67 -6.31 -0.70 -37.57
C SER E 67 -6.40 -1.05 -39.05
N LEU E 68 -7.60 -1.38 -39.51
CA LEU E 68 -7.81 -1.95 -40.83
C LEU E 68 -8.42 -0.90 -41.78
N LYS E 69 -8.00 -0.96 -43.04
CA LYS E 69 -8.55 -0.07 -44.07
C LYS E 69 -8.85 -0.87 -45.34
N TYR E 70 -9.89 -0.42 -46.04
CA TYR E 70 -10.22 -0.94 -47.37
C TYR E 70 -9.78 0.06 -48.42
N PRO E 71 -8.84 -0.29 -49.30
CA PRO E 71 -8.45 0.66 -50.36
C PRO E 71 -9.58 1.02 -51.31
N ILE E 72 -10.51 0.12 -51.58
CA ILE E 72 -11.58 0.35 -52.54
C ILE E 72 -12.88 0.63 -51.79
N GLU E 73 -13.57 1.70 -52.17
CA GLU E 73 -14.85 2.07 -51.58
C GLU E 73 -15.82 2.42 -52.70
N HIS E 74 -16.95 1.71 -52.73
CA HIS E 74 -17.96 1.87 -53.79
C HIS E 74 -17.38 1.63 -55.17
N GLY E 75 -16.45 0.67 -55.26
CA GLY E 75 -15.87 0.30 -56.53
C GLY E 75 -14.81 1.22 -57.06
N ILE E 76 -14.37 2.21 -56.29
CA ILE E 76 -13.41 3.21 -56.73
C ILE E 76 -12.23 3.20 -55.76
N VAL E 77 -11.01 3.12 -56.32
CA VAL E 77 -9.81 3.08 -55.51
C VAL E 77 -9.56 4.46 -54.89
N THR E 78 -9.46 4.50 -53.56
CA THR E 78 -9.24 5.75 -52.84
C THR E 78 -7.83 5.86 -52.27
N ASN E 79 -6.98 4.85 -52.45
CA ASN E 79 -5.60 4.90 -51.98
C ASN E 79 -4.78 3.98 -52.89
N TRP E 80 -4.01 4.58 -53.80
CA TRP E 80 -3.29 3.78 -54.78
C TRP E 80 -2.05 3.12 -54.20
N ASP E 81 -1.44 3.71 -53.17
CA ASP E 81 -0.29 3.07 -52.54
C ASP E 81 -0.68 1.75 -51.88
N ASP E 82 -1.80 1.73 -51.16
CA ASP E 82 -2.28 0.51 -50.54
C ASP E 82 -2.84 -0.46 -51.57
N MET E 83 -3.25 0.03 -52.73
CA MET E 83 -3.74 -0.86 -53.78
C MET E 83 -2.61 -1.63 -54.43
N GLU E 84 -1.42 -1.03 -54.54
CA GLU E 84 -0.28 -1.76 -55.08
C GLU E 84 0.20 -2.85 -54.14
N LYS E 85 0.09 -2.62 -52.83
CA LYS E 85 0.49 -3.63 -51.87
C LYS E 85 -0.37 -4.88 -52.00
N ILE E 86 -1.66 -4.72 -52.29
CA ILE E 86 -2.55 -5.85 -52.44
C ILE E 86 -2.23 -6.63 -53.71
N TRP E 87 -1.95 -5.93 -54.81
CA TRP E 87 -1.58 -6.62 -56.04
C TRP E 87 -0.22 -7.30 -55.92
N HIS E 88 0.73 -6.64 -55.26
CA HIS E 88 2.03 -7.24 -55.03
C HIS E 88 1.91 -8.50 -54.19
N HIS E 89 0.99 -8.49 -53.22
CA HIS E 89 0.74 -9.68 -52.40
C HIS E 89 0.18 -10.82 -53.24
N THR E 90 -0.70 -10.49 -54.19
CA THR E 90 -1.38 -11.54 -54.97
C THR E 90 -0.42 -12.25 -55.93
N PHE E 91 0.47 -11.49 -56.58
CA PHE E 91 1.33 -12.09 -57.59
C PHE E 91 2.43 -12.94 -56.96
N TYR E 92 3.04 -12.46 -55.88
CA TYR E 92 4.25 -13.06 -55.34
C TYR E 92 4.01 -13.99 -54.17
N ASN E 93 2.94 -13.80 -53.41
CA ASN E 93 2.69 -14.64 -52.23
C ASN E 93 1.58 -15.65 -52.42
N GLU E 94 0.62 -15.37 -53.31
CA GLU E 94 -0.52 -16.25 -53.51
C GLU E 94 -0.35 -17.13 -54.74
N LEU E 95 -0.13 -16.51 -55.90
CA LEU E 95 0.09 -17.26 -57.13
C LEU E 95 1.55 -17.66 -57.29
N ARG E 96 2.48 -16.87 -56.76
CA ARG E 96 3.91 -17.17 -56.80
C ARG E 96 4.41 -17.32 -58.23
N VAL E 97 4.16 -16.30 -59.05
CA VAL E 97 4.53 -16.29 -60.45
C VAL E 97 5.32 -15.03 -60.75
N ASN E 98 5.89 -14.99 -61.94
CA ASN E 98 6.54 -13.79 -62.45
C ASN E 98 5.57 -13.07 -63.37
N PRO E 99 5.07 -11.89 -63.01
CA PRO E 99 3.98 -11.27 -63.79
C PRO E 99 4.40 -10.81 -65.18
N GLU E 100 5.64 -11.01 -65.58
CA GLU E 100 6.09 -10.61 -66.91
C GLU E 100 5.87 -11.69 -67.95
N GLN E 101 5.24 -12.81 -67.59
CA GLN E 101 5.08 -13.93 -68.50
C GLN E 101 3.63 -14.36 -68.66
N HIS E 102 2.67 -13.62 -68.12
CA HIS E 102 1.27 -14.01 -68.16
C HIS E 102 0.41 -12.84 -68.59
N ASN E 103 -0.73 -13.17 -69.20
CA ASN E 103 -1.77 -12.19 -69.48
C ASN E 103 -2.68 -12.04 -68.27
N VAL E 104 -3.17 -10.83 -68.06
CA VAL E 104 -3.99 -10.51 -66.89
C VAL E 104 -5.34 -9.98 -67.36
N LEU E 105 -6.41 -10.54 -66.81
CA LEU E 105 -7.77 -10.09 -67.07
C LEU E 105 -8.37 -9.55 -65.79
N LEU E 106 -8.86 -8.31 -65.85
CA LEU E 106 -9.42 -7.60 -64.69
C LEU E 106 -10.88 -7.29 -64.94
N THR E 107 -11.57 -6.88 -63.87
CA THR E 107 -12.99 -6.61 -63.90
C THR E 107 -13.27 -5.22 -63.32
N GLU E 108 -14.42 -4.67 -63.68
CA GLU E 108 -14.82 -3.35 -63.20
C GLU E 108 -16.33 -3.22 -63.26
N ALA E 109 -16.88 -2.36 -62.40
CA ALA E 109 -18.29 -2.04 -62.42
C ALA E 109 -18.61 -0.99 -63.49
N PRO E 110 -19.82 -1.02 -64.04
CA PRO E 110 -20.17 -0.05 -65.08
C PRO E 110 -20.33 1.37 -64.53
N MET E 111 -20.14 2.34 -65.43
CA MET E 111 -20.33 3.75 -65.14
C MET E 111 -19.38 4.26 -64.05
N ASN E 112 -18.17 3.74 -64.05
CA ASN E 112 -17.10 4.19 -63.16
C ASN E 112 -16.38 5.38 -63.76
N PRO E 113 -15.75 6.22 -62.93
CA PRO E 113 -14.96 7.33 -63.47
C PRO E 113 -13.83 6.83 -64.35
N LYS E 114 -13.52 7.61 -65.39
CA LYS E 114 -12.52 7.19 -66.36
C LYS E 114 -11.13 7.15 -65.77
N GLN E 115 -10.85 8.00 -64.78
CA GLN E 115 -9.52 8.03 -64.18
C GLN E 115 -9.21 6.73 -63.45
N ASN E 116 -10.23 6.05 -62.93
CA ASN E 116 -10.01 4.78 -62.25
C ASN E 116 -9.43 3.74 -63.19
N ARG E 117 -9.95 3.68 -64.42
CA ARG E 117 -9.49 2.69 -65.39
C ARG E 117 -8.12 3.04 -65.95
N GLU E 118 -7.80 4.34 -66.05
CA GLU E 118 -6.53 4.75 -66.62
C GLU E 118 -5.37 4.50 -65.66
N LYS E 119 -5.55 4.79 -64.37
CA LYS E 119 -4.49 4.54 -63.41
C LYS E 119 -4.22 3.06 -63.23
N MET E 120 -5.26 2.24 -63.34
CA MET E 120 -5.08 0.80 -63.25
C MET E 120 -4.20 0.27 -64.38
N THR E 121 -4.39 0.78 -65.59
CA THR E 121 -3.59 0.34 -66.73
C THR E 121 -2.14 0.79 -66.59
N GLN E 122 -1.92 2.00 -66.09
CA GLN E 122 -0.57 2.53 -65.96
C GLN E 122 0.26 1.71 -64.98
N ILE E 123 -0.35 1.30 -63.87
CA ILE E 123 0.36 0.51 -62.88
C ILE E 123 0.71 -0.87 -63.42
N MET E 124 -0.21 -1.51 -64.11
CA MET E 124 0.02 -2.87 -64.60
C MET E 124 1.15 -2.90 -65.63
N PHE E 125 1.20 -1.92 -66.52
CA PHE E 125 2.20 -1.94 -67.58
C PHE E 125 3.57 -1.46 -67.10
N GLU E 126 3.60 -0.46 -66.22
CA GLU E 126 4.87 0.16 -65.86
C GLU E 126 5.49 -0.43 -64.60
N THR E 127 4.68 -0.76 -63.60
CA THR E 127 5.22 -1.32 -62.37
C THR E 127 5.45 -2.83 -62.47
N PHE E 128 4.50 -3.57 -63.02
CA PHE E 128 4.60 -5.02 -63.09
C PHE E 128 5.03 -5.55 -64.45
N ASN E 129 5.08 -4.69 -65.47
CA ASN E 129 5.56 -5.06 -66.80
C ASN E 129 4.80 -6.25 -67.38
N VAL E 130 3.48 -6.19 -67.31
CA VAL E 130 2.62 -7.23 -67.88
C VAL E 130 2.69 -7.16 -69.40
N PRO E 131 2.74 -8.28 -70.12
CA PRO E 131 2.74 -8.24 -71.58
C PRO E 131 1.45 -7.69 -72.20
N SER E 132 0.31 -8.27 -71.84
CA SER E 132 -0.97 -7.84 -72.40
C SER E 132 -2.02 -7.84 -71.30
N LEU E 133 -3.09 -7.05 -71.54
CA LEU E 133 -4.05 -6.71 -70.50
C LEU E 133 -5.45 -6.66 -71.10
N TYR E 134 -6.45 -6.86 -70.24
CA TYR E 134 -7.85 -6.68 -70.64
C TYR E 134 -8.70 -6.42 -69.40
N ILE E 135 -9.72 -5.58 -69.56
CA ILE E 135 -10.63 -5.22 -68.48
C ILE E 135 -12.07 -5.44 -68.96
N GLY E 136 -12.86 -6.15 -68.16
CA GLY E 136 -14.22 -6.49 -68.53
C GLY E 136 -15.24 -5.90 -67.57
N ILE E 137 -16.51 -6.04 -67.93
CA ILE E 137 -17.63 -5.62 -67.10
C ILE E 137 -18.18 -6.83 -66.36
N GLN E 138 -18.37 -6.67 -65.05
CA GLN E 138 -18.64 -7.82 -64.20
C GLN E 138 -19.94 -8.53 -64.57
N ALA E 139 -21.00 -7.77 -64.84
CA ALA E 139 -22.30 -8.39 -65.09
C ALA E 139 -22.30 -9.18 -66.40
N VAL E 140 -21.55 -8.72 -67.39
CA VAL E 140 -21.47 -9.47 -68.66
C VAL E 140 -20.79 -10.82 -68.44
N LEU E 141 -19.73 -10.85 -67.63
CA LEU E 141 -19.05 -12.10 -67.35
C LEU E 141 -19.92 -13.10 -66.59
N SER E 142 -20.93 -12.62 -65.87
CA SER E 142 -21.84 -13.54 -65.20
C SER E 142 -22.74 -14.28 -66.16
N LEU E 143 -23.08 -13.66 -67.30
CA LEU E 143 -23.89 -14.34 -68.31
C LEU E 143 -23.13 -15.46 -68.99
N TYR E 144 -21.80 -15.32 -69.14
CA TYR E 144 -21.01 -16.38 -69.75
C TYR E 144 -21.08 -17.66 -68.93
N SER E 145 -21.01 -17.53 -67.60
CA SER E 145 -21.02 -18.71 -66.74
C SER E 145 -22.35 -19.44 -66.77
N SER E 146 -23.44 -18.78 -67.17
CA SER E 146 -24.74 -19.43 -67.25
C SER E 146 -25.01 -20.03 -68.63
N GLY E 147 -24.15 -19.79 -69.61
CA GLY E 147 -24.36 -20.32 -70.94
C GLY E 147 -25.57 -19.77 -71.65
N ARG E 148 -25.81 -18.46 -71.56
CA ARG E 148 -26.95 -17.83 -72.21
C ARG E 148 -26.52 -16.49 -72.77
N THR E 149 -27.29 -16.00 -73.74
CA THR E 149 -27.03 -14.71 -74.36
C THR E 149 -28.18 -13.73 -74.20
N THR E 150 -29.22 -14.09 -73.45
CA THR E 150 -30.34 -13.20 -73.20
C THR E 150 -30.68 -13.22 -71.71
N GLY E 151 -30.89 -12.05 -71.14
CA GLY E 151 -31.33 -11.94 -69.76
C GLY E 151 -30.81 -10.66 -69.13
N ILE E 152 -31.30 -10.42 -67.92
CA ILE E 152 -30.91 -9.24 -67.14
C ILE E 152 -30.27 -9.72 -65.85
N VAL E 153 -29.09 -9.16 -65.55
CA VAL E 153 -28.26 -9.60 -64.43
C VAL E 153 -28.35 -8.58 -63.31
N LEU E 154 -28.64 -9.06 -62.09
CA LEU E 154 -28.60 -8.25 -60.89
C LEU E 154 -27.38 -8.68 -60.08
N ASP E 155 -26.40 -7.78 -59.96
CA ASP E 155 -25.16 -8.05 -59.25
C ASP E 155 -25.05 -7.14 -58.04
N ALA E 156 -24.85 -7.75 -56.86
CA ALA E 156 -24.74 -7.01 -55.61
C ALA E 156 -23.60 -7.60 -54.81
N GLY E 157 -22.52 -6.83 -54.63
CA GLY E 157 -21.38 -7.29 -53.88
C GLY E 157 -21.22 -6.62 -52.53
N ASP E 158 -20.09 -5.96 -52.33
CA ASP E 158 -19.82 -5.26 -51.09
C ASP E 158 -20.01 -3.76 -51.19
N GLY E 159 -19.85 -3.17 -52.37
CA GLY E 159 -19.99 -1.73 -52.50
C GLY E 159 -21.03 -1.22 -53.49
N VAL E 160 -21.32 -1.98 -54.55
CA VAL E 160 -22.16 -1.50 -55.64
C VAL E 160 -23.20 -2.55 -55.97
N THR E 161 -24.37 -2.08 -56.40
CA THR E 161 -25.41 -2.91 -57.01
C THR E 161 -25.71 -2.34 -58.40
N HIS E 162 -25.74 -3.19 -59.41
CA HIS E 162 -26.06 -2.75 -60.77
C HIS E 162 -26.86 -3.82 -61.51
N THR E 163 -27.61 -3.38 -62.51
CA THR E 163 -28.39 -4.25 -63.38
C THR E 163 -28.02 -3.98 -64.84
N VAL E 164 -27.79 -5.03 -65.60
CA VAL E 164 -27.43 -4.90 -67.02
C VAL E 164 -28.25 -5.86 -67.88
N PRO E 165 -29.11 -5.35 -68.77
CA PRO E 165 -29.85 -6.23 -69.68
C PRO E 165 -29.14 -6.46 -71.01
N ILE E 166 -29.26 -7.68 -71.52
CA ILE E 166 -28.64 -8.09 -72.78
C ILE E 166 -29.63 -8.94 -73.57
N TYR E 167 -29.73 -8.68 -74.87
CA TYR E 167 -30.66 -9.41 -75.74
C TYR E 167 -29.90 -9.91 -76.96
N GLU E 168 -29.86 -11.24 -77.12
CA GLU E 168 -29.25 -11.89 -78.28
C GLU E 168 -27.78 -11.51 -78.43
N GLY E 169 -27.11 -11.21 -77.33
CA GLY E 169 -25.73 -10.79 -77.37
C GLY E 169 -25.50 -9.32 -77.65
N TYR E 170 -26.56 -8.53 -77.76
CA TYR E 170 -26.45 -7.09 -78.00
C TYR E 170 -26.64 -6.31 -76.71
N SER E 171 -25.81 -5.31 -76.50
CA SER E 171 -25.91 -4.46 -75.33
C SER E 171 -27.03 -3.44 -75.48
N LEU E 172 -27.56 -3.01 -74.35
CA LEU E 172 -28.64 -2.01 -74.29
C LEU E 172 -28.16 -0.92 -73.34
N PRO E 173 -27.29 -0.02 -73.83
CA PRO E 173 -26.56 0.87 -72.91
C PRO E 173 -27.42 1.83 -72.12
N HIS E 174 -28.62 2.15 -72.59
CA HIS E 174 -29.45 3.18 -71.97
C HIS E 174 -30.36 2.62 -70.89
N ALA E 175 -30.22 1.33 -70.55
CA ALA E 175 -31.02 0.73 -69.49
C ALA E 175 -30.18 0.25 -68.32
N VAL E 176 -28.92 0.64 -68.24
CA VAL E 176 -28.04 0.24 -67.15
C VAL E 176 -28.29 1.13 -65.95
N ARG E 177 -28.39 0.51 -64.77
CA ARG E 177 -28.61 1.24 -63.52
C ARG E 177 -27.55 0.85 -62.50
N ARG E 178 -27.32 1.75 -61.54
CA ARG E 178 -26.31 1.60 -60.51
C ARG E 178 -26.74 2.42 -59.29
N VAL E 179 -26.53 1.86 -58.09
CA VAL E 179 -27.10 2.48 -56.90
C VAL E 179 -26.06 2.85 -55.84
N ASP E 180 -24.94 2.12 -55.78
CA ASP E 180 -23.91 2.35 -54.77
C ASP E 180 -24.44 2.11 -53.35
N MET E 181 -24.94 0.90 -53.13
CA MET E 181 -25.43 0.49 -51.81
C MET E 181 -25.45 -1.02 -51.80
N ALA E 182 -24.64 -1.62 -50.93
CA ALA E 182 -24.41 -3.07 -50.96
C ALA E 182 -24.11 -3.52 -49.53
N GLY E 183 -23.44 -4.67 -49.41
CA GLY E 183 -23.30 -5.34 -48.13
C GLY E 183 -22.61 -4.54 -47.06
N ARG E 184 -21.65 -3.69 -47.43
CA ARG E 184 -20.94 -2.92 -46.41
C ARG E 184 -21.87 -1.94 -45.70
N ASP E 185 -22.87 -1.41 -46.41
CA ASP E 185 -23.89 -0.59 -45.78
C ASP E 185 -24.84 -1.41 -44.92
N LEU E 186 -25.02 -2.70 -45.23
CA LEU E 186 -25.80 -3.57 -44.38
C LEU E 186 -25.11 -3.85 -43.05
N THR E 187 -23.77 -3.94 -43.06
CA THR E 187 -23.04 -4.16 -41.83
C THR E 187 -23.15 -2.96 -40.89
N GLU E 188 -23.11 -1.74 -41.44
CA GLU E 188 -23.21 -0.56 -40.61
C GLU E 188 -24.59 -0.40 -40.01
N TYR E 189 -25.64 -0.78 -40.75
CA TYR E 189 -26.99 -0.70 -40.22
C TYR E 189 -27.22 -1.72 -39.11
N LEU E 190 -26.67 -2.92 -39.25
CA LEU E 190 -26.80 -3.92 -38.21
C LEU E 190 -26.06 -3.49 -36.94
N MET E 191 -24.92 -2.86 -37.10
CA MET E 191 -24.15 -2.39 -35.95
C MET E 191 -24.88 -1.28 -35.20
N LYS E 192 -25.73 -0.53 -35.88
CA LYS E 192 -26.46 0.56 -35.23
C LYS E 192 -27.69 0.05 -34.49
N ILE E 193 -28.51 -0.79 -35.14
CA ILE E 193 -29.70 -1.31 -34.49
C ILE E 193 -29.38 -2.37 -33.45
N MET E 194 -28.12 -2.81 -33.39
CA MET E 194 -27.68 -3.69 -32.32
C MET E 194 -27.55 -2.96 -30.99
N MET E 195 -27.45 -1.63 -31.01
CA MET E 195 -27.35 -0.85 -29.79
C MET E 195 -28.67 -0.77 -29.04
N GLU E 196 -29.78 -1.10 -29.68
CA GLU E 196 -31.07 -1.10 -28.99
C GLU E 196 -31.14 -2.18 -27.92
N THR E 197 -30.27 -3.19 -27.98
CA THR E 197 -30.23 -4.26 -26.99
C THR E 197 -29.03 -4.16 -26.07
N GLY E 198 -28.27 -3.07 -26.12
CA GLY E 198 -27.19 -2.87 -25.18
C GLY E 198 -25.83 -3.39 -25.60
N THR E 199 -25.57 -3.52 -26.90
CA THR E 199 -24.26 -3.93 -27.39
C THR E 199 -23.71 -2.85 -28.30
N THR E 200 -22.48 -2.42 -28.05
CA THR E 200 -21.87 -1.32 -28.79
C THR E 200 -20.52 -1.76 -29.34
N PHE E 201 -20.35 -1.65 -30.66
CA PHE E 201 -19.09 -1.91 -31.34
C PHE E 201 -18.69 -0.66 -32.09
N THR E 202 -17.41 -0.28 -32.00
CA THR E 202 -16.97 0.97 -32.61
C THR E 202 -15.70 0.84 -33.44
N THR E 203 -14.86 -0.14 -33.13
CA THR E 203 -13.57 -0.22 -33.81
C THR E 203 -13.71 -0.96 -35.15
N THR E 204 -12.67 -0.83 -35.98
CA THR E 204 -12.67 -1.54 -37.25
C THR E 204 -12.58 -3.04 -37.07
N ALA E 205 -11.84 -3.50 -36.05
CA ALA E 205 -11.77 -4.92 -35.76
C ALA E 205 -13.10 -5.47 -35.31
N GLU E 206 -13.85 -4.71 -34.51
CA GLU E 206 -15.17 -5.14 -34.08
C GLU E 206 -16.17 -5.17 -35.23
N LYS E 207 -15.92 -4.41 -36.30
CA LYS E 207 -16.79 -4.44 -37.46
C LYS E 207 -16.68 -5.77 -38.21
N GLU E 208 -15.52 -6.43 -38.13
CA GLU E 208 -15.38 -7.75 -38.74
C GLU E 208 -16.19 -8.79 -38.00
N ILE E 209 -16.40 -8.61 -36.69
CA ILE E 209 -17.25 -9.53 -35.94
C ILE E 209 -18.70 -9.38 -36.36
N VAL E 210 -19.15 -8.15 -36.59
CA VAL E 210 -20.52 -7.90 -37.01
C VAL E 210 -20.78 -8.50 -38.38
N ARG E 211 -19.78 -8.49 -39.27
CA ARG E 211 -19.95 -9.09 -40.58
C ARG E 211 -20.17 -10.60 -40.50
N ASN E 212 -19.52 -11.27 -39.54
CA ASN E 212 -19.75 -12.70 -39.35
C ASN E 212 -21.15 -12.99 -38.82
N VAL E 213 -21.71 -12.10 -38.01
CA VAL E 213 -23.07 -12.29 -37.52
C VAL E 213 -24.07 -12.17 -38.65
N LYS E 214 -23.81 -11.27 -39.59
CA LYS E 214 -24.71 -11.09 -40.73
C LYS E 214 -24.75 -12.33 -41.61
N GLU E 215 -23.59 -12.95 -41.85
CA GLU E 215 -23.50 -14.08 -42.76
C GLU E 215 -23.96 -15.40 -42.15
N GLN E 216 -24.31 -15.43 -40.88
CA GLN E 216 -24.73 -16.68 -40.25
C GLN E 216 -26.15 -16.65 -39.70
N LEU E 217 -26.67 -15.49 -39.28
CA LEU E 217 -27.95 -15.44 -38.61
C LEU E 217 -29.03 -14.65 -39.34
N CYS E 218 -28.67 -13.83 -40.32
CA CYS E 218 -29.65 -12.98 -40.99
C CYS E 218 -30.33 -13.72 -42.14
N TYR E 219 -31.62 -13.44 -42.33
CA TYR E 219 -32.41 -14.07 -43.37
C TYR E 219 -33.51 -13.10 -43.80
N VAL E 220 -34.05 -13.35 -44.98
CA VAL E 220 -35.10 -12.51 -45.55
C VAL E 220 -36.46 -13.04 -45.12
N ALA E 221 -37.29 -12.16 -44.60
CA ALA E 221 -38.65 -12.52 -44.20
C ALA E 221 -39.58 -12.47 -45.40
N LEU E 222 -40.37 -13.53 -45.58
CA LEU E 222 -41.30 -13.58 -46.71
C LEU E 222 -42.38 -12.52 -46.59
N ASP E 223 -42.90 -12.31 -45.38
CA ASP E 223 -43.88 -11.26 -45.10
C ASP E 223 -43.34 -10.43 -43.95
N PHE E 224 -42.89 -9.22 -44.25
CA PHE E 224 -42.18 -8.43 -43.24
C PHE E 224 -43.10 -7.95 -42.14
N GLU E 225 -44.28 -7.44 -42.49
CA GLU E 225 -45.18 -6.87 -41.50
C GLU E 225 -45.68 -7.93 -40.52
N GLU E 226 -46.01 -9.12 -41.03
CA GLU E 226 -46.44 -10.20 -40.14
C GLU E 226 -45.29 -10.66 -39.26
N GLU E 227 -44.07 -10.70 -39.81
CA GLU E 227 -42.93 -11.18 -39.04
C GLU E 227 -42.65 -10.28 -37.85
N MET E 228 -42.79 -8.96 -38.02
CA MET E 228 -42.58 -8.04 -36.91
C MET E 228 -43.62 -8.27 -35.82
N THR E 229 -44.87 -8.49 -36.19
CA THR E 229 -45.93 -8.69 -35.21
C THR E 229 -45.70 -9.97 -34.40
N ASN E 230 -45.28 -11.05 -35.07
CA ASN E 230 -45.06 -12.30 -34.36
C ASN E 230 -43.92 -12.18 -33.35
N SER E 231 -42.83 -11.51 -33.73
CA SER E 231 -41.71 -11.36 -32.82
C SER E 231 -42.00 -10.40 -31.68
N ALA E 232 -42.99 -9.53 -31.84
CA ALA E 232 -43.34 -8.62 -30.76
C ALA E 232 -43.94 -9.37 -29.56
N LYS E 233 -44.60 -10.48 -29.82
CA LYS E 233 -45.23 -11.29 -28.77
C LYS E 233 -44.36 -12.45 -28.33
N SER E 234 -43.88 -13.27 -29.28
CA SER E 234 -43.02 -14.39 -28.92
C SER E 234 -41.67 -13.92 -28.38
N ALA E 235 -41.07 -12.93 -29.04
CA ALA E 235 -39.75 -12.40 -28.66
C ALA E 235 -38.71 -13.51 -28.62
N ASN E 236 -38.75 -14.41 -29.59
CA ASN E 236 -37.74 -15.46 -29.70
C ASN E 236 -36.40 -14.87 -30.08
N GLU E 237 -35.34 -15.39 -29.47
CA GLU E 237 -33.99 -14.88 -29.66
C GLU E 237 -33.02 -16.03 -29.89
N GLU E 238 -31.86 -15.69 -30.44
CA GLU E 238 -30.82 -16.65 -30.75
C GLU E 238 -29.50 -16.15 -30.19
N ALA E 239 -28.67 -17.09 -29.73
CA ALA E 239 -27.43 -16.78 -29.07
C ALA E 239 -26.25 -16.89 -30.03
N PHE E 240 -25.33 -15.93 -29.92
CA PHE E 240 -24.10 -15.91 -30.71
C PHE E 240 -22.92 -15.78 -29.76
N GLU E 241 -21.88 -16.55 -29.99
CA GLU E 241 -20.72 -16.58 -29.10
C GLU E 241 -19.63 -15.67 -29.65
N LEU E 242 -19.21 -14.70 -28.84
CA LEU E 242 -18.18 -13.75 -29.20
C LEU E 242 -16.79 -14.37 -29.06
N PRO E 243 -15.79 -13.76 -29.70
CA PRO E 243 -14.42 -14.33 -29.61
C PRO E 243 -13.89 -14.44 -28.20
N ASP E 244 -14.29 -13.57 -27.29
CA ASP E 244 -13.77 -13.59 -25.93
C ASP E 244 -14.52 -14.54 -25.01
N GLY E 245 -15.54 -15.22 -25.51
CA GLY E 245 -16.28 -16.20 -24.74
C GLY E 245 -17.64 -15.77 -24.27
N ASN E 246 -17.96 -14.47 -24.35
CA ASN E 246 -19.28 -14.02 -23.95
C ASN E 246 -20.32 -14.33 -25.03
N VAL E 247 -21.58 -14.24 -24.66
CA VAL E 247 -22.69 -14.63 -25.52
C VAL E 247 -23.59 -13.42 -25.75
N MET E 248 -23.93 -13.18 -27.03
CA MET E 248 -24.80 -12.10 -27.43
C MET E 248 -26.10 -12.66 -27.98
N MET E 249 -27.22 -12.06 -27.58
CA MET E 249 -28.54 -12.46 -28.03
C MET E 249 -29.01 -11.55 -29.16
N VAL E 250 -29.56 -12.16 -30.20
CA VAL E 250 -30.05 -11.43 -31.38
C VAL E 250 -31.54 -11.69 -31.53
N GLY E 251 -32.33 -10.62 -31.62
CA GLY E 251 -33.76 -10.73 -31.74
C GLY E 251 -34.28 -10.53 -33.13
N ASN E 252 -35.10 -9.49 -33.35
CA ASN E 252 -35.65 -9.23 -34.66
C ASN E 252 -34.67 -8.51 -35.58
N GLN E 253 -33.44 -8.28 -35.12
CA GLN E 253 -32.40 -7.75 -35.99
C GLN E 253 -32.03 -8.73 -37.09
N ARG E 254 -32.41 -10.00 -36.96
CA ARG E 254 -32.03 -11.00 -37.95
C ARG E 254 -32.69 -10.74 -39.30
N PHE E 255 -33.97 -10.36 -39.32
CA PHE E 255 -34.64 -10.10 -40.59
C PHE E 255 -34.79 -8.61 -40.90
N ARG E 256 -34.50 -7.72 -39.95
CA ARG E 256 -34.54 -6.30 -40.24
C ARG E 256 -33.31 -5.84 -41.02
N CYS E 257 -32.17 -6.49 -40.81
CA CYS E 257 -30.96 -6.08 -41.53
C CYS E 257 -31.07 -6.26 -43.03
N PRO E 258 -31.45 -7.43 -43.58
CA PRO E 258 -31.55 -7.55 -45.03
C PRO E 258 -32.77 -6.88 -45.64
N GLU E 259 -33.71 -6.39 -44.84
CA GLU E 259 -34.85 -5.65 -45.36
C GLU E 259 -34.46 -4.32 -45.99
N VAL E 260 -33.23 -3.86 -45.74
CA VAL E 260 -32.75 -2.62 -46.36
C VAL E 260 -32.71 -2.77 -47.88
N LEU E 261 -32.36 -3.96 -48.37
CA LEU E 261 -32.31 -4.19 -49.82
C LEU E 261 -33.67 -4.04 -50.47
N PHE E 262 -34.75 -4.09 -49.71
CA PHE E 262 -36.09 -3.93 -50.25
C PHE E 262 -36.73 -2.59 -49.93
N LYS E 263 -36.21 -1.84 -48.96
CA LYS E 263 -36.67 -0.47 -48.70
C LYS E 263 -35.49 0.35 -48.22
N PRO E 264 -34.77 0.98 -49.16
CA PRO E 264 -33.54 1.71 -48.78
C PRO E 264 -33.79 2.98 -47.98
N SER E 265 -35.03 3.36 -47.71
CA SER E 265 -35.29 4.53 -46.89
C SER E 265 -34.93 4.31 -45.42
N LEU E 266 -34.68 3.07 -45.01
CA LEU E 266 -34.27 2.80 -43.63
C LEU E 266 -32.89 3.38 -43.33
N ILE E 267 -32.05 3.56 -44.33
CA ILE E 267 -30.72 4.12 -44.16
C ILE E 267 -30.59 5.50 -44.78
N GLY E 268 -31.71 6.12 -45.15
CA GLY E 268 -31.71 7.49 -45.61
C GLY E 268 -31.80 7.68 -47.12
N LEU E 269 -31.66 6.61 -47.91
CA LEU E 269 -31.80 6.72 -49.36
C LEU E 269 -33.28 6.67 -49.71
N ASP E 270 -33.96 7.78 -49.44
CA ASP E 270 -35.41 7.86 -49.56
C ASP E 270 -35.91 7.74 -50.99
N GLU E 271 -35.04 7.88 -51.99
CA GLU E 271 -35.48 7.84 -53.38
C GLU E 271 -34.81 6.75 -54.20
N ALA E 272 -33.89 5.98 -53.63
CA ALA E 272 -33.34 4.84 -54.33
C ALA E 272 -34.41 3.75 -54.46
N PRO E 273 -34.47 3.07 -55.61
CA PRO E 273 -35.58 2.12 -55.85
C PRO E 273 -35.61 0.89 -54.95
N GLY E 274 -34.53 0.12 -54.92
CA GLY E 274 -34.56 -1.19 -54.30
C GLY E 274 -34.62 -2.31 -55.34
N PHE E 275 -34.39 -3.53 -54.86
CA PHE E 275 -34.19 -4.65 -55.78
C PHE E 275 -35.35 -4.89 -56.75
N PRO E 276 -36.61 -4.99 -56.30
CA PRO E 276 -37.68 -5.23 -57.28
C PRO E 276 -37.88 -4.08 -58.24
N GLU E 277 -37.78 -2.84 -57.76
CA GLU E 277 -38.00 -1.69 -58.64
C GLU E 277 -36.82 -1.44 -59.55
N MET E 278 -35.61 -1.80 -59.12
CA MET E 278 -34.44 -1.64 -59.97
C MET E 278 -34.53 -2.51 -61.22
N VAL E 279 -35.00 -3.75 -61.06
CA VAL E 279 -35.20 -4.63 -62.20
C VAL E 279 -36.36 -4.15 -63.06
N TYR E 280 -37.46 -3.74 -62.43
CA TYR E 280 -38.65 -3.32 -63.15
C TYR E 280 -38.38 -2.09 -64.01
N GLN E 281 -37.68 -1.10 -63.46
CA GLN E 281 -37.40 0.12 -64.22
C GLN E 281 -36.41 -0.14 -65.35
N SER E 282 -35.46 -1.06 -65.14
CA SER E 282 -34.48 -1.34 -66.17
C SER E 282 -35.10 -2.05 -67.37
N ILE E 283 -36.09 -2.90 -67.12
CA ILE E 283 -36.73 -3.65 -68.20
C ILE E 283 -37.59 -2.72 -69.06
N ASN E 284 -38.31 -1.79 -68.43
CA ASN E 284 -39.22 -0.91 -69.14
C ASN E 284 -38.51 0.20 -69.91
N LYS E 285 -37.19 0.15 -70.01
CA LYS E 285 -36.44 1.12 -70.80
C LYS E 285 -35.80 0.51 -72.03
N CYS E 286 -36.10 -0.75 -72.34
CA CYS E 286 -35.34 -1.45 -73.38
C CYS E 286 -36.03 -1.37 -74.75
N ASP E 287 -37.17 -2.05 -74.88
CA ASP E 287 -38.01 -2.02 -76.08
C ASP E 287 -39.21 -2.91 -75.83
N ILE E 288 -40.33 -2.64 -76.48
CA ILE E 288 -41.53 -3.41 -76.16
C ILE E 288 -41.39 -4.85 -76.65
N ASP E 289 -40.61 -5.08 -77.70
CA ASP E 289 -40.44 -6.40 -78.29
C ASP E 289 -39.37 -7.24 -77.60
N VAL E 290 -38.73 -6.71 -76.56
CA VAL E 290 -37.68 -7.42 -75.86
C VAL E 290 -38.09 -7.79 -74.43
N ARG E 291 -39.12 -7.16 -73.87
CA ARG E 291 -39.38 -7.24 -72.44
C ARG E 291 -39.79 -8.64 -72.01
N ARG E 292 -40.55 -9.36 -72.83
CA ARG E 292 -41.04 -10.67 -72.41
C ARG E 292 -39.90 -11.66 -72.21
N GLU E 293 -38.88 -11.62 -73.07
CA GLU E 293 -37.73 -12.49 -72.89
C GLU E 293 -36.90 -12.12 -71.67
N LEU E 294 -36.82 -10.82 -71.35
CA LEU E 294 -36.06 -10.41 -70.18
C LEU E 294 -36.71 -10.88 -68.89
N TYR E 295 -38.04 -10.83 -68.83
CA TYR E 295 -38.75 -11.30 -67.63
C TYR E 295 -38.50 -12.78 -67.39
N GLY E 296 -38.20 -13.55 -68.43
CA GLY E 296 -38.00 -14.97 -68.29
C GLY E 296 -36.63 -15.40 -67.84
N ASN E 297 -35.66 -14.49 -67.79
CA ASN E 297 -34.30 -14.84 -67.37
C ASN E 297 -33.74 -13.71 -66.52
N ILE E 298 -33.96 -13.79 -65.21
CA ILE E 298 -33.44 -12.84 -64.24
C ILE E 298 -32.38 -13.56 -63.42
N VAL E 299 -31.14 -13.10 -63.50
CA VAL E 299 -29.99 -13.81 -62.98
C VAL E 299 -29.44 -13.05 -61.78
N LEU E 300 -29.21 -13.78 -60.68
CA LEU E 300 -28.63 -13.22 -59.47
C LEU E 300 -27.15 -13.52 -59.39
N SER E 301 -26.38 -12.54 -58.95
CA SER E 301 -24.93 -12.69 -58.84
C SER E 301 -24.44 -11.87 -57.66
N GLY E 302 -23.35 -12.32 -57.05
CA GLY E 302 -22.73 -11.60 -55.97
C GLY E 302 -23.03 -12.18 -54.60
N GLY E 303 -22.19 -11.81 -53.63
CA GLY E 303 -22.33 -12.32 -52.28
C GLY E 303 -23.47 -11.73 -51.47
N SER E 304 -23.93 -10.55 -51.83
CA SER E 304 -25.05 -9.94 -51.11
C SER E 304 -26.40 -10.51 -51.53
N THR E 305 -26.43 -11.45 -52.47
CA THR E 305 -27.66 -12.15 -52.83
C THR E 305 -27.77 -13.51 -52.17
N MET E 306 -26.91 -13.82 -51.20
CA MET E 306 -26.84 -15.14 -50.61
C MET E 306 -27.72 -15.32 -49.37
N PHE E 307 -28.54 -14.33 -49.02
CA PHE E 307 -29.43 -14.48 -47.89
C PHE E 307 -30.47 -15.55 -48.17
N LEU E 308 -30.90 -16.22 -47.10
CA LEU E 308 -31.96 -17.20 -47.22
C LEU E 308 -33.28 -16.53 -47.54
N ASN E 309 -34.05 -17.14 -48.45
CA ASN E 309 -35.35 -16.71 -48.95
C ASN E 309 -35.30 -15.51 -49.87
N LEU E 310 -34.12 -15.00 -50.21
CA LEU E 310 -34.05 -13.84 -51.09
C LEU E 310 -34.59 -14.12 -52.50
N PRO E 311 -34.23 -15.21 -53.18
CA PRO E 311 -34.81 -15.45 -54.50
C PRO E 311 -36.32 -15.59 -54.50
N GLU E 312 -36.90 -16.18 -53.45
CA GLU E 312 -38.35 -16.37 -53.41
C GLU E 312 -39.08 -15.05 -53.18
N ARG E 313 -38.56 -14.21 -52.29
CA ARG E 313 -39.16 -12.91 -52.03
C ARG E 313 -39.07 -12.01 -53.26
N LEU E 314 -37.94 -12.07 -53.98
CA LEU E 314 -37.77 -11.23 -55.16
C LEU E 314 -38.77 -11.60 -56.25
N ALA E 315 -39.02 -12.89 -56.46
CA ALA E 315 -39.94 -13.32 -57.50
C ALA E 315 -41.35 -12.84 -57.20
N LYS E 316 -41.78 -12.92 -55.94
CA LYS E 316 -43.13 -12.50 -55.58
C LYS E 316 -43.32 -11.00 -55.77
N GLU E 317 -42.32 -10.20 -55.42
CA GLU E 317 -42.45 -8.74 -55.53
C GLU E 317 -42.53 -8.29 -56.98
N ILE E 318 -41.76 -8.93 -57.87
CA ILE E 318 -41.80 -8.55 -59.27
C ILE E 318 -43.14 -8.91 -59.89
N SER E 319 -43.71 -10.05 -59.50
CA SER E 319 -45.00 -10.46 -60.04
C SER E 319 -46.11 -9.47 -59.70
N ASN E 320 -45.97 -8.70 -58.63
CA ASN E 320 -46.96 -7.68 -58.31
C ASN E 320 -46.79 -6.42 -59.14
N LEU E 321 -45.67 -6.26 -59.84
CA LEU E 321 -45.43 -5.09 -60.68
C LEU E 321 -45.69 -5.35 -62.16
N ALA E 322 -45.42 -6.56 -62.64
CA ALA E 322 -45.59 -6.91 -64.03
C ALA E 322 -47.07 -7.11 -64.37
N PRO E 323 -47.42 -7.07 -65.65
CA PRO E 323 -48.80 -7.35 -66.06
C PRO E 323 -49.17 -8.81 -65.81
N SER E 324 -50.48 -9.07 -65.87
CA SER E 324 -51.03 -10.34 -65.40
C SER E 324 -50.58 -11.52 -66.25
N SER E 325 -50.29 -11.31 -67.53
CA SER E 325 -49.93 -12.41 -68.42
C SER E 325 -48.45 -12.75 -68.36
N ILE E 326 -47.66 -12.05 -67.54
CA ILE E 326 -46.22 -12.26 -67.44
C ILE E 326 -45.93 -13.15 -66.24
N LYS E 327 -45.07 -14.15 -66.43
CA LYS E 327 -44.63 -15.04 -65.35
C LYS E 327 -43.12 -14.86 -65.19
N PRO E 328 -42.68 -13.99 -64.29
CA PRO E 328 -41.23 -13.80 -64.09
C PRO E 328 -40.58 -15.05 -63.52
N LYS E 329 -39.33 -15.27 -63.92
CA LYS E 329 -38.55 -16.40 -63.45
C LYS E 329 -37.18 -15.93 -63.01
N VAL E 330 -36.82 -16.26 -61.77
CA VAL E 330 -35.54 -15.86 -61.18
C VAL E 330 -34.63 -17.07 -61.12
N VAL E 331 -33.42 -16.92 -61.65
CA VAL E 331 -32.42 -17.98 -61.66
C VAL E 331 -31.34 -17.62 -60.64
N ALA E 332 -31.15 -18.50 -59.65
CA ALA E 332 -30.19 -18.27 -58.57
C ALA E 332 -29.29 -19.49 -58.42
N PRO E 333 -28.15 -19.51 -59.10
CA PRO E 333 -27.26 -20.66 -59.00
C PRO E 333 -26.75 -20.82 -57.58
N PRO E 334 -26.53 -22.06 -57.13
CA PRO E 334 -26.00 -22.27 -55.78
C PRO E 334 -24.58 -21.75 -55.60
N GLU E 335 -23.85 -21.50 -56.68
CA GLU E 335 -22.47 -21.04 -56.62
C GLU E 335 -22.31 -19.65 -57.20
N ARG E 336 -23.33 -18.80 -57.04
CA ARG E 336 -23.34 -17.50 -57.70
C ARG E 336 -22.38 -16.51 -57.08
N LYS E 337 -21.75 -16.84 -55.95
CA LYS E 337 -20.73 -15.97 -55.40
C LYS E 337 -19.48 -15.90 -56.28
N TYR E 338 -19.27 -16.89 -57.15
CA TYR E 338 -18.09 -16.93 -58.01
C TYR E 338 -18.43 -16.84 -59.49
N SER E 339 -19.61 -16.33 -59.83
CA SER E 339 -20.03 -16.29 -61.22
C SER E 339 -19.13 -15.40 -62.07
N VAL E 340 -18.73 -14.25 -61.53
CA VAL E 340 -17.91 -13.33 -62.31
C VAL E 340 -16.55 -13.94 -62.62
N TRP E 341 -15.94 -14.61 -61.63
CA TRP E 341 -14.64 -15.25 -61.88
C TRP E 341 -14.76 -16.39 -62.87
N ILE E 342 -15.81 -17.20 -62.75
CA ILE E 342 -15.97 -18.36 -63.61
C ILE E 342 -16.18 -17.92 -65.06
N GLY E 343 -17.02 -16.90 -65.26
CA GLY E 343 -17.26 -16.41 -66.61
C GLY E 343 -16.01 -15.84 -67.26
N GLY E 344 -15.18 -15.15 -66.47
CA GLY E 344 -13.92 -14.65 -66.99
C GLY E 344 -12.95 -15.75 -67.38
N SER E 345 -12.99 -16.86 -66.65
CA SER E 345 -12.16 -18.01 -67.02
C SER E 345 -12.61 -18.61 -68.34
N ILE E 346 -13.92 -18.67 -68.58
CA ILE E 346 -14.43 -19.19 -69.84
C ILE E 346 -14.06 -18.28 -71.00
N LEU E 347 -14.28 -16.97 -70.82
CA LEU E 347 -14.07 -16.03 -71.92
C LEU E 347 -12.62 -15.99 -72.37
N SER E 348 -11.68 -16.01 -71.41
CA SER E 348 -10.27 -15.94 -71.77
C SER E 348 -9.76 -17.22 -72.41
N SER E 349 -10.52 -18.32 -72.36
CA SER E 349 -10.10 -19.57 -72.99
C SER E 349 -10.55 -19.68 -74.44
N LEU E 350 -11.38 -18.76 -74.94
CA LEU E 350 -11.87 -18.85 -76.30
C LEU E 350 -10.78 -18.50 -77.29
N THR E 351 -10.78 -19.18 -78.44
CA THR E 351 -9.77 -18.94 -79.46
C THR E 351 -9.99 -17.61 -80.17
N THR E 352 -11.23 -17.15 -80.25
CA THR E 352 -11.55 -15.88 -80.87
C THR E 352 -11.16 -14.69 -80.02
N PHE E 353 -10.88 -14.90 -78.73
CA PHE E 353 -10.51 -13.82 -77.82
C PHE E 353 -9.05 -13.42 -77.93
N GLN E 354 -8.22 -14.23 -78.60
CA GLN E 354 -6.78 -14.00 -78.60
C GLN E 354 -6.40 -12.70 -79.29
N THR E 355 -7.27 -12.11 -80.09
CA THR E 355 -7.00 -10.82 -80.70
C THR E 355 -7.48 -9.64 -79.87
N MET E 356 -8.18 -9.89 -78.76
CA MET E 356 -8.76 -8.83 -77.95
C MET E 356 -7.81 -8.31 -76.88
N TRP E 357 -6.67 -8.96 -76.67
CA TRP E 357 -5.71 -8.49 -75.66
C TRP E 357 -5.13 -7.15 -76.07
N VAL E 358 -4.95 -6.27 -75.10
CA VAL E 358 -4.29 -4.98 -75.32
C VAL E 358 -2.81 -5.17 -75.07
N LYS E 359 -2.01 -5.07 -76.13
CA LYS E 359 -0.58 -5.33 -76.01
C LYS E 359 0.15 -4.11 -75.45
N LYS E 360 1.34 -4.39 -74.89
CA LYS E 360 2.15 -3.33 -74.30
C LYS E 360 2.63 -2.34 -75.35
N SER E 361 2.92 -2.83 -76.56
CA SER E 361 3.42 -1.95 -77.62
C SER E 361 2.40 -0.89 -77.99
N GLU E 362 1.12 -1.26 -78.03
CA GLU E 362 0.07 -0.30 -78.35
C GLU E 362 -0.02 0.78 -77.27
N TYR E 363 0.13 0.40 -76.00
CA TYR E 363 0.10 1.37 -74.92
C TYR E 363 1.25 2.36 -75.01
N ASP E 364 2.40 1.92 -75.54
CA ASP E 364 3.56 2.79 -75.65
C ASP E 364 3.30 3.95 -76.60
N GLU E 365 2.48 3.74 -77.63
CA GLU E 365 2.20 4.78 -78.60
C GLU E 365 0.94 5.56 -78.25
N SER E 366 -0.21 4.87 -78.16
CA SER E 366 -1.46 5.56 -77.92
C SER E 366 -1.50 6.22 -76.55
N GLY E 367 -0.98 5.54 -75.53
CA GLY E 367 -1.03 6.05 -74.18
C GLY E 367 -2.10 5.37 -73.36
N PRO E 368 -2.34 5.87 -72.15
CA PRO E 368 -3.36 5.25 -71.29
C PRO E 368 -4.76 5.31 -71.85
N SER E 369 -5.05 6.22 -72.78
CA SER E 369 -6.39 6.37 -73.32
C SER E 369 -6.79 5.24 -74.25
N ILE E 370 -5.86 4.35 -74.62
CA ILE E 370 -6.19 3.24 -75.52
C ILE E 370 -7.20 2.30 -74.89
N VAL E 371 -7.23 2.25 -73.55
CA VAL E 371 -8.10 1.31 -72.86
C VAL E 371 -9.57 1.63 -73.10
N HIS E 372 -9.89 2.88 -73.38
CA HIS E 372 -11.29 3.25 -73.65
C HIS E 372 -11.72 2.80 -75.03
N ASN E 373 -10.84 2.89 -76.02
CA ASN E 373 -11.19 2.47 -77.38
C ASN E 373 -11.46 0.97 -77.44
N LYS E 374 -10.58 0.17 -76.85
CA LYS E 374 -10.80 -1.26 -76.74
C LYS E 374 -11.59 -1.54 -75.46
N CYS E 375 -11.67 -2.81 -75.07
CA CYS E 375 -12.35 -3.22 -73.85
C CYS E 375 -13.79 -2.73 -73.84
N PHE E 376 -14.50 -3.01 -74.93
CA PHE E 376 -15.90 -2.62 -75.05
C PHE E 376 -16.83 -3.80 -74.81
#